data_5VYE
#
_entry.id   5VYE
#
_cell.length_a   198.167
_cell.length_b   186.960
_cell.length_c   53.269
_cell.angle_alpha   90.00
_cell.angle_beta   98.92
_cell.angle_gamma   90.00
#
_symmetry.space_group_name_H-M   'C 1 2 1'
#
loop_
_entity.id
_entity.type
_entity.pdbx_description
1 polymer 'L-threonine aldolase'
2 non-polymer '(5-HYDROXY-4,6-DIMETHYLPYRIDIN-3-YL)METHYL DIHYDROGEN PHOSPHATE'
3 non-polymer GLYCEROL
4 water water
#
_entity_poly.entity_id   1
_entity_poly.type   'polypeptide(L)'
_entity_poly.pdbx_seq_one_letter_code
;MTDKSQQFASDNYSGICPEAWAAMEKANHGHDRAYGDDQWTERASEYFRNLFETDCEVFFAFNGTAANSLALASLCQSYH
SVICSETAHVETDECGAPEFFSNGSKLLTAASVNGKLTPQSIREVALKRQDIHYPKPRVVTITQATEVGTVYRPDELKAI
SATCKELGLNLHMDGARFTNACAFLGCSPAELTWKAGVDVLCFGGTKNGMAVGEAILFFNRQLAEDFDYRCKQAGQLASK
MRFLSAPWVGLLEDGAWLRHGNHANHCAQLLALLVSDLPGVELMFPVEANGVFLQMPEHAIEALRAKGWRFYTFIGSGGA
RFMCSWDTEEERVRELAADIRSIITA
;
_entity_poly.pdbx_strand_id   A,B,C,D
#
# COMPACT_ATOMS: atom_id res chain seq x y z
N LYS A 4 -28.58 14.71 -32.38
CA LYS A 4 -29.61 14.63 -31.34
C LYS A 4 -29.13 13.76 -30.17
N SER A 5 -27.79 13.60 -30.07
CA SER A 5 -27.14 12.79 -29.03
C SER A 5 -27.29 13.51 -27.69
N GLN A 6 -28.44 13.29 -27.05
CA GLN A 6 -28.82 14.01 -25.83
C GLN A 6 -29.61 13.09 -24.92
N GLN A 7 -29.04 12.78 -23.76
CA GLN A 7 -29.57 11.68 -22.93
C GLN A 7 -29.65 12.11 -21.47
N PHE A 8 -30.19 11.20 -20.65
CA PHE A 8 -30.47 11.43 -19.23
C PHE A 8 -29.83 10.36 -18.38
N ALA A 9 -28.74 9.77 -18.86
CA ALA A 9 -28.04 8.73 -18.11
C ALA A 9 -27.14 9.32 -17.02
N SER A 10 -26.45 10.43 -17.30
CA SER A 10 -25.44 10.92 -16.36
C SER A 10 -24.98 12.32 -16.76
N ASP A 11 -24.87 13.22 -15.77
CA ASP A 11 -24.21 14.47 -16.13
C ASP A 11 -22.71 14.33 -16.41
N ASN A 12 -22.17 13.11 -16.37
CA ASN A 12 -20.81 12.86 -16.83
C ASN A 12 -20.71 12.75 -18.33
N TYR A 13 -21.82 12.70 -19.06
CA TYR A 13 -21.79 12.61 -20.51
C TYR A 13 -21.84 13.97 -21.17
N SER A 14 -22.01 15.03 -20.38
CA SER A 14 -22.10 16.38 -20.90
C SER A 14 -20.75 16.80 -21.46
N GLY A 15 -20.78 17.89 -22.23
CA GLY A 15 -19.60 18.34 -22.93
C GLY A 15 -18.86 19.40 -22.14
N ILE A 16 -17.89 20.01 -22.80
CA ILE A 16 -17.20 21.17 -22.24
C ILE A 16 -18.03 22.41 -22.52
N CYS A 17 -18.30 23.19 -21.49
CA CYS A 17 -19.09 24.39 -21.66
C CYS A 17 -18.28 25.52 -22.28
N PRO A 18 -18.95 26.56 -22.79
CA PRO A 18 -18.23 27.62 -23.53
C PRO A 18 -17.26 28.39 -22.67
N GLU A 19 -17.55 28.58 -21.39
CA GLU A 19 -16.67 29.36 -20.54
C GLU A 19 -15.41 28.55 -20.20
N ALA A 20 -15.56 27.23 -19.99
CA ALA A 20 -14.39 26.36 -19.87
C ALA A 20 -13.62 26.32 -21.18
N TRP A 21 -14.33 26.14 -22.29
CA TRP A 21 -13.65 26.03 -23.58
C TRP A 21 -12.89 27.31 -23.90
N ALA A 22 -13.50 28.47 -23.62
CA ALA A 22 -12.87 29.75 -23.97
C ALA A 22 -11.65 30.01 -23.09
N ALA A 23 -11.76 29.63 -21.82
CA ALA A 23 -10.65 29.76 -20.90
C ALA A 23 -9.47 28.87 -21.28
N MET A 24 -9.73 27.62 -21.70
CA MET A 24 -8.64 26.75 -22.17
C MET A 24 -7.96 27.34 -23.39
N GLU A 25 -8.77 27.94 -24.28
CA GLU A 25 -8.24 28.57 -25.48
C GLU A 25 -7.31 29.72 -25.14
N LYS A 26 -7.71 30.57 -24.21
CA LYS A 26 -6.81 31.63 -23.82
C LYS A 26 -5.55 31.08 -23.19
N ALA A 27 -5.67 30.00 -22.40
CA ALA A 27 -4.48 29.44 -21.75
C ALA A 27 -3.55 28.77 -22.75
N ASN A 28 -4.02 28.46 -23.95
CA ASN A 28 -3.15 27.85 -24.94
C ASN A 28 -2.39 28.89 -25.77
N HIS A 29 -1.85 29.95 -25.19
CA HIS A 29 -1.02 30.90 -25.93
C HIS A 29 0.26 31.18 -25.14
N GLY A 30 1.26 30.34 -25.41
CA GLY A 30 2.65 30.52 -25.05
C GLY A 30 3.24 29.24 -24.45
N HIS A 31 4.36 29.43 -23.76
CA HIS A 31 4.90 28.50 -22.80
C HIS A 31 4.57 29.01 -21.40
N ASP A 32 4.42 28.08 -20.45
CA ASP A 32 4.29 28.50 -19.05
C ASP A 32 4.82 27.38 -18.16
N ARG A 33 5.35 27.75 -16.99
CA ARG A 33 5.94 26.76 -16.10
C ARG A 33 4.89 25.76 -15.61
N ALA A 34 5.35 24.53 -15.32
CA ALA A 34 4.50 23.35 -15.11
C ALA A 34 4.17 23.14 -13.64
N TYR A 35 3.30 22.16 -13.40
CA TYR A 35 3.06 21.58 -12.09
C TYR A 35 2.44 22.60 -11.10
N GLY A 36 1.77 23.65 -11.60
CA GLY A 36 1.07 24.61 -10.78
C GLY A 36 1.70 25.99 -10.71
N ASP A 37 2.92 26.17 -11.22
CA ASP A 37 3.68 27.41 -11.06
C ASP A 37 3.35 28.37 -12.21
N ASP A 38 2.14 28.92 -12.14
CA ASP A 38 1.47 29.34 -13.36
C ASP A 38 0.49 30.48 -13.06
N GLN A 39 0.27 31.36 -14.06
CA GLN A 39 -0.64 32.49 -13.86
C GLN A 39 -2.10 32.03 -13.78
N TRP A 40 -2.49 31.02 -14.57
CA TRP A 40 -3.87 30.53 -14.54
C TRP A 40 -4.19 29.85 -13.21
N THR A 41 -3.24 29.08 -12.68
CA THR A 41 -3.44 28.37 -11.43
C THR A 41 -3.53 29.35 -10.25
N GLU A 42 -2.78 30.45 -10.31
CA GLU A 42 -2.88 31.42 -9.22
C GLU A 42 -4.17 32.23 -9.35
N ARG A 43 -4.57 32.55 -10.59
CA ARG A 43 -5.84 33.25 -10.77
C ARG A 43 -6.99 32.39 -10.30
N ALA A 44 -7.00 31.11 -10.68
CA ALA A 44 -8.05 30.20 -10.22
C ALA A 44 -8.10 30.20 -8.71
N SER A 45 -6.92 30.21 -8.08
CA SER A 45 -6.90 30.05 -6.64
C SER A 45 -7.47 31.29 -5.96
N GLU A 46 -7.18 32.44 -6.54
CA GLU A 46 -7.70 33.70 -6.04
C GLU A 46 -9.22 33.76 -6.19
N TYR A 47 -9.75 33.26 -7.32
CA TYR A 47 -11.20 33.17 -7.48
C TYR A 47 -11.79 32.25 -6.43
N PHE A 48 -11.15 31.11 -6.17
CA PHE A 48 -11.66 30.23 -5.14
C PHE A 48 -11.66 30.90 -3.78
N ARG A 49 -10.60 31.64 -3.46
CA ARG A 49 -10.53 32.27 -2.15
C ARG A 49 -11.59 33.36 -2.01
N ASN A 50 -11.77 34.20 -3.04
CA ASN A 50 -12.84 35.21 -3.02
C ASN A 50 -14.23 34.57 -2.94
N LEU A 51 -14.50 33.60 -3.80
CA LEU A 51 -15.80 32.90 -3.77
C LEU A 51 -16.13 32.32 -2.40
N PHE A 52 -15.15 31.68 -1.76
CA PHE A 52 -15.43 31.07 -0.46
C PHE A 52 -15.14 32.02 0.69
N GLU A 53 -14.72 33.25 0.37
CA GLU A 53 -14.56 34.28 1.40
C GLU A 53 -13.61 33.81 2.50
N THR A 54 -12.53 33.18 2.09
CA THR A 54 -11.54 32.73 3.06
C THR A 54 -10.29 32.36 2.31
N ASP A 55 -9.25 32.15 3.09
CA ASP A 55 -7.90 31.94 2.61
C ASP A 55 -7.56 30.46 2.38
N CYS A 56 -8.44 29.72 1.72
CA CYS A 56 -8.32 28.27 1.62
C CYS A 56 -7.16 27.90 0.72
N GLU A 57 -6.54 26.76 0.99
CA GLU A 57 -5.49 26.29 0.10
C GLU A 57 -6.12 25.39 -0.96
N VAL A 58 -5.65 25.57 -2.19
CA VAL A 58 -6.26 25.07 -3.41
C VAL A 58 -5.32 24.09 -4.12
N PHE A 59 -5.83 22.91 -4.45
CA PHE A 59 -5.17 21.93 -5.28
C PHE A 59 -6.10 21.47 -6.41
N PHE A 60 -5.49 20.95 -7.48
CA PHE A 60 -6.18 20.32 -8.59
C PHE A 60 -5.73 18.89 -8.77
N ALA A 61 -6.70 17.99 -8.97
CA ALA A 61 -6.46 16.59 -9.26
C ALA A 61 -7.19 16.28 -10.56
N PHE A 62 -6.97 15.06 -11.10
CA PHE A 62 -7.49 14.75 -12.43
C PHE A 62 -8.99 14.37 -12.37
N ASN A 63 -9.46 13.71 -11.32
CA ASN A 63 -10.86 13.30 -11.28
C ASN A 63 -11.30 13.18 -9.83
N GLY A 64 -12.58 12.85 -9.62
CA GLY A 64 -13.15 12.90 -8.29
C GLY A 64 -12.83 11.68 -7.47
N THR A 65 -12.66 10.53 -8.13
CA THR A 65 -12.24 9.34 -7.42
C THR A 65 -10.92 9.59 -6.71
N ALA A 66 -9.94 10.11 -7.46
CA ALA A 66 -8.65 10.43 -6.86
C ALA A 66 -8.76 11.59 -5.87
N ALA A 67 -9.54 12.62 -6.22
CA ALA A 67 -9.67 13.77 -5.31
C ALA A 67 -10.18 13.33 -3.94
N ASN A 68 -11.26 12.56 -3.90
CA ASN A 68 -11.76 12.11 -2.60
C ASN A 68 -10.79 11.15 -1.93
N SER A 69 -10.17 10.27 -2.70
CA SER A 69 -9.33 9.28 -2.07
C SER A 69 -8.10 9.94 -1.46
N LEU A 70 -7.55 10.95 -2.14
CA LEU A 70 -6.39 11.68 -1.63
C LEU A 70 -6.76 12.48 -0.38
N ALA A 71 -7.91 13.16 -0.45
CA ALA A 71 -8.37 14.00 0.65
C ALA A 71 -8.60 13.15 1.89
N LEU A 72 -9.30 12.04 1.74
CA LEU A 72 -9.50 11.14 2.88
C LEU A 72 -8.16 10.59 3.39
N ALA A 73 -7.22 10.30 2.49
CA ALA A 73 -5.97 9.70 2.95
C ALA A 73 -5.15 10.69 3.75
N SER A 74 -5.29 11.98 3.49
CA SER A 74 -4.54 12.98 4.26
C SER A 74 -5.19 13.27 5.59
N LEU A 75 -6.42 12.79 5.80
CA LEU A 75 -7.18 13.14 6.97
C LEU A 75 -7.12 12.09 8.09
N CYS A 76 -6.51 10.95 7.84
CA CYS A 76 -6.29 9.96 8.88
C CYS A 76 -5.27 8.94 8.39
N GLN A 77 -4.89 8.05 9.29
CA GLN A 77 -3.91 7.02 9.02
C GLN A 77 -4.62 5.79 8.54
N SER A 78 -3.83 4.86 7.99
CA SER A 78 -4.35 3.61 7.46
C SER A 78 -5.01 2.77 8.52
N TYR A 79 -4.54 2.89 9.76
CA TYR A 79 -5.11 2.11 10.85
C TYR A 79 -6.25 2.86 11.52
N HIS A 80 -6.72 3.96 10.90
CA HIS A 80 -7.91 4.68 11.30
C HIS A 80 -9.01 4.40 10.29
N SER A 81 -10.23 4.84 10.58
CA SER A 81 -11.33 4.58 9.66
C SER A 81 -12.10 5.87 9.32
N VAL A 82 -12.87 5.76 8.23
CA VAL A 82 -13.74 6.80 7.68
C VAL A 82 -15.21 6.40 7.79
N ILE A 83 -16.05 7.29 8.30
CA ILE A 83 -17.49 7.03 8.38
C ILE A 83 -18.16 7.64 7.17
N CYS A 84 -18.82 6.82 6.36
CA CYS A 84 -19.55 7.34 5.22
C CYS A 84 -21.00 6.84 5.23
N SER A 85 -21.77 7.25 4.24
CA SER A 85 -23.13 6.78 4.06
C SER A 85 -23.16 5.49 3.23
N GLU A 86 -24.33 4.86 3.21
CA GLU A 86 -24.48 3.61 2.49
C GLU A 86 -24.45 3.83 0.98
N THR A 87 -24.82 5.03 0.55
CA THR A 87 -24.85 5.41 -0.85
C THR A 87 -23.57 6.14 -1.30
N ALA A 88 -22.61 6.30 -0.39
CA ALA A 88 -21.42 7.10 -0.71
C ALA A 88 -20.71 6.58 -1.94
N HIS A 89 -20.38 7.50 -2.82
CA HIS A 89 -19.57 7.17 -3.97
C HIS A 89 -18.28 6.45 -3.56
N VAL A 90 -17.64 6.90 -2.49
CA VAL A 90 -16.37 6.28 -2.09
C VAL A 90 -16.60 4.85 -1.74
N GLU A 91 -17.83 4.48 -1.35
CA GLU A 91 -18.14 3.11 -0.95
C GLU A 91 -18.62 2.25 -2.11
N THR A 92 -19.35 2.84 -3.06
CA THR A 92 -20.05 2.11 -4.12
C THR A 92 -19.44 2.25 -5.52
N ASP A 93 -18.62 3.26 -5.79
CA ASP A 93 -18.35 3.63 -7.18
C ASP A 93 -16.89 3.84 -7.52
N GLU A 94 -15.94 3.44 -6.67
CA GLU A 94 -14.54 3.81 -6.88
C GLU A 94 -13.61 2.60 -6.93
N CYS A 95 -14.14 1.40 -7.15
CA CYS A 95 -13.35 0.17 -7.23
C CYS A 95 -12.30 0.10 -6.13
N GLY A 96 -12.69 0.46 -4.92
CA GLY A 96 -11.77 0.34 -3.82
C GLY A 96 -10.63 1.33 -3.80
N ALA A 97 -10.77 2.47 -4.47
CA ALA A 97 -9.71 3.46 -4.52
C ALA A 97 -9.43 4.03 -3.14
N PRO A 98 -10.44 4.35 -2.33
CA PRO A 98 -10.09 4.95 -1.02
C PRO A 98 -9.09 4.10 -0.25
N GLU A 99 -9.31 2.79 -0.28
CA GLU A 99 -8.52 1.83 0.49
C GLU A 99 -7.12 1.65 -0.09
N PHE A 100 -7.00 1.71 -1.42
CA PHE A 100 -5.72 1.73 -2.09
C PHE A 100 -4.92 2.97 -1.73
N PHE A 101 -5.56 4.15 -1.78
CA PHE A 101 -4.86 5.40 -1.57
C PHE A 101 -4.48 5.58 -0.11
N SER A 102 -5.27 5.02 0.81
CA SER A 102 -4.99 5.12 2.24
C SER A 102 -4.20 3.94 2.80
N ASN A 103 -3.95 2.89 1.99
CA ASN A 103 -3.22 1.67 2.38
C ASN A 103 -3.96 0.91 3.49
N GLY A 104 -5.30 0.90 3.42
CA GLY A 104 -6.10 0.09 4.30
C GLY A 104 -7.05 0.76 5.27
N SER A 105 -7.36 2.05 5.13
CA SER A 105 -8.31 2.65 6.05
C SER A 105 -9.68 2.04 5.78
N LYS A 106 -10.28 1.44 6.81
CA LYS A 106 -11.62 0.86 6.66
C LYS A 106 -12.69 1.95 6.46
N LEU A 107 -13.51 1.80 5.42
CA LEU A 107 -14.73 2.59 5.30
C LEU A 107 -15.87 1.90 6.07
N LEU A 108 -16.36 2.54 7.12
CA LEU A 108 -17.50 2.07 7.90
C LEU A 108 -18.77 2.84 7.50
N THR A 109 -19.80 2.13 7.07
CA THR A 109 -21.03 2.82 6.68
C THR A 109 -21.86 3.14 7.91
N ALA A 110 -22.57 4.25 7.85
CA ALA A 110 -23.53 4.64 8.88
C ALA A 110 -24.90 4.76 8.24
N ALA A 111 -25.91 4.60 9.09
CA ALA A 111 -27.30 4.62 8.62
C ALA A 111 -27.60 5.97 8.03
N SER A 112 -28.33 5.97 6.92
CA SER A 112 -28.64 7.21 6.24
C SER A 112 -30.10 7.24 5.82
N VAL A 113 -30.67 8.44 5.87
CA VAL A 113 -32.04 8.68 5.47
C VAL A 113 -32.04 9.79 4.41
N ASN A 114 -32.53 9.46 3.22
CA ASN A 114 -32.63 10.42 2.13
C ASN A 114 -31.24 10.74 1.59
N GLY A 115 -30.38 9.72 1.62
CA GLY A 115 -29.02 9.84 1.19
C GLY A 115 -28.11 10.49 2.20
N LYS A 116 -28.60 10.82 3.37
CA LYS A 116 -27.90 11.67 4.31
C LYS A 116 -27.53 10.94 5.60
N LEU A 117 -26.29 11.16 6.04
CA LEU A 117 -25.84 10.85 7.38
C LEU A 117 -26.49 11.80 8.37
N THR A 118 -26.59 11.36 9.61
CA THR A 118 -27.08 12.20 10.69
C THR A 118 -26.11 12.13 11.86
N PRO A 119 -26.15 13.13 12.73
CA PRO A 119 -25.33 13.06 13.94
C PRO A 119 -25.54 11.76 14.71
N GLN A 120 -26.77 11.24 14.73
CA GLN A 120 -27.04 10.02 15.46
C GLN A 120 -26.33 8.82 14.82
N SER A 121 -26.52 8.63 13.51
CA SER A 121 -25.94 7.48 12.83
C SER A 121 -24.40 7.52 12.82
N ILE A 122 -23.81 8.71 12.76
CA ILE A 122 -22.37 8.85 12.95
C ILE A 122 -21.99 8.38 14.33
N ARG A 123 -22.70 8.88 15.35
CA ARG A 123 -22.40 8.54 16.75
C ARG A 123 -22.57 7.05 16.98
N GLU A 124 -23.61 6.44 16.43
CA GLU A 124 -23.78 5.00 16.52
C GLU A 124 -22.50 4.26 16.10
N VAL A 125 -21.91 4.64 14.97
CA VAL A 125 -20.76 3.91 14.43
C VAL A 125 -19.51 4.20 15.26
N ALA A 126 -19.33 5.46 15.66
CA ALA A 126 -18.04 5.89 16.21
C ALA A 126 -17.80 5.33 17.61
N LEU A 127 -18.88 5.08 18.36
CA LEU A 127 -18.78 4.70 19.77
C LEU A 127 -18.85 3.19 19.96
N LYS A 128 -19.17 2.42 18.92
CA LYS A 128 -19.11 0.98 18.95
C LYS A 128 -17.81 0.43 18.38
N ARG A 129 -16.81 1.31 18.18
CA ARG A 129 -15.51 0.95 17.56
C ARG A 129 -14.37 1.60 18.37
N GLN A 130 -14.15 1.07 19.57
CA GLN A 130 -13.31 1.77 20.54
C GLN A 130 -12.09 1.00 21.04
N ASP A 131 -11.92 -0.27 20.71
CA ASP A 131 -10.72 -0.99 21.06
C ASP A 131 -9.96 -1.39 19.80
N ILE A 132 -8.75 -1.89 20.04
CA ILE A 132 -7.75 -2.08 19.02
C ILE A 132 -8.18 -3.08 17.94
N HIS A 133 -9.20 -3.87 18.23
CA HIS A 133 -9.82 -4.73 17.24
C HIS A 133 -10.39 -3.93 16.07
N TYR A 134 -10.96 -2.72 16.34
CA TYR A 134 -11.53 -1.90 15.27
C TYR A 134 -10.64 -0.73 14.92
N PRO A 135 -10.40 -0.47 13.64
CA PRO A 135 -9.80 0.81 13.26
C PRO A 135 -10.60 1.98 13.82
N LYS A 136 -9.92 2.88 14.48
CA LYS A 136 -10.58 3.97 15.19
C LYS A 136 -11.10 5.02 14.20
N PRO A 137 -12.38 5.41 14.29
CA PRO A 137 -12.89 6.45 13.38
C PRO A 137 -12.18 7.79 13.58
N ARG A 138 -11.83 8.41 12.47
CA ARG A 138 -11.15 9.70 12.51
C ARG A 138 -11.71 10.70 11.54
N VAL A 139 -12.52 10.29 10.55
CA VAL A 139 -13.05 11.19 9.54
C VAL A 139 -14.52 10.89 9.28
N VAL A 140 -15.27 11.93 8.93
CA VAL A 140 -16.61 11.77 8.37
C VAL A 140 -16.59 12.35 6.98
N THR A 141 -17.10 11.60 6.01
CA THR A 141 -17.35 12.12 4.69
C THR A 141 -18.86 12.21 4.41
N ILE A 142 -19.27 13.35 3.83
CA ILE A 142 -20.61 13.61 3.35
C ILE A 142 -20.52 14.07 1.91
N THR A 143 -21.56 13.75 1.12
CA THR A 143 -21.69 14.14 -0.28
C THR A 143 -22.73 15.25 -0.47
N GLN A 144 -22.40 16.27 -1.26
CA GLN A 144 -23.19 17.50 -1.36
C GLN A 144 -23.07 18.06 -2.77
N ALA A 145 -24.11 17.96 -3.60
CA ALA A 145 -25.33 17.20 -3.31
C ALA A 145 -25.08 15.70 -3.30
N THR A 146 -26.00 14.95 -2.68
CA THR A 146 -25.85 13.52 -2.48
C THR A 146 -26.09 12.76 -3.76
N GLU A 147 -25.84 11.45 -3.63
CA GLU A 147 -25.93 10.46 -4.70
C GLU A 147 -27.37 10.16 -5.12
N VAL A 148 -28.35 10.65 -4.37
CA VAL A 148 -29.75 10.44 -4.66
C VAL A 148 -30.45 11.77 -4.87
N GLY A 149 -29.67 12.80 -5.20
CA GLY A 149 -30.20 14.06 -5.62
C GLY A 149 -30.71 14.94 -4.50
N THR A 150 -30.38 14.66 -3.26
CA THR A 150 -30.77 15.50 -2.14
C THR A 150 -29.59 16.36 -1.65
N VAL A 151 -29.90 17.20 -0.68
CA VAL A 151 -29.03 18.28 -0.24
C VAL A 151 -29.02 18.34 1.29
N TYR A 152 -27.83 18.44 1.88
CA TYR A 152 -27.70 18.82 3.27
C TYR A 152 -28.01 20.30 3.43
N ARG A 153 -28.82 20.60 4.39
CA ARG A 153 -29.11 21.97 4.72
C ARG A 153 -28.04 22.54 5.63
N PRO A 154 -27.75 23.83 5.57
CA PRO A 154 -26.71 24.39 6.44
C PRO A 154 -26.86 23.96 7.87
N ASP A 155 -28.08 23.70 8.33
CA ASP A 155 -28.26 23.37 9.74
C ASP A 155 -27.99 21.91 9.99
N GLU A 156 -28.26 21.07 8.99
CA GLU A 156 -27.86 19.68 9.05
C GLU A 156 -26.35 19.55 9.08
N LEU A 157 -25.66 20.41 8.31
CA LEU A 157 -24.21 20.41 8.29
C LEU A 157 -23.61 20.89 9.60
N LYS A 158 -24.13 21.99 10.17
CA LYS A 158 -23.62 22.41 11.47
C LYS A 158 -23.76 21.33 12.53
N ALA A 159 -24.83 20.54 12.48
CA ALA A 159 -25.02 19.54 13.53
C ALA A 159 -24.07 18.36 13.35
N ILE A 160 -23.76 18.00 12.10
CA ILE A 160 -22.76 16.98 11.87
C ILE A 160 -21.41 17.49 12.31
N SER A 161 -21.11 18.74 11.99
CA SER A 161 -19.85 19.32 12.43
C SER A 161 -19.72 19.30 13.95
N ALA A 162 -20.80 19.61 14.66
CA ALA A 162 -20.74 19.62 16.13
C ALA A 162 -20.45 18.23 16.68
N THR A 163 -21.06 17.21 16.09
CA THR A 163 -20.75 15.84 16.47
C THR A 163 -19.32 15.43 16.10
N CYS A 164 -18.83 15.89 14.93
CA CYS A 164 -17.46 15.60 14.54
C CYS A 164 -16.46 16.26 15.50
N LYS A 165 -16.72 17.51 15.90
CA LYS A 165 -15.79 18.17 16.82
C LYS A 165 -15.78 17.45 18.16
N GLU A 166 -16.95 17.01 18.61
CA GLU A 166 -17.01 16.35 19.89
C GLU A 166 -16.31 15.02 19.87
N LEU A 167 -16.34 14.33 18.74
CA LEU A 167 -15.77 13.01 18.64
C LEU A 167 -14.33 13.01 18.11
N GLY A 168 -13.70 14.17 17.95
CA GLY A 168 -12.38 14.30 17.33
C GLY A 168 -12.29 13.89 15.87
N LEU A 169 -13.35 14.10 15.08
CA LEU A 169 -13.39 13.66 13.70
C LEU A 169 -13.23 14.87 12.77
N ASN A 170 -12.47 14.68 11.69
CA ASN A 170 -12.42 15.63 10.57
C ASN A 170 -13.63 15.44 9.67
N LEU A 171 -13.94 16.46 8.87
CA LEU A 171 -15.15 16.47 8.04
C LEU A 171 -14.81 16.78 6.61
N HIS A 172 -15.04 15.80 5.74
CA HIS A 172 -14.75 15.92 4.34
C HIS A 172 -16.05 15.98 3.57
N MET A 173 -16.04 16.74 2.47
CA MET A 173 -17.23 16.95 1.64
C MET A 173 -16.89 16.61 0.22
N ASP A 174 -17.56 15.59 -0.29
CA ASP A 174 -17.51 15.22 -1.69
C ASP A 174 -18.47 16.12 -2.43
N GLY A 175 -17.95 17.16 -3.07
CA GLY A 175 -18.78 18.13 -3.77
C GLY A 175 -18.72 17.92 -5.26
N ALA A 176 -18.81 16.66 -5.66
CA ALA A 176 -18.92 16.34 -7.07
C ALA A 176 -20.07 17.14 -7.72
N ARG A 177 -21.18 17.26 -7.02
CA ARG A 177 -22.33 18.07 -7.43
C ARG A 177 -22.55 19.23 -6.48
N PHE A 178 -21.46 19.86 -6.04
CA PHE A 178 -21.58 20.99 -5.11
C PHE A 178 -22.36 22.16 -5.75
N THR A 179 -22.16 22.40 -7.05
CA THR A 179 -22.84 23.52 -7.72
C THR A 179 -24.36 23.37 -7.63
N ASN A 180 -24.86 22.16 -7.78
CA ASN A 180 -26.31 21.95 -7.74
C ASN A 180 -26.86 22.26 -6.37
N ALA A 181 -26.10 21.94 -5.31
CA ALA A 181 -26.56 22.24 -3.97
C ALA A 181 -26.54 23.74 -3.71
N CYS A 182 -25.49 24.45 -4.15
CA CYS A 182 -25.50 25.90 -3.99
C CYS A 182 -26.62 26.56 -4.79
N ALA A 183 -26.92 26.03 -5.97
CA ALA A 183 -27.89 26.67 -6.84
C ALA A 183 -29.26 26.59 -6.21
N PHE A 184 -29.63 25.39 -5.78
CA PHE A 184 -30.90 25.14 -5.13
C PHE A 184 -31.09 25.98 -3.87
N LEU A 185 -30.09 25.98 -2.98
CA LEU A 185 -30.31 26.55 -1.63
C LEU A 185 -30.17 28.08 -1.58
N GLY A 186 -29.57 28.70 -2.59
CA GLY A 186 -29.30 30.10 -2.42
C GLY A 186 -28.36 30.50 -1.29
N CYS A 187 -27.54 29.60 -0.76
CA CYS A 187 -26.51 29.90 0.24
C CYS A 187 -25.24 30.37 -0.43
N SER A 188 -24.37 31.01 0.32
CA SER A 188 -23.03 31.24 -0.19
C SER A 188 -22.23 29.93 -0.10
N PRO A 189 -21.23 29.77 -0.95
CA PRO A 189 -20.35 28.60 -0.78
C PRO A 189 -19.82 28.49 0.66
N ALA A 190 -19.39 29.60 1.27
CA ALA A 190 -18.86 29.58 2.64
C ALA A 190 -19.86 29.02 3.63
N GLU A 191 -21.15 29.31 3.43
CA GLU A 191 -22.15 28.84 4.37
C GLU A 191 -22.39 27.35 4.23
N LEU A 192 -22.12 26.78 3.07
CA LEU A 192 -22.21 25.33 2.89
C LEU A 192 -20.91 24.58 3.10
N THR A 193 -19.83 25.26 3.47
CA THR A 193 -18.59 24.52 3.78
C THR A 193 -18.06 24.91 5.15
N TRP A 194 -17.12 25.85 5.17
CA TRP A 194 -16.34 26.07 6.38
C TRP A 194 -17.05 26.85 7.48
N LYS A 195 -18.06 27.67 7.16
CA LYS A 195 -18.92 28.18 8.23
C LYS A 195 -19.79 27.10 8.83
N ALA A 196 -20.04 26.01 8.13
CA ALA A 196 -20.75 24.89 8.76
C ALA A 196 -19.83 23.81 9.32
N GLY A 197 -18.50 23.99 9.31
CA GLY A 197 -17.59 23.00 9.89
C GLY A 197 -16.78 22.13 8.93
N VAL A 198 -16.88 22.32 7.62
CA VAL A 198 -16.20 21.45 6.66
C VAL A 198 -14.71 21.79 6.61
N ASP A 199 -13.85 20.77 6.78
CA ASP A 199 -12.39 20.92 6.73
C ASP A 199 -11.89 20.94 5.30
N VAL A 200 -12.51 20.14 4.42
CA VAL A 200 -11.98 19.89 3.08
C VAL A 200 -13.16 19.67 2.15
N LEU A 201 -13.14 20.37 1.01
CA LEU A 201 -14.11 20.19 -0.08
C LEU A 201 -13.44 19.68 -1.36
N CYS A 202 -14.00 18.63 -1.93
CA CYS A 202 -13.71 18.26 -3.30
C CYS A 202 -14.81 18.85 -4.19
N PHE A 203 -14.42 19.78 -5.04
CA PHE A 203 -15.33 20.58 -5.83
C PHE A 203 -15.26 20.07 -7.25
N GLY A 204 -16.32 19.38 -7.68
CA GLY A 204 -16.37 18.82 -9.02
C GLY A 204 -16.43 19.92 -10.09
N GLY A 205 -15.59 19.76 -11.12
CA GLY A 205 -15.66 20.62 -12.28
C GLY A 205 -16.11 19.82 -13.49
N THR A 206 -15.65 18.57 -13.60
CA THR A 206 -15.99 17.75 -14.76
C THR A 206 -17.50 17.64 -14.96
N LYS A 207 -18.26 17.38 -13.90
CA LYS A 207 -19.69 17.16 -14.11
C LYS A 207 -20.42 18.41 -14.58
N ASN A 208 -19.90 19.59 -14.24
CA ASN A 208 -20.52 20.87 -14.57
C ASN A 208 -19.78 21.58 -15.70
N GLY A 209 -19.38 20.86 -16.74
CA GLY A 209 -18.94 21.49 -17.96
C GLY A 209 -17.45 21.55 -18.23
N MET A 210 -16.63 20.71 -17.61
CA MET A 210 -15.20 20.68 -17.93
C MET A 210 -14.78 19.33 -18.49
N ALA A 211 -13.63 19.33 -19.13
CA ALA A 211 -13.12 18.12 -19.75
C ALA A 211 -12.53 17.16 -18.72
N VAL A 212 -11.87 17.69 -17.70
CA VAL A 212 -11.03 16.90 -16.84
C VAL A 212 -10.78 17.81 -15.65
N GLY A 213 -10.71 17.22 -14.45
CA GLY A 213 -10.13 17.85 -13.28
C GLY A 213 -11.16 18.15 -12.22
N GLU A 214 -10.68 18.15 -10.95
N GLU A 214 -10.66 18.29 -10.98
CA GLU A 214 -11.44 18.51 -9.76
CA GLU A 214 -11.50 18.57 -9.83
C GLU A 214 -10.58 19.47 -8.97
C GLU A 214 -10.67 19.29 -8.79
N ALA A 215 -11.21 20.37 -8.22
CA ALA A 215 -10.49 21.19 -7.28
C ALA A 215 -10.65 20.64 -5.87
N ILE A 216 -9.58 20.72 -5.08
CA ILE A 216 -9.56 20.28 -3.67
C ILE A 216 -9.22 21.49 -2.82
N LEU A 217 -10.10 21.84 -1.90
CA LEU A 217 -9.98 23.06 -1.12
C LEU A 217 -9.84 22.64 0.33
N PHE A 218 -8.74 23.02 0.94
CA PHE A 218 -8.55 22.87 2.38
C PHE A 218 -8.89 24.19 3.07
N PHE A 219 -9.92 24.16 3.92
CA PHE A 219 -10.30 25.30 4.74
C PHE A 219 -9.50 25.31 6.04
N ASN A 220 -9.15 24.15 6.52
CA ASN A 220 -8.22 24.03 7.59
C ASN A 220 -6.83 23.85 6.96
N ARG A 221 -6.01 24.93 6.98
N ARG A 221 -6.01 24.92 6.96
CA ARG A 221 -4.74 24.91 6.24
CA ARG A 221 -4.76 24.85 6.20
C ARG A 221 -3.75 23.92 6.83
C ARG A 221 -3.71 23.96 6.84
N GLN A 222 -3.83 23.61 8.11
CA GLN A 222 -2.87 22.70 8.71
C GLN A 222 -3.00 21.31 8.11
N LEU A 223 -4.22 20.92 7.75
CA LEU A 223 -4.49 19.62 7.15
C LEU A 223 -3.91 19.46 5.75
N ALA A 224 -3.54 20.54 5.07
CA ALA A 224 -2.97 20.47 3.72
C ALA A 224 -1.46 20.34 3.68
N GLU A 225 -0.82 20.10 4.81
CA GLU A 225 0.64 19.99 4.80
C GLU A 225 1.14 18.88 3.88
N ASP A 226 2.07 19.22 2.99
CA ASP A 226 2.67 18.35 2.00
C ASP A 226 1.65 17.69 1.07
N PHE A 227 0.46 18.26 0.97
CA PHE A 227 -0.55 17.63 0.12
C PHE A 227 -0.08 17.58 -1.32
N ASP A 228 0.76 18.52 -1.73
CA ASP A 228 1.27 18.52 -3.09
C ASP A 228 2.15 17.29 -3.34
N TYR A 229 2.94 16.86 -2.33
CA TYR A 229 3.75 15.66 -2.43
C TYR A 229 2.89 14.41 -2.52
N ARG A 230 1.83 14.34 -1.70
CA ARG A 230 0.91 13.22 -1.79
C ARG A 230 0.35 13.08 -3.19
N CYS A 231 -0.13 14.19 -3.75
CA CYS A 231 -0.66 14.19 -5.13
C CYS A 231 0.38 13.74 -6.12
N LYS A 232 1.61 14.27 -6.02
CA LYS A 232 2.67 13.86 -6.95
C LYS A 232 2.93 12.37 -6.88
N GLN A 233 3.13 11.83 -5.67
CA GLN A 233 3.37 10.40 -5.57
C GLN A 233 2.18 9.61 -6.09
N ALA A 234 0.97 10.14 -5.93
CA ALA A 234 -0.18 9.35 -6.33
C ALA A 234 -0.47 9.46 -7.81
N GLY A 235 0.39 10.09 -8.58
CA GLY A 235 0.12 10.17 -10.00
C GLY A 235 -0.95 11.19 -10.37
N GLN A 236 -1.09 12.26 -9.60
CA GLN A 236 -2.23 13.17 -9.75
C GLN A 236 -1.78 14.61 -9.98
N LEU A 237 -0.54 14.82 -10.38
CA LEU A 237 -0.03 16.16 -10.62
C LEU A 237 0.04 16.42 -12.12
N ALA A 238 -0.69 17.42 -12.56
CA ALA A 238 -0.66 17.78 -13.98
C ALA A 238 0.62 18.56 -14.31
N SER A 239 1.39 18.01 -15.24
CA SER A 239 2.41 18.79 -15.93
C SER A 239 1.88 20.14 -16.42
N LYS A 240 0.79 20.11 -17.18
CA LYS A 240 0.25 21.30 -17.80
C LYS A 240 -0.97 21.76 -17.01
N MET A 241 -0.67 22.19 -15.80
CA MET A 241 -1.70 22.53 -14.82
C MET A 241 -2.70 23.56 -15.32
N ARG A 242 -2.25 24.50 -16.20
CA ARG A 242 -3.13 25.59 -16.67
C ARG A 242 -4.40 25.04 -17.30
N PHE A 243 -4.32 23.88 -17.93
CA PHE A 243 -5.49 23.30 -18.55
C PHE A 243 -6.45 22.62 -17.56
N LEU A 244 -6.05 22.43 -16.30
CA LEU A 244 -7.02 22.11 -15.26
C LEU A 244 -7.54 23.34 -14.53
N SER A 245 -6.71 24.38 -14.40
CA SER A 245 -7.09 25.51 -13.55
C SER A 245 -7.77 26.64 -14.36
N ALA A 246 -7.41 26.84 -15.62
CA ALA A 246 -8.05 27.89 -16.41
C ALA A 246 -9.54 27.69 -16.56
N PRO A 247 -10.06 26.47 -16.78
CA PRO A 247 -11.51 26.35 -16.86
C PRO A 247 -12.19 26.82 -15.60
N TRP A 248 -11.53 26.77 -14.44
CA TRP A 248 -12.17 27.33 -13.24
C TRP A 248 -12.23 28.86 -13.31
N VAL A 249 -11.23 29.50 -13.91
CA VAL A 249 -11.31 30.93 -14.11
C VAL A 249 -12.56 31.27 -14.91
N GLY A 250 -12.73 30.59 -16.04
CA GLY A 250 -13.92 30.76 -16.85
C GLY A 250 -15.21 30.49 -16.09
N LEU A 251 -15.23 29.43 -15.26
CA LEU A 251 -16.45 29.10 -14.58
C LEU A 251 -16.79 30.04 -13.46
N LEU A 252 -15.79 30.69 -12.86
CA LEU A 252 -15.99 31.44 -11.63
C LEU A 252 -15.93 32.95 -11.79
N GLU A 253 -15.42 33.47 -12.90
CA GLU A 253 -15.19 34.92 -12.98
C GLU A 253 -16.49 35.73 -13.02
N ASP A 254 -17.58 35.19 -13.58
CA ASP A 254 -18.85 35.93 -13.45
C ASP A 254 -20.08 35.01 -13.43
N GLY A 255 -20.10 34.05 -12.50
CA GLY A 255 -21.31 33.32 -12.19
C GLY A 255 -21.64 32.11 -13.03
N ALA A 256 -20.82 31.77 -14.04
CA ALA A 256 -21.27 30.75 -14.98
C ALA A 256 -21.49 29.42 -14.28
N TRP A 257 -20.66 29.08 -13.29
CA TRP A 257 -20.82 27.81 -12.60
C TRP A 257 -22.25 27.68 -12.04
N LEU A 258 -22.73 28.69 -11.29
CA LEU A 258 -24.08 28.59 -10.74
C LEU A 258 -25.14 28.60 -11.82
N ARG A 259 -24.92 29.35 -12.90
CA ARG A 259 -25.93 29.37 -13.96
C ARG A 259 -26.06 28.02 -14.60
N HIS A 260 -24.97 27.28 -14.74
CA HIS A 260 -25.10 25.93 -15.27
C HIS A 260 -25.73 24.99 -14.23
N GLY A 261 -25.48 25.21 -12.95
CA GLY A 261 -26.13 24.40 -11.94
C GLY A 261 -27.63 24.65 -11.84
N ASN A 262 -28.05 25.92 -11.91
CA ASN A 262 -29.47 26.22 -11.85
C ASN A 262 -30.19 25.66 -13.07
N HIS A 263 -29.58 25.77 -14.24
CA HIS A 263 -30.20 25.20 -15.44
C HIS A 263 -30.45 23.73 -15.27
N ALA A 264 -29.46 22.97 -14.81
CA ALA A 264 -29.63 21.53 -14.69
C ALA A 264 -30.64 21.17 -13.62
N ASN A 265 -30.73 21.97 -12.55
CA ASN A 265 -31.71 21.71 -11.50
C ASN A 265 -33.13 22.02 -11.98
N HIS A 266 -33.29 23.13 -12.71
CA HIS A 266 -34.59 23.53 -13.21
C HIS A 266 -35.09 22.54 -14.24
N CYS A 267 -34.18 21.97 -15.07
CA CYS A 267 -34.57 20.90 -15.98
C CYS A 267 -35.02 19.65 -15.25
N ALA A 268 -34.41 19.34 -14.12
CA ALA A 268 -34.87 18.17 -13.39
C ALA A 268 -36.16 18.47 -12.66
N GLN A 269 -36.35 19.73 -12.28
CA GLN A 269 -37.56 20.13 -11.60
C GLN A 269 -38.74 20.05 -12.57
N LEU A 270 -38.52 20.46 -13.82
CA LEU A 270 -39.54 20.35 -14.86
C LEU A 270 -39.91 18.91 -15.13
N LEU A 271 -38.92 18.04 -15.38
CA LEU A 271 -39.22 16.65 -15.63
C LEU A 271 -40.10 16.06 -14.55
N ALA A 272 -39.78 16.34 -13.30
CA ALA A 272 -40.54 15.77 -12.18
C ALA A 272 -41.88 16.46 -12.02
N LEU A 273 -41.93 17.74 -12.31
CA LEU A 273 -43.18 18.47 -12.32
C LEU A 273 -44.20 17.85 -13.25
N LEU A 274 -43.77 17.54 -14.45
CA LEU A 274 -44.59 17.03 -15.53
C LEU A 274 -44.95 15.56 -15.41
N VAL A 275 -44.58 14.86 -14.34
CA VAL A 275 -44.85 13.43 -14.37
C VAL A 275 -45.10 12.82 -13.00
N SER A 276 -44.91 13.58 -11.94
CA SER A 276 -45.06 12.94 -10.63
C SER A 276 -46.52 12.76 -10.24
N ASP A 277 -47.44 13.32 -11.02
CA ASP A 277 -48.85 13.19 -10.76
C ASP A 277 -49.48 12.01 -11.47
N LEU A 278 -48.72 11.36 -12.36
CA LEU A 278 -49.20 10.15 -12.99
C LEU A 278 -49.32 9.01 -11.97
N PRO A 279 -50.19 8.04 -12.25
CA PRO A 279 -50.42 6.94 -11.31
C PRO A 279 -49.46 5.80 -11.58
N GLY A 280 -48.99 5.20 -10.50
CA GLY A 280 -47.94 4.21 -10.54
C GLY A 280 -46.55 4.77 -10.73
N VAL A 281 -46.41 6.09 -10.71
CA VAL A 281 -45.15 6.79 -10.88
C VAL A 281 -44.92 7.62 -9.63
N GLU A 282 -43.81 7.35 -8.93
CA GLU A 282 -43.49 8.03 -7.68
C GLU A 282 -42.04 8.51 -7.64
N LEU A 283 -41.85 9.76 -7.22
CA LEU A 283 -40.54 10.29 -6.84
C LEU A 283 -40.00 9.57 -5.62
N MET A 284 -38.84 8.93 -5.76
CA MET A 284 -38.27 8.22 -4.62
C MET A 284 -37.61 9.15 -3.62
N PHE A 285 -37.21 10.36 -4.05
CA PHE A 285 -36.55 11.33 -3.18
C PHE A 285 -36.92 12.72 -3.65
N PRO A 286 -36.81 13.72 -2.78
CA PRO A 286 -37.00 15.12 -3.21
C PRO A 286 -36.02 15.50 -4.32
N VAL A 287 -36.47 16.41 -5.16
CA VAL A 287 -35.67 16.88 -6.29
C VAL A 287 -34.95 18.16 -5.85
N GLU A 288 -33.79 17.97 -5.23
CA GLU A 288 -33.02 19.08 -4.71
C GLU A 288 -31.74 19.34 -5.50
N ALA A 289 -31.55 18.65 -6.61
CA ALA A 289 -30.42 18.93 -7.46
C ALA A 289 -30.84 18.65 -8.88
N ASN A 290 -30.05 17.87 -9.60
CA ASN A 290 -30.25 17.68 -11.04
C ASN A 290 -30.69 16.28 -11.39
N GLY A 291 -31.10 15.50 -10.39
CA GLY A 291 -31.59 14.15 -10.60
C GLY A 291 -33.08 14.02 -10.31
N VAL A 292 -33.73 13.09 -11.02
CA VAL A 292 -35.10 12.68 -10.76
C VAL A 292 -35.10 11.16 -10.62
N PHE A 293 -35.43 10.66 -9.44
CA PHE A 293 -35.53 9.23 -9.15
C PHE A 293 -37.01 8.79 -9.13
N LEU A 294 -37.40 7.96 -10.10
CA LEU A 294 -38.79 7.54 -10.29
C LEU A 294 -38.95 6.04 -10.12
N GLN A 295 -39.74 5.64 -9.14
CA GLN A 295 -40.25 4.28 -9.13
C GLN A 295 -41.34 4.12 -10.19
N MET A 296 -41.21 3.11 -11.04
CA MET A 296 -42.08 2.99 -12.21
C MET A 296 -42.50 1.55 -12.46
N PRO A 297 -43.35 1.32 -13.46
CA PRO A 297 -43.64 -0.04 -13.93
C PRO A 297 -42.69 -0.54 -15.01
N GLU A 298 -42.30 -1.81 -14.86
CA GLU A 298 -41.40 -2.53 -15.76
C GLU A 298 -41.61 -2.14 -17.21
N HIS A 299 -42.84 -1.86 -17.56
CA HIS A 299 -43.11 -1.46 -18.91
C HIS A 299 -42.27 -0.24 -19.23
N ALA A 300 -41.51 0.28 -18.23
CA ALA A 300 -40.58 1.39 -18.45
C ALA A 300 -39.74 1.03 -19.65
N ILE A 301 -39.55 -0.26 -19.83
CA ILE A 301 -38.81 -0.78 -20.94
C ILE A 301 -39.28 -0.13 -22.22
N GLU A 302 -40.45 0.45 -22.24
CA GLU A 302 -40.79 1.06 -23.53
C GLU A 302 -40.26 2.48 -23.67
N ALA A 303 -40.14 3.24 -22.57
CA ALA A 303 -39.27 4.41 -22.60
C ALA A 303 -37.86 3.98 -23.00
N LEU A 304 -37.33 2.94 -22.33
CA LEU A 304 -36.02 2.39 -22.69
C LEU A 304 -36.08 1.99 -24.17
N ARG A 305 -36.76 0.87 -24.37
CA ARG A 305 -36.93 0.16 -25.64
C ARG A 305 -36.39 0.88 -26.86
N ALA A 306 -37.29 1.18 -27.78
CA ALA A 306 -36.97 1.56 -29.13
C ALA A 306 -37.35 3.02 -29.28
N LYS A 307 -37.54 3.67 -28.11
CA LYS A 307 -37.95 5.05 -28.01
C LYS A 307 -36.76 5.99 -28.02
N GLY A 308 -35.55 5.44 -27.93
CA GLY A 308 -34.33 6.25 -27.99
C GLY A 308 -34.05 7.04 -26.74
N TRP A 309 -34.31 6.45 -25.57
CA TRP A 309 -34.16 7.08 -24.27
C TRP A 309 -33.17 6.27 -23.46
N ARG A 310 -32.08 6.91 -23.02
CA ARG A 310 -31.13 6.27 -22.12
C ARG A 310 -31.14 6.91 -20.74
N PHE A 311 -31.04 6.03 -19.76
CA PHE A 311 -31.13 6.37 -18.35
C PHE A 311 -30.75 5.11 -17.62
N TYR A 312 -30.49 5.24 -16.33
CA TYR A 312 -29.90 4.18 -15.53
C TYR A 312 -31.02 3.45 -14.79
N THR A 313 -31.34 2.24 -15.25
CA THR A 313 -32.26 1.37 -14.54
C THR A 313 -31.72 1.04 -13.15
N PHE A 314 -32.59 1.04 -12.15
CA PHE A 314 -32.17 0.71 -10.79
C PHE A 314 -31.73 -0.77 -10.79
N ILE A 315 -31.46 -1.37 -9.61
CA ILE A 315 -31.22 -2.82 -9.48
C ILE A 315 -31.98 -3.66 -10.50
N GLY A 316 -33.26 -3.35 -10.73
CA GLY A 316 -34.05 -4.11 -11.70
C GLY A 316 -35.29 -4.74 -11.06
N SER A 317 -36.52 -4.27 -11.38
CA SER A 317 -36.78 -3.21 -12.42
C SER A 317 -37.37 -1.93 -11.82
N GLY A 318 -37.93 -2.06 -10.61
CA GLY A 318 -38.44 -0.92 -9.86
C GLY A 318 -37.95 0.47 -10.28
N GLY A 319 -36.76 0.87 -9.80
CA GLY A 319 -36.32 2.27 -9.93
C GLY A 319 -35.87 2.65 -11.33
N ALA A 320 -36.02 3.94 -11.63
CA ALA A 320 -35.42 4.57 -12.81
C ALA A 320 -34.86 5.92 -12.39
N ARG A 321 -33.64 6.23 -12.84
CA ARG A 321 -32.93 7.44 -12.46
C ARG A 321 -32.61 8.25 -13.69
N PHE A 322 -32.96 9.53 -13.66
CA PHE A 322 -32.77 10.49 -14.74
C PHE A 322 -31.93 11.65 -14.24
N MET A 323 -31.01 12.12 -15.07
CA MET A 323 -30.01 13.12 -14.69
C MET A 323 -29.95 14.19 -15.75
N CYS A 324 -30.00 15.45 -15.32
CA CYS A 324 -29.92 16.59 -16.23
C CYS A 324 -28.59 17.32 -16.05
N SER A 325 -28.14 17.96 -17.11
CA SER A 325 -26.80 18.53 -17.23
C SER A 325 -26.89 19.97 -17.71
N TRP A 326 -25.75 20.65 -17.66
CA TRP A 326 -25.70 22.05 -18.05
C TRP A 326 -26.17 22.25 -19.49
N ASP A 327 -26.09 21.22 -20.33
CA ASP A 327 -26.46 21.32 -21.73
C ASP A 327 -27.75 20.56 -22.05
N THR A 328 -28.52 20.21 -21.04
CA THR A 328 -29.83 19.64 -21.26
C THR A 328 -30.76 20.65 -21.90
N GLU A 329 -31.55 20.18 -22.85
CA GLU A 329 -32.54 21.01 -23.54
C GLU A 329 -33.89 20.81 -22.88
N GLU A 330 -34.55 21.91 -22.50
CA GLU A 330 -35.89 21.80 -21.92
C GLU A 330 -36.81 21.03 -22.85
N GLU A 331 -36.74 21.29 -24.15
CA GLU A 331 -37.64 20.58 -25.07
C GLU A 331 -37.50 19.08 -24.90
N ARG A 332 -36.26 18.58 -24.84
CA ARG A 332 -36.05 17.16 -24.64
C ARG A 332 -36.62 16.70 -23.31
N VAL A 333 -36.67 17.57 -22.30
CA VAL A 333 -37.32 17.17 -21.06
C VAL A 333 -38.80 17.00 -21.31
N ARG A 334 -39.40 17.99 -21.96
CA ARG A 334 -40.83 17.92 -22.26
C ARG A 334 -41.15 16.68 -23.10
N GLU A 335 -40.30 16.37 -24.08
CA GLU A 335 -40.45 15.13 -24.83
C GLU A 335 -40.46 13.94 -23.88
N LEU A 336 -39.40 13.77 -23.11
CA LEU A 336 -39.30 12.61 -22.23
C LEU A 336 -40.51 12.49 -21.32
N ALA A 337 -41.00 13.61 -20.79
CA ALA A 337 -42.16 13.54 -19.91
C ALA A 337 -43.42 13.18 -20.70
N ALA A 338 -43.52 13.61 -21.96
CA ALA A 338 -44.65 13.23 -22.79
C ALA A 338 -44.64 11.75 -23.11
N ASP A 339 -43.46 11.20 -23.45
CA ASP A 339 -43.37 9.78 -23.72
C ASP A 339 -43.65 8.95 -22.47
N ILE A 340 -43.34 9.48 -21.29
CA ILE A 340 -43.79 8.85 -20.07
C ILE A 340 -45.31 8.95 -19.98
N ARG A 341 -45.86 10.10 -20.38
CA ARG A 341 -47.28 10.37 -20.25
C ARG A 341 -48.09 9.36 -21.05
N SER A 342 -47.76 9.18 -22.33
CA SER A 342 -48.44 8.21 -23.18
C SER A 342 -48.34 6.81 -22.59
N ILE A 343 -47.11 6.31 -22.48
CA ILE A 343 -46.90 4.93 -22.06
C ILE A 343 -47.76 4.58 -20.85
N ILE A 344 -47.84 5.47 -19.87
CA ILE A 344 -48.60 5.13 -18.66
C ILE A 344 -50.11 5.34 -18.86
N THR A 345 -50.52 6.19 -19.81
CA THR A 345 -51.93 6.43 -20.12
C THR A 345 -52.50 5.36 -21.07
N ALA A 346 -52.38 4.10 -20.63
CA ALA A 346 -52.88 2.94 -21.39
C ALA A 346 -52.44 1.65 -20.67
N ASP B 3 9.32 39.17 -27.92
CA ASP B 3 9.64 37.74 -27.78
C ASP B 3 10.58 37.45 -26.57
N LYS B 4 10.29 36.44 -25.71
CA LYS B 4 9.20 35.45 -25.89
C LYS B 4 9.00 34.53 -24.66
N SER B 5 7.76 34.09 -24.48
CA SER B 5 7.41 33.14 -23.42
C SER B 5 8.27 31.88 -23.44
N GLN B 6 8.80 31.50 -24.61
CA GLN B 6 9.28 30.14 -24.83
C GLN B 6 10.78 30.03 -24.50
N GLN B 7 11.07 29.13 -23.56
CA GLN B 7 12.38 28.93 -23.04
C GLN B 7 12.86 27.55 -23.47
N PHE B 8 13.91 27.06 -22.83
CA PHE B 8 14.53 25.80 -23.15
C PHE B 8 14.60 24.92 -21.91
N ALA B 9 13.59 25.08 -21.04
CA ALA B 9 13.56 24.37 -19.76
C ALA B 9 12.95 22.98 -19.89
N SER B 10 11.80 22.86 -20.54
CA SER B 10 11.12 21.58 -20.61
C SER B 10 10.17 21.54 -21.80
N ASP B 11 10.12 20.37 -22.48
CA ASP B 11 8.96 20.24 -23.38
C ASP B 11 7.56 20.07 -22.60
N ASN B 12 7.50 20.25 -21.28
CA ASN B 12 6.25 20.25 -20.53
C ASN B 12 5.65 21.64 -20.38
N TYR B 13 6.22 22.64 -21.02
CA TYR B 13 5.69 24.00 -20.98
C TYR B 13 5.00 24.38 -22.27
N SER B 14 5.14 23.53 -23.30
CA SER B 14 4.52 23.72 -24.60
C SER B 14 3.02 23.58 -24.49
N GLY B 15 2.33 24.05 -25.52
CA GLY B 15 0.89 24.08 -25.52
C GLY B 15 0.28 22.88 -26.20
N ILE B 16 -1.03 23.00 -26.43
CA ILE B 16 -1.78 22.02 -27.20
C ILE B 16 -1.60 22.30 -28.69
N CYS B 17 -1.13 21.31 -29.43
CA CYS B 17 -0.96 21.46 -30.85
C CYS B 17 -2.31 21.52 -31.58
N PRO B 18 -2.32 22.07 -32.79
CA PRO B 18 -3.62 22.27 -33.50
C PRO B 18 -4.36 20.98 -33.78
N GLU B 19 -3.62 19.91 -34.07
CA GLU B 19 -4.29 18.64 -34.34
C GLU B 19 -4.97 18.12 -33.09
N ALA B 20 -4.32 18.26 -31.93
CA ALA B 20 -4.92 17.83 -30.67
C ALA B 20 -6.12 18.69 -30.35
N TRP B 21 -5.96 20.00 -30.52
CA TRP B 21 -7.05 20.92 -30.23
C TRP B 21 -8.24 20.66 -31.17
N ALA B 22 -7.97 20.49 -32.47
CA ALA B 22 -9.05 20.26 -33.44
C ALA B 22 -9.79 18.97 -33.12
N ALA B 23 -9.08 17.95 -32.65
CA ALA B 23 -9.77 16.71 -32.30
C ALA B 23 -10.63 16.89 -31.06
N MET B 24 -10.18 17.70 -30.09
CA MET B 24 -10.99 17.88 -28.88
C MET B 24 -12.28 18.64 -29.20
N GLU B 25 -12.19 19.57 -30.14
CA GLU B 25 -13.36 20.33 -30.54
C GLU B 25 -14.38 19.43 -31.23
N LYS B 26 -13.94 18.65 -32.21
CA LYS B 26 -14.85 17.67 -32.80
C LYS B 26 -15.46 16.80 -31.72
N ALA B 27 -14.63 16.28 -30.81
CA ALA B 27 -15.16 15.45 -29.75
C ALA B 27 -16.12 16.21 -28.83
N ASN B 28 -16.05 17.54 -28.80
CA ASN B 28 -17.04 18.28 -27.99
C ASN B 28 -18.33 18.57 -28.71
N HIS B 29 -18.83 17.68 -29.56
CA HIS B 29 -20.07 17.87 -30.31
C HIS B 29 -20.98 16.67 -30.10
N GLY B 30 -21.78 16.72 -29.03
CA GLY B 30 -22.75 15.71 -28.69
C GLY B 30 -22.54 15.17 -27.29
N HIS B 31 -23.31 14.12 -26.97
CA HIS B 31 -23.14 13.32 -25.77
C HIS B 31 -22.63 11.93 -26.15
N ASP B 32 -21.65 11.42 -25.38
CA ASP B 32 -21.05 10.10 -25.62
C ASP B 32 -20.87 9.41 -24.25
N ARG B 33 -20.75 8.08 -24.26
CA ARG B 33 -20.69 7.34 -23.00
C ARG B 33 -19.26 7.28 -22.43
N ALA B 34 -19.17 7.05 -21.11
CA ALA B 34 -17.99 7.41 -20.32
C ALA B 34 -16.95 6.28 -20.23
N TYR B 35 -15.83 6.58 -19.57
CA TYR B 35 -14.89 5.60 -19.04
C TYR B 35 -14.33 4.67 -20.12
N GLY B 36 -14.41 5.06 -21.40
CA GLY B 36 -13.83 4.31 -22.51
C GLY B 36 -14.83 3.83 -23.53
N ASP B 37 -16.13 3.85 -23.23
CA ASP B 37 -17.16 3.30 -24.13
C ASP B 37 -17.72 4.41 -25.05
N ASP B 38 -16.84 4.94 -25.90
CA ASP B 38 -17.22 5.98 -26.85
C ASP B 38 -16.47 5.75 -28.16
N GLN B 39 -16.96 6.40 -29.22
CA GLN B 39 -16.39 6.14 -30.55
C GLN B 39 -14.94 6.60 -30.62
N TRP B 40 -14.62 7.69 -29.91
CA TRP B 40 -13.27 8.28 -29.99
C TRP B 40 -12.23 7.34 -29.43
N THR B 41 -12.57 6.62 -28.35
CA THR B 41 -11.60 5.77 -27.72
C THR B 41 -11.31 4.54 -28.58
N GLU B 42 -12.37 3.92 -29.14
CA GLU B 42 -12.22 2.80 -30.08
C GLU B 42 -11.46 3.24 -31.32
N ARG B 43 -11.86 4.37 -31.88
CA ARG B 43 -11.15 4.90 -33.02
C ARG B 43 -9.68 5.07 -32.69
N ALA B 44 -9.34 5.68 -31.54
CA ALA B 44 -7.92 5.84 -31.20
C ALA B 44 -7.24 4.48 -31.06
N SER B 45 -7.92 3.49 -30.48
CA SER B 45 -7.26 2.17 -30.35
C SER B 45 -6.96 1.56 -31.71
N GLU B 46 -7.90 1.68 -32.66
CA GLU B 46 -7.64 1.23 -34.04
C GLU B 46 -6.36 1.82 -34.58
N TYR B 47 -6.21 3.13 -34.49
CA TYR B 47 -5.00 3.75 -35.01
C TYR B 47 -3.75 3.21 -34.30
N PHE B 48 -3.82 2.93 -32.98
CA PHE B 48 -2.61 2.37 -32.35
C PHE B 48 -2.32 0.99 -32.91
N ARG B 49 -3.35 0.13 -33.03
CA ARG B 49 -3.16 -1.20 -33.61
C ARG B 49 -2.60 -1.10 -35.03
N ASN B 50 -3.24 -0.30 -35.88
CA ASN B 50 -2.71 -0.06 -37.21
C ASN B 50 -1.29 0.47 -37.13
N LEU B 51 -1.07 1.51 -36.32
CA LEU B 51 0.26 2.10 -36.25
C LEU B 51 1.31 1.10 -35.76
N PHE B 52 0.97 0.29 -34.77
CA PHE B 52 1.96 -0.67 -34.31
C PHE B 52 1.88 -2.01 -35.06
N GLU B 53 0.88 -2.19 -35.95
CA GLU B 53 0.78 -3.37 -36.79
C GLU B 53 0.53 -4.61 -35.93
N THR B 54 -0.42 -4.50 -35.03
CA THR B 54 -0.58 -5.60 -34.08
C THR B 54 -1.82 -5.35 -33.25
N ASP B 55 -2.24 -6.39 -32.55
CA ASP B 55 -3.45 -6.31 -31.74
C ASP B 55 -3.12 -5.97 -30.28
N CYS B 56 -2.24 -4.98 -30.07
CA CYS B 56 -1.97 -4.42 -28.75
C CYS B 56 -3.25 -3.95 -28.08
N GLU B 57 -3.29 -4.13 -26.76
CA GLU B 57 -4.40 -3.62 -25.97
C GLU B 57 -4.03 -2.22 -25.51
N VAL B 58 -5.03 -1.33 -25.47
CA VAL B 58 -4.79 0.10 -25.34
C VAL B 58 -5.52 0.66 -24.15
N PHE B 59 -4.80 1.38 -23.29
CA PHE B 59 -5.42 2.09 -22.18
C PHE B 59 -4.89 3.53 -22.13
N PHE B 60 -5.69 4.40 -21.52
CA PHE B 60 -5.34 5.82 -21.33
C PHE B 60 -5.29 6.15 -19.83
N ALA B 61 -4.22 6.79 -19.42
CA ALA B 61 -4.07 7.36 -18.11
C ALA B 61 -3.88 8.88 -18.20
N PHE B 62 -3.78 9.53 -17.03
CA PHE B 62 -3.72 10.99 -17.05
C PHE B 62 -2.33 11.56 -17.24
N ASN B 63 -1.27 10.90 -16.76
CA ASN B 63 0.09 11.43 -16.95
C ASN B 63 1.10 10.29 -16.93
N GLY B 64 2.35 10.63 -17.20
CA GLY B 64 3.39 9.61 -17.35
C GLY B 64 3.77 8.95 -16.02
N THR B 65 3.69 9.68 -14.91
CA THR B 65 4.11 9.13 -13.63
C THR B 65 3.21 7.95 -13.26
N ALA B 66 1.89 8.12 -13.43
CA ALA B 66 0.91 7.07 -13.15
C ALA B 66 1.00 5.96 -14.18
N ALA B 67 1.15 6.34 -15.45
CA ALA B 67 1.21 5.36 -16.53
C ALA B 67 2.36 4.39 -16.31
N ASN B 68 3.54 4.92 -16.05
CA ASN B 68 4.68 4.09 -15.71
C ASN B 68 4.47 3.31 -14.41
N SER B 69 3.90 3.98 -13.42
CA SER B 69 3.73 3.34 -12.12
C SER B 69 2.69 2.23 -12.20
N LEU B 70 1.60 2.46 -12.96
CA LEU B 70 0.62 1.42 -13.24
C LEU B 70 1.21 0.27 -14.04
N ALA B 71 1.86 0.56 -15.16
CA ALA B 71 2.42 -0.49 -15.99
C ALA B 71 3.40 -1.38 -15.19
N LEU B 72 4.32 -0.77 -14.44
CA LEU B 72 5.29 -1.57 -13.69
C LEU B 72 4.62 -2.42 -12.61
N ALA B 73 3.59 -1.90 -11.96
CA ALA B 73 2.90 -2.65 -10.92
C ALA B 73 2.16 -3.85 -11.48
N SER B 74 1.82 -3.78 -12.77
CA SER B 74 1.06 -4.87 -13.35
C SER B 74 1.97 -6.02 -13.73
N LEU B 75 3.29 -5.78 -13.72
CA LEU B 75 4.27 -6.69 -14.28
C LEU B 75 5.00 -7.49 -13.22
N CYS B 76 4.71 -7.28 -11.95
CA CYS B 76 5.35 -8.08 -10.90
C CYS B 76 4.69 -7.75 -9.55
N GLN B 77 5.06 -8.53 -8.55
CA GLN B 77 4.47 -8.37 -7.24
C GLN B 77 5.29 -7.39 -6.40
N SER B 78 4.69 -6.94 -5.30
CA SER B 78 5.38 -6.05 -4.37
C SER B 78 6.66 -6.67 -3.82
N TYR B 79 6.73 -7.99 -3.76
CA TYR B 79 7.93 -8.69 -3.27
C TYR B 79 8.87 -9.05 -4.40
N HIS B 80 8.65 -8.50 -5.60
CA HIS B 80 9.60 -8.53 -6.69
C HIS B 80 10.18 -7.14 -6.90
N SER B 81 11.26 -7.06 -7.68
CA SER B 81 11.97 -5.81 -7.88
C SER B 81 11.98 -5.45 -9.37
N VAL B 82 12.26 -4.18 -9.62
CA VAL B 82 12.27 -3.58 -10.95
C VAL B 82 13.70 -3.11 -11.17
N ILE B 83 14.26 -3.44 -12.32
CA ILE B 83 15.59 -2.95 -12.69
C ILE B 83 15.44 -1.73 -13.59
N CYS B 84 16.09 -0.62 -13.20
CA CYS B 84 16.12 0.63 -13.99
C CYS B 84 17.52 1.25 -13.99
N SER B 85 17.67 2.30 -14.79
CA SER B 85 18.89 3.06 -14.82
C SER B 85 18.93 4.09 -13.68
N GLU B 86 20.13 4.64 -13.45
CA GLU B 86 20.30 5.63 -12.38
C GLU B 86 19.64 6.96 -12.71
N THR B 87 19.37 7.20 -13.99
CA THR B 87 18.76 8.45 -14.43
C THR B 87 17.31 8.26 -14.89
N ALA B 88 16.77 7.03 -14.79
CA ALA B 88 15.38 6.76 -15.10
C ALA B 88 14.44 7.70 -14.33
N HIS B 89 13.45 8.24 -15.03
CA HIS B 89 12.45 9.10 -14.41
C HIS B 89 11.75 8.36 -13.27
N VAL B 90 11.50 7.06 -13.41
CA VAL B 90 10.85 6.31 -12.34
C VAL B 90 11.68 6.34 -11.05
N GLU B 91 13.00 6.51 -11.16
CA GLU B 91 13.91 6.62 -10.02
C GLU B 91 14.10 8.06 -9.54
N THR B 92 14.17 9.06 -10.43
CA THR B 92 14.57 10.39 -10.03
C THR B 92 13.40 11.39 -9.94
N ASP B 93 12.29 11.21 -10.67
CA ASP B 93 11.39 12.33 -10.88
C ASP B 93 9.92 12.06 -10.57
N GLU B 94 9.59 10.99 -9.82
CA GLU B 94 8.19 10.59 -9.64
C GLU B 94 7.79 10.55 -8.17
N CYS B 95 8.56 11.16 -7.28
CA CYS B 95 8.27 11.26 -5.87
C CYS B 95 7.84 9.93 -5.29
N GLY B 96 8.56 8.88 -5.69
CA GLY B 96 8.27 7.55 -5.20
C GLY B 96 6.97 6.95 -5.67
N ALA B 97 6.43 7.41 -6.80
CA ALA B 97 5.17 6.85 -7.28
C ALA B 97 5.27 5.37 -7.58
N PRO B 98 6.35 4.85 -8.17
CA PRO B 98 6.35 3.43 -8.49
C PRO B 98 6.17 2.57 -7.25
N GLU B 99 6.81 2.96 -6.15
CA GLU B 99 6.73 2.18 -4.93
C GLU B 99 5.35 2.28 -4.28
N PHE B 100 4.74 3.46 -4.34
CA PHE B 100 3.35 3.63 -3.90
C PHE B 100 2.41 2.74 -4.70
N PHE B 101 2.50 2.79 -6.04
CA PHE B 101 1.54 2.03 -6.86
C PHE B 101 1.72 0.52 -6.78
N SER B 102 2.97 0.05 -6.56
CA SER B 102 3.25 -1.37 -6.46
C SER B 102 3.15 -1.91 -5.03
N ASN B 103 3.01 -1.04 -4.04
CA ASN B 103 3.00 -1.44 -2.65
C ASN B 103 4.36 -2.03 -2.22
N GLY B 104 5.49 -1.56 -2.77
CA GLY B 104 6.78 -1.90 -2.21
C GLY B 104 7.77 -2.61 -3.12
N SER B 105 7.51 -2.67 -4.42
CA SER B 105 8.54 -3.19 -5.31
C SER B 105 9.75 -2.29 -5.26
N LYS B 106 10.89 -2.85 -4.91
CA LYS B 106 12.16 -2.09 -4.90
C LYS B 106 12.66 -1.78 -6.30
N LEU B 107 13.12 -0.56 -6.50
CA LEU B 107 13.80 -0.20 -7.74
C LEU B 107 15.30 -0.39 -7.56
N LEU B 108 15.87 -1.25 -8.39
CA LEU B 108 17.28 -1.59 -8.35
C LEU B 108 17.92 -0.93 -9.55
N THR B 109 18.82 0.01 -9.30
CA THR B 109 19.51 0.69 -10.38
C THR B 109 20.68 -0.13 -10.88
N ALA B 110 20.85 -0.10 -12.19
CA ALA B 110 21.94 -0.73 -12.90
C ALA B 110 22.73 0.33 -13.66
N ALA B 111 23.98 -0.02 -13.99
CA ALA B 111 24.90 0.91 -14.63
C ALA B 111 24.41 1.29 -16.00
N SER B 112 24.67 2.53 -16.38
CA SER B 112 24.24 3.08 -17.66
C SER B 112 25.43 3.57 -18.46
N VAL B 113 25.47 3.23 -19.74
CA VAL B 113 26.46 3.70 -20.70
C VAL B 113 25.72 4.61 -21.68
N ASN B 114 25.89 5.92 -21.53
CA ASN B 114 25.27 6.85 -22.49
C ASN B 114 23.77 6.92 -22.23
N GLY B 115 23.39 6.99 -20.96
CA GLY B 115 22.01 6.89 -20.52
C GLY B 115 21.33 5.56 -20.74
N LYS B 116 22.03 4.52 -21.21
CA LYS B 116 21.40 3.26 -21.58
C LYS B 116 21.86 2.11 -20.71
N LEU B 117 20.92 1.22 -20.39
CA LEU B 117 21.24 -0.08 -19.84
C LEU B 117 21.76 -1.00 -20.93
N THR B 118 22.57 -1.96 -20.51
CA THR B 118 23.07 -3.04 -21.34
C THR B 118 22.66 -4.40 -20.81
N PRO B 119 22.68 -5.43 -21.65
CA PRO B 119 22.44 -6.78 -21.12
C PRO B 119 23.42 -7.12 -20.02
N GLN B 120 24.62 -6.56 -20.08
CA GLN B 120 25.55 -6.86 -19.00
C GLN B 120 25.11 -6.24 -17.69
N SER B 121 24.78 -4.94 -17.67
CA SER B 121 24.43 -4.28 -16.41
C SER B 121 23.15 -4.87 -15.81
N ILE B 122 22.21 -5.28 -16.65
CA ILE B 122 21.01 -5.99 -16.20
C ILE B 122 21.38 -7.34 -15.58
N ARG B 123 22.22 -8.12 -16.26
CA ARG B 123 22.61 -9.44 -15.74
C ARG B 123 23.27 -9.31 -14.38
N GLU B 124 24.13 -8.30 -14.22
CA GLU B 124 24.88 -8.13 -12.97
C GLU B 124 23.96 -7.91 -11.80
N VAL B 125 23.02 -6.97 -11.93
CA VAL B 125 22.05 -6.71 -10.88
C VAL B 125 21.24 -7.95 -10.61
N ALA B 126 20.78 -8.59 -11.68
CA ALA B 126 19.89 -9.74 -11.55
C ALA B 126 20.53 -10.94 -10.87
N LEU B 127 21.80 -11.23 -11.16
CA LEU B 127 22.39 -12.46 -10.67
C LEU B 127 22.84 -12.36 -9.22
N LYS B 128 22.96 -11.16 -8.68
CA LYS B 128 23.32 -10.98 -7.28
C LYS B 128 22.14 -11.19 -6.32
N ARG B 129 20.91 -11.24 -6.84
CA ARG B 129 19.68 -11.15 -6.03
C ARG B 129 18.75 -12.33 -6.29
N GLN B 130 19.28 -13.55 -6.21
CA GLN B 130 18.39 -14.68 -6.27
C GLN B 130 17.93 -15.16 -4.89
N ASP B 131 18.56 -14.67 -3.83
CA ASP B 131 18.18 -15.01 -2.46
C ASP B 131 17.06 -14.12 -1.94
N ILE B 132 16.27 -14.70 -1.04
CA ILE B 132 14.99 -14.15 -0.54
C ILE B 132 15.16 -12.88 0.28
N HIS B 133 16.34 -12.66 0.85
CA HIS B 133 16.70 -11.40 1.44
C HIS B 133 16.46 -10.22 0.52
N TYR B 134 16.66 -10.43 -0.88
CA TYR B 134 16.38 -9.39 -1.84
C TYR B 134 15.09 -9.70 -2.58
N PRO B 135 14.28 -8.69 -2.85
CA PRO B 135 13.17 -8.89 -3.79
C PRO B 135 13.71 -9.39 -5.13
N LYS B 136 13.10 -10.45 -5.64
CA LYS B 136 13.55 -11.06 -6.90
C LYS B 136 13.25 -10.16 -8.11
N PRO B 137 14.23 -9.82 -8.94
CA PRO B 137 13.96 -9.02 -10.14
C PRO B 137 13.00 -9.69 -11.12
N ARG B 138 11.99 -8.94 -11.53
CA ARG B 138 10.99 -9.43 -12.44
C ARG B 138 10.69 -8.51 -13.61
N VAL B 139 11.32 -7.34 -13.68
CA VAL B 139 11.03 -6.33 -14.70
C VAL B 139 12.30 -5.56 -14.96
N VAL B 140 12.52 -5.24 -16.22
CA VAL B 140 13.47 -4.18 -16.60
C VAL B 140 12.66 -3.05 -17.22
N THR B 141 13.00 -1.83 -16.83
CA THR B 141 12.42 -0.66 -17.44
C THR B 141 13.50 0.14 -18.19
N ILE B 142 13.18 0.52 -19.42
CA ILE B 142 14.03 1.40 -20.22
C ILE B 142 13.21 2.59 -20.69
N THR B 143 13.94 3.66 -20.94
CA THR B 143 13.39 4.94 -21.38
C THR B 143 13.83 5.27 -22.81
N GLN B 144 12.87 5.54 -23.68
CA GLN B 144 13.14 5.74 -25.10
C GLN B 144 12.34 6.90 -25.69
N ALA B 145 12.96 7.99 -26.08
CA ALA B 145 14.35 8.27 -25.86
C ALA B 145 14.64 8.44 -24.38
N THR B 146 15.91 8.29 -24.02
CA THR B 146 16.33 8.37 -22.63
C THR B 146 16.27 9.78 -22.10
N GLU B 147 16.46 9.88 -20.77
CA GLU B 147 16.47 11.14 -20.06
C GLU B 147 17.70 11.98 -20.35
N VAL B 148 18.68 11.44 -21.07
CA VAL B 148 19.79 12.28 -21.52
C VAL B 148 19.79 12.40 -23.04
N GLY B 149 18.63 12.17 -23.66
CA GLY B 149 18.42 12.46 -25.06
C GLY B 149 19.12 11.50 -26.00
N THR B 150 19.38 10.28 -25.55
CA THR B 150 19.95 9.27 -26.42
C THR B 150 18.85 8.28 -26.81
N VAL B 151 19.14 7.44 -27.79
CA VAL B 151 18.15 6.52 -28.30
C VAL B 151 18.72 5.12 -28.27
N TYR B 152 17.88 4.14 -27.93
CA TYR B 152 18.23 2.74 -28.09
C TYR B 152 17.90 2.32 -29.50
N ARG B 153 18.80 1.59 -30.14
CA ARG B 153 18.51 1.16 -31.49
C ARG B 153 17.91 -0.24 -31.48
N PRO B 154 17.19 -0.62 -32.53
CA PRO B 154 16.50 -1.92 -32.48
C PRO B 154 17.42 -3.03 -32.12
N ASP B 155 18.69 -2.96 -32.49
CA ASP B 155 19.62 -4.03 -32.13
C ASP B 155 19.90 -3.98 -30.63
N GLU B 156 20.13 -2.80 -30.10
CA GLU B 156 20.33 -2.65 -28.67
C GLU B 156 19.13 -3.19 -27.89
N LEU B 157 17.91 -2.94 -28.39
CA LEU B 157 16.70 -3.46 -27.75
C LEU B 157 16.57 -4.97 -27.82
N LYS B 158 16.90 -5.58 -28.97
CA LYS B 158 16.78 -7.02 -29.10
C LYS B 158 17.68 -7.72 -28.08
N ALA B 159 18.88 -7.18 -27.87
CA ALA B 159 19.80 -7.79 -26.91
C ALA B 159 19.22 -7.75 -25.51
N ILE B 160 18.68 -6.60 -25.09
CA ILE B 160 18.09 -6.50 -23.76
C ILE B 160 16.93 -7.46 -23.66
N SER B 161 16.11 -7.53 -24.70
CA SER B 161 14.94 -8.42 -24.67
C SER B 161 15.35 -9.88 -24.50
N ALA B 162 16.48 -10.27 -25.10
CA ALA B 162 16.94 -11.65 -24.94
C ALA B 162 17.31 -11.92 -23.49
N THR B 163 18.18 -11.09 -22.93
CA THR B 163 18.50 -11.20 -21.51
C THR B 163 17.23 -11.26 -20.66
N CYS B 164 16.31 -10.31 -20.85
CA CYS B 164 15.10 -10.36 -20.03
C CYS B 164 14.40 -11.71 -20.17
N LYS B 165 14.41 -12.27 -21.38
CA LYS B 165 13.71 -13.53 -21.59
C LYS B 165 14.47 -14.69 -20.99
N GLU B 166 15.81 -14.59 -20.96
CA GLU B 166 16.63 -15.60 -20.31
C GLU B 166 16.44 -15.58 -18.81
N LEU B 167 16.28 -14.39 -18.23
CA LEU B 167 16.15 -14.24 -16.79
C LEU B 167 14.72 -14.17 -16.33
N GLY B 168 13.77 -14.49 -17.21
CA GLY B 168 12.36 -14.44 -16.81
C GLY B 168 11.89 -13.06 -16.45
N LEU B 169 12.46 -12.00 -17.09
CA LEU B 169 12.06 -10.63 -16.82
C LEU B 169 11.14 -10.07 -17.90
N ASN B 170 10.06 -9.42 -17.47
CA ASN B 170 9.29 -8.58 -18.34
C ASN B 170 10.11 -7.34 -18.67
N LEU B 171 9.75 -6.68 -19.77
CA LEU B 171 10.46 -5.52 -20.29
C LEU B 171 9.49 -4.37 -20.49
N HIS B 172 9.67 -3.27 -19.74
CA HIS B 172 8.78 -2.12 -19.89
C HIS B 172 9.53 -0.95 -20.55
N MET B 173 8.84 -0.21 -21.43
CA MET B 173 9.43 1.00 -22.04
C MET B 173 8.66 2.25 -21.65
N ASP B 174 9.37 3.18 -21.01
CA ASP B 174 8.92 4.54 -20.80
C ASP B 174 9.13 5.33 -22.09
N GLY B 175 8.05 5.51 -22.88
CA GLY B 175 8.15 6.26 -24.11
C GLY B 175 7.58 7.65 -23.95
N ALA B 176 8.03 8.37 -22.92
CA ALA B 176 7.60 9.74 -22.77
C ALA B 176 8.00 10.54 -24.01
N ARG B 177 9.17 10.22 -24.56
CA ARG B 177 9.72 10.80 -25.78
C ARG B 177 9.84 9.72 -26.84
N PHE B 178 8.88 8.79 -26.87
CA PHE B 178 8.95 7.76 -27.89
C PHE B 178 8.96 8.38 -29.30
N THR B 179 8.11 9.38 -29.53
CA THR B 179 8.05 10.09 -30.81
C THR B 179 9.41 10.58 -31.27
N ASN B 180 10.19 11.16 -30.36
CA ASN B 180 11.49 11.68 -30.73
C ASN B 180 12.42 10.58 -31.19
N ALA B 181 12.28 9.38 -30.64
CA ALA B 181 13.13 8.26 -31.06
C ALA B 181 12.67 7.69 -32.41
N CYS B 182 11.36 7.60 -32.66
CA CYS B 182 10.92 7.12 -33.96
C CYS B 182 11.36 8.06 -35.06
N ALA B 183 11.17 9.36 -34.85
CA ALA B 183 11.50 10.36 -35.87
C ALA B 183 12.97 10.32 -36.20
N PHE B 184 13.81 10.21 -35.18
CA PHE B 184 15.23 10.26 -35.37
C PHE B 184 15.69 9.08 -36.20
N LEU B 185 15.25 7.89 -35.82
CA LEU B 185 15.80 6.67 -36.40
C LEU B 185 15.10 6.31 -37.70
N GLY B 186 13.88 6.78 -37.90
CA GLY B 186 13.13 6.42 -39.09
C GLY B 186 12.56 5.03 -39.15
N CYS B 187 12.65 4.25 -38.06
CA CYS B 187 12.03 2.93 -37.90
C CYS B 187 10.51 3.05 -37.80
N SER B 188 9.88 1.89 -37.86
CA SER B 188 8.48 1.78 -37.51
C SER B 188 8.34 1.67 -36.00
N PRO B 189 7.21 2.11 -35.45
CA PRO B 189 7.00 1.90 -34.01
C PRO B 189 7.17 0.43 -33.61
N ALA B 190 6.54 -0.48 -34.35
CA ALA B 190 6.59 -1.90 -34.04
C ALA B 190 8.02 -2.41 -33.94
N GLU B 191 8.94 -1.85 -34.71
CA GLU B 191 10.34 -2.28 -34.70
C GLU B 191 11.09 -1.77 -33.51
N LEU B 192 10.58 -0.73 -32.88
CA LEU B 192 11.19 -0.14 -31.72
C LEU B 192 10.48 -0.59 -30.44
N THR B 193 9.43 -1.41 -30.56
CA THR B 193 8.77 -1.98 -29.40
C THR B 193 8.68 -3.52 -29.50
N TRP B 194 7.54 -4.07 -29.94
CA TRP B 194 7.30 -5.51 -29.73
C TRP B 194 8.14 -6.39 -30.64
N LYS B 195 8.45 -5.97 -31.87
CA LYS B 195 9.37 -6.74 -32.68
C LYS B 195 10.75 -6.84 -32.05
N ALA B 196 11.06 -6.04 -31.04
CA ALA B 196 12.29 -6.20 -30.30
C ALA B 196 12.01 -6.69 -28.89
N GLY B 197 10.77 -7.12 -28.63
CA GLY B 197 10.45 -7.73 -27.36
C GLY B 197 9.99 -6.82 -26.25
N VAL B 198 9.61 -5.58 -26.53
CA VAL B 198 9.00 -4.78 -25.47
C VAL B 198 7.63 -5.38 -25.16
N ASP B 199 7.33 -5.54 -23.88
CA ASP B 199 6.00 -6.01 -23.54
C ASP B 199 4.99 -4.90 -23.36
N VAL B 200 5.37 -3.75 -22.79
CA VAL B 200 4.41 -2.68 -22.51
C VAL B 200 5.10 -1.38 -22.81
N LEU B 201 4.41 -0.48 -23.51
CA LEU B 201 4.91 0.84 -23.85
C LEU B 201 4.02 1.90 -23.23
N CYS B 202 4.64 2.85 -22.49
CA CYS B 202 3.95 4.08 -22.07
C CYS B 202 4.35 5.17 -23.05
N PHE B 203 3.40 5.60 -23.84
CA PHE B 203 3.61 6.44 -25.02
C PHE B 203 3.12 7.83 -24.63
N GLY B 204 4.04 8.77 -24.47
CA GLY B 204 3.63 10.09 -24.00
C GLY B 204 2.94 10.93 -25.09
N GLY B 205 1.85 11.60 -24.70
CA GLY B 205 1.16 12.56 -25.54
C GLY B 205 1.34 14.00 -25.10
N THR B 206 1.26 14.22 -23.78
CA THR B 206 1.43 15.54 -23.19
C THR B 206 2.64 16.26 -23.77
N LYS B 207 3.82 15.64 -23.69
CA LYS B 207 5.03 16.32 -24.11
C LYS B 207 4.99 16.69 -25.59
N ASN B 208 4.25 15.92 -26.39
CA ASN B 208 4.18 16.17 -27.82
C ASN B 208 2.82 16.76 -28.22
N GLY B 209 2.38 17.82 -27.54
CA GLY B 209 1.28 18.61 -28.02
C GLY B 209 -0.08 18.34 -27.43
N MET B 210 -0.18 17.61 -26.33
CA MET B 210 -1.47 17.40 -25.71
C MET B 210 -1.57 18.12 -24.39
N ALA B 211 -2.81 18.26 -23.94
CA ALA B 211 -3.15 18.91 -22.69
C ALA B 211 -2.90 18.02 -21.51
N VAL B 212 -3.19 16.70 -21.67
CA VAL B 212 -3.15 15.71 -20.60
C VAL B 212 -3.19 14.37 -21.29
N GLY B 213 -2.75 13.32 -20.60
CA GLY B 213 -3.04 11.97 -21.02
C GLY B 213 -1.86 11.25 -21.61
N GLU B 214 -1.68 9.99 -21.27
N GLU B 214 -1.76 9.95 -21.30
CA GLU B 214 -0.70 9.17 -21.94
CA GLU B 214 -0.69 9.08 -21.78
C GLU B 214 -1.37 7.87 -22.34
C GLU B 214 -1.26 7.73 -22.19
N ALA B 215 -0.83 7.22 -23.34
CA ALA B 215 -1.35 5.93 -23.78
C ALA B 215 -0.48 4.80 -23.22
N ILE B 216 -1.13 3.74 -22.76
CA ILE B 216 -0.43 2.52 -22.34
C ILE B 216 -0.79 1.41 -23.33
N LEU B 217 0.24 0.81 -23.93
CA LEU B 217 0.04 -0.23 -24.94
C LEU B 217 0.61 -1.56 -24.45
N PHE B 218 -0.26 -2.56 -24.33
CA PHE B 218 0.20 -3.89 -23.96
C PHE B 218 0.32 -4.70 -25.24
N PHE B 219 1.54 -5.07 -25.57
CA PHE B 219 1.79 -5.97 -26.68
C PHE B 219 1.67 -7.43 -26.27
N ASN B 220 1.99 -7.73 -25.04
CA ASN B 220 1.80 -9.06 -24.47
C ASN B 220 0.52 -8.99 -23.66
N ARG B 221 -0.54 -9.57 -24.16
CA ARG B 221 -1.87 -9.34 -23.62
C ARG B 221 -2.22 -10.22 -22.42
N GLN B 222 -1.48 -11.31 -22.17
CA GLN B 222 -1.64 -11.97 -20.89
C GLN B 222 -1.38 -10.98 -19.75
N LEU B 223 -0.42 -10.09 -19.94
CA LEU B 223 -0.06 -9.13 -18.91
C LEU B 223 -1.11 -8.06 -18.64
N ALA B 224 -2.15 -7.95 -19.46
CA ALA B 224 -3.07 -6.83 -19.37
C ALA B 224 -4.38 -7.23 -18.74
N GLU B 225 -4.48 -8.45 -18.24
CA GLU B 225 -5.75 -8.87 -17.68
C GLU B 225 -6.11 -7.93 -16.53
N ASP B 226 -7.32 -7.37 -16.60
CA ASP B 226 -7.95 -6.54 -15.57
C ASP B 226 -7.25 -5.20 -15.36
N PHE B 227 -6.36 -4.79 -16.28
CA PHE B 227 -5.66 -3.51 -16.12
C PHE B 227 -6.66 -2.38 -15.94
N ASP B 228 -7.87 -2.49 -16.52
CA ASP B 228 -8.82 -1.39 -16.39
C ASP B 228 -9.29 -1.23 -14.96
N TYR B 229 -9.40 -2.31 -14.22
CA TYR B 229 -9.74 -2.22 -12.81
C TYR B 229 -8.60 -1.63 -12.01
N ARG B 230 -7.37 -2.05 -12.29
CA ARG B 230 -6.22 -1.43 -11.67
C ARG B 230 -6.26 0.09 -11.83
N CYS B 231 -6.44 0.58 -13.09
CA CYS B 231 -6.46 2.01 -13.33
C CYS B 231 -7.61 2.68 -12.60
N LYS B 232 -8.78 2.05 -12.60
CA LYS B 232 -9.91 2.71 -11.93
C LYS B 232 -9.60 2.88 -10.45
N GLN B 233 -9.16 1.82 -9.81
CA GLN B 233 -8.87 1.88 -8.37
C GLN B 233 -7.76 2.87 -8.11
N ALA B 234 -6.86 3.05 -9.07
CA ALA B 234 -5.79 4.01 -8.88
C ALA B 234 -6.19 5.44 -9.21
N GLY B 235 -7.47 5.74 -9.48
CA GLY B 235 -7.82 7.13 -9.74
C GLY B 235 -7.41 7.62 -11.11
N GLN B 236 -7.19 6.71 -12.05
CA GLN B 236 -6.62 7.01 -13.34
C GLN B 236 -7.59 6.77 -14.50
N LEU B 237 -8.90 6.77 -14.26
CA LEU B 237 -9.92 6.53 -15.27
C LEU B 237 -10.68 7.81 -15.55
N ALA B 238 -10.62 8.27 -16.79
CA ALA B 238 -11.27 9.50 -17.19
C ALA B 238 -12.78 9.25 -17.33
N SER B 239 -13.57 10.11 -16.69
CA SER B 239 -15.01 10.14 -16.92
C SER B 239 -15.32 10.55 -18.37
N LYS B 240 -14.68 11.59 -18.86
CA LYS B 240 -14.86 12.05 -20.24
C LYS B 240 -13.66 11.61 -21.08
N MET B 241 -13.58 10.29 -21.25
CA MET B 241 -12.41 9.69 -21.89
C MET B 241 -12.14 10.23 -23.29
N ARG B 242 -13.17 10.71 -24.03
CA ARG B 242 -12.92 11.20 -25.41
C ARG B 242 -11.90 12.32 -25.44
N PHE B 243 -11.83 13.11 -24.37
CA PHE B 243 -10.85 14.20 -24.34
C PHE B 243 -9.43 13.71 -24.01
N LEU B 244 -9.26 12.45 -23.65
CA LEU B 244 -7.93 11.86 -23.66
C LEU B 244 -7.64 11.15 -24.97
N SER B 245 -8.64 10.50 -25.55
CA SER B 245 -8.37 9.65 -26.70
C SER B 245 -8.55 10.41 -28.01
N ALA B 246 -9.54 11.31 -28.14
CA ALA B 246 -9.69 12.05 -29.40
C ALA B 246 -8.37 12.70 -29.85
N PRO B 247 -7.59 13.34 -28.98
CA PRO B 247 -6.34 13.93 -29.45
C PRO B 247 -5.37 12.96 -30.07
N TRP B 248 -5.45 11.66 -29.73
CA TRP B 248 -4.57 10.70 -30.40
C TRP B 248 -5.03 10.39 -31.83
N VAL B 249 -6.33 10.52 -32.10
CA VAL B 249 -6.80 10.48 -33.48
C VAL B 249 -6.22 11.65 -34.25
N GLY B 250 -6.34 12.85 -33.68
CA GLY B 250 -5.66 14.01 -34.24
C GLY B 250 -4.20 13.76 -34.55
N LEU B 251 -3.47 13.19 -33.61
CA LEU B 251 -2.02 13.09 -33.77
C LEU B 251 -1.60 11.93 -34.67
N LEU B 252 -2.46 10.94 -34.86
CA LEU B 252 -2.06 9.70 -35.52
C LEU B 252 -2.67 9.53 -36.91
N GLU B 253 -3.79 10.18 -37.20
CA GLU B 253 -4.47 9.91 -38.47
C GLU B 253 -3.62 10.20 -39.69
N ASP B 254 -2.70 11.17 -39.61
N ASP B 254 -2.69 11.16 -39.61
CA ASP B 254 -2.01 11.63 -40.82
CA ASP B 254 -2.01 11.62 -40.82
C ASP B 254 -0.58 12.04 -40.53
C ASP B 254 -0.56 11.99 -40.57
N GLY B 255 0.06 11.42 -39.54
CA GLY B 255 1.48 11.64 -39.31
C GLY B 255 1.90 12.88 -38.51
N ALA B 256 0.97 13.67 -37.97
CA ALA B 256 1.36 14.84 -37.19
C ALA B 256 2.30 14.48 -36.03
N TRP B 257 2.05 13.38 -35.31
CA TRP B 257 2.94 13.05 -34.18
C TRP B 257 4.42 13.08 -34.59
N LEU B 258 4.75 12.55 -35.75
CA LEU B 258 6.16 12.52 -36.15
C LEU B 258 6.64 13.86 -36.69
N ARG B 259 5.76 14.61 -37.34
CA ARG B 259 6.12 15.95 -37.74
C ARG B 259 6.53 16.78 -36.54
N HIS B 260 5.74 16.74 -35.47
CA HIS B 260 6.05 17.48 -34.24
C HIS B 260 7.34 16.97 -33.59
N GLY B 261 7.57 15.66 -33.57
CA GLY B 261 8.82 15.16 -33.01
C GLY B 261 10.05 15.50 -33.84
N ASN B 262 9.93 15.43 -35.18
CA ASN B 262 11.06 15.82 -36.02
C ASN B 262 11.37 17.29 -35.83
N HIS B 263 10.33 18.11 -35.68
CA HIS B 263 10.58 19.54 -35.48
C HIS B 263 11.42 19.78 -34.24
N ALA B 264 11.01 19.19 -33.12
CA ALA B 264 11.72 19.39 -31.86
C ALA B 264 13.13 18.81 -31.93
N ASN B 265 13.27 17.67 -32.61
CA ASN B 265 14.61 17.12 -32.83
C ASN B 265 15.48 18.04 -33.68
N HIS B 266 14.95 18.49 -34.84
CA HIS B 266 15.74 19.37 -35.70
C HIS B 266 16.14 20.63 -34.95
N CYS B 267 15.27 21.14 -34.05
CA CYS B 267 15.67 22.33 -33.30
C CYS B 267 16.84 22.04 -32.38
N ALA B 268 16.78 20.91 -31.67
CA ALA B 268 17.89 20.56 -30.78
C ALA B 268 19.17 20.37 -31.58
N GLN B 269 19.07 19.64 -32.69
CA GLN B 269 20.23 19.42 -33.56
C GLN B 269 20.83 20.74 -34.05
N LEU B 270 19.99 21.72 -34.40
CA LEU B 270 20.50 23.00 -34.87
C LEU B 270 21.42 23.63 -33.84
N LEU B 271 20.90 23.77 -32.61
CA LEU B 271 21.64 24.38 -31.51
C LEU B 271 22.99 23.73 -31.36
N ALA B 272 23.02 22.40 -31.36
CA ALA B 272 24.30 21.73 -31.20
C ALA B 272 25.24 22.03 -32.37
N LEU B 273 24.71 22.06 -33.59
CA LEU B 273 25.55 22.41 -34.72
C LEU B 273 26.10 23.81 -34.57
N LEU B 274 25.25 24.76 -34.17
CA LEU B 274 25.68 26.14 -34.04
C LEU B 274 26.72 26.36 -32.94
N VAL B 275 26.84 25.47 -31.94
CA VAL B 275 27.67 25.81 -30.78
C VAL B 275 28.68 24.74 -30.44
N SER B 276 28.59 23.52 -30.95
CA SER B 276 29.41 22.46 -30.39
C SER B 276 30.85 22.52 -30.88
N ASP B 277 31.17 23.47 -31.75
CA ASP B 277 32.54 23.70 -32.19
C ASP B 277 33.21 24.84 -31.44
N LEU B 278 32.56 25.43 -30.49
CA LEU B 278 33.21 26.51 -29.78
C LEU B 278 34.10 25.95 -28.68
N PRO B 279 35.17 26.67 -28.34
CA PRO B 279 36.09 26.17 -27.30
C PRO B 279 35.48 26.32 -25.91
N GLY B 280 35.63 25.27 -25.11
CA GLY B 280 35.09 25.27 -23.76
C GLY B 280 33.63 24.88 -23.72
N VAL B 281 33.17 24.12 -24.71
CA VAL B 281 31.79 23.69 -24.84
C VAL B 281 31.83 22.27 -25.38
N GLU B 282 31.49 21.31 -24.52
CA GLU B 282 31.47 19.91 -24.91
C GLU B 282 30.03 19.42 -24.84
N LEU B 283 29.63 18.71 -25.90
CA LEU B 283 28.36 18.02 -25.98
C LEU B 283 28.53 16.73 -25.21
N MET B 284 27.79 16.58 -24.11
CA MET B 284 27.96 15.42 -23.24
C MET B 284 27.38 14.15 -23.84
N PHE B 285 26.40 14.25 -24.73
CA PHE B 285 25.73 13.09 -25.30
C PHE B 285 25.31 13.44 -26.72
N PRO B 286 25.25 12.46 -27.60
CA PRO B 286 24.75 12.74 -28.94
C PRO B 286 23.32 13.22 -28.86
N VAL B 287 23.02 14.21 -29.70
CA VAL B 287 21.69 14.76 -29.80
C VAL B 287 20.81 13.82 -30.59
N GLU B 288 20.23 12.78 -29.94
CA GLU B 288 19.45 11.78 -30.66
C GLU B 288 17.99 11.98 -30.43
N ALA B 289 17.62 13.04 -29.71
CA ALA B 289 16.21 13.39 -29.51
C ALA B 289 16.08 14.91 -29.49
N ASN B 290 15.37 15.48 -28.51
CA ASN B 290 15.08 16.91 -28.52
C ASN B 290 15.80 17.69 -27.43
N GLY B 291 16.89 17.17 -26.90
CA GLY B 291 17.60 17.87 -25.85
C GLY B 291 19.07 18.01 -26.16
N VAL B 292 19.66 19.04 -25.56
CA VAL B 292 21.06 19.36 -25.78
C VAL B 292 21.75 19.52 -24.44
N PHE B 293 22.80 18.72 -24.22
CA PHE B 293 23.52 18.65 -22.96
C PHE B 293 24.95 19.14 -23.18
N LEU B 294 25.26 20.30 -22.62
CA LEU B 294 26.53 20.96 -22.88
C LEU B 294 27.30 21.20 -21.59
N GLN B 295 28.55 20.74 -21.57
CA GLN B 295 29.50 21.18 -20.54
C GLN B 295 29.97 22.56 -20.93
N MET B 296 29.76 23.51 -20.04
CA MET B 296 30.30 24.85 -20.21
C MET B 296 30.89 25.31 -18.88
N PRO B 297 31.62 26.43 -18.89
CA PRO B 297 32.11 27.01 -17.63
C PRO B 297 31.02 27.68 -16.82
N GLU B 298 31.42 28.44 -15.80
CA GLU B 298 30.49 29.10 -14.89
C GLU B 298 29.64 30.12 -15.64
N HIS B 299 29.88 30.27 -16.94
CA HIS B 299 29.08 31.11 -17.82
C HIS B 299 27.63 30.63 -17.96
N ALA B 300 27.22 29.61 -17.20
CA ALA B 300 25.81 29.33 -17.07
C ALA B 300 25.07 30.58 -16.60
N ILE B 301 25.61 31.28 -15.59
CA ILE B 301 25.04 32.55 -15.12
C ILE B 301 25.05 33.54 -16.26
N GLU B 302 26.13 33.54 -17.04
CA GLU B 302 26.22 34.41 -18.21
C GLU B 302 25.03 34.19 -19.15
N ALA B 303 24.85 32.97 -19.69
CA ALA B 303 23.65 32.75 -20.50
C ALA B 303 22.39 32.92 -19.65
N LEU B 304 22.47 32.59 -18.36
CA LEU B 304 21.28 32.68 -17.50
C LEU B 304 20.87 34.12 -17.25
N ARG B 305 21.82 34.96 -16.87
CA ARG B 305 21.45 36.35 -16.66
C ARG B 305 21.05 37.03 -17.98
N ALA B 306 21.67 36.63 -19.10
CA ALA B 306 21.51 37.32 -20.37
C ALA B 306 20.09 37.18 -20.89
N LYS B 307 19.21 38.11 -20.50
CA LYS B 307 17.78 38.10 -20.84
C LYS B 307 17.07 36.90 -20.26
N GLY B 308 17.68 36.19 -19.31
CA GLY B 308 16.97 35.13 -18.64
C GLY B 308 16.50 34.09 -19.62
N TRP B 309 17.44 33.59 -20.40
CA TRP B 309 17.32 32.25 -20.90
C TRP B 309 16.97 31.35 -19.73
N ARG B 310 15.95 30.52 -19.88
CA ARG B 310 15.53 29.61 -18.83
C ARG B 310 15.85 28.17 -19.25
N PHE B 311 16.53 27.46 -18.38
CA PHE B 311 17.02 26.12 -18.68
C PHE B 311 17.54 25.51 -17.39
N TYR B 312 17.91 24.24 -17.49
CA TYR B 312 18.23 23.41 -16.33
C TYR B 312 19.73 23.13 -16.27
N THR B 313 20.26 23.08 -15.05
CA THR B 313 21.69 23.19 -14.79
C THR B 313 22.35 21.93 -14.26
N PHE B 314 21.57 20.92 -13.88
CA PHE B 314 22.02 19.87 -12.96
C PHE B 314 22.26 20.43 -11.55
N ILE B 315 22.38 19.52 -10.58
CA ILE B 315 23.13 19.76 -9.36
C ILE B 315 24.63 19.73 -9.71
N GLY B 316 24.95 19.93 -10.99
CA GLY B 316 26.32 19.97 -11.47
C GLY B 316 26.72 21.39 -11.83
N SER B 317 27.98 21.74 -11.53
CA SER B 317 28.50 23.09 -11.74
C SER B 317 28.35 23.50 -13.21
N GLY B 318 29.24 22.99 -14.08
CA GLY B 318 29.32 23.41 -15.47
C GLY B 318 28.72 22.44 -16.47
N GLY B 319 27.42 22.16 -16.32
CA GLY B 319 26.67 21.37 -17.29
C GLY B 319 25.23 21.87 -17.44
N ALA B 320 24.77 22.12 -18.66
CA ALA B 320 23.45 22.69 -18.86
C ALA B 320 22.64 21.84 -19.85
N ARG B 321 21.33 21.90 -19.72
CA ARG B 321 20.43 21.12 -20.55
C ARG B 321 19.44 22.04 -21.23
N PHE B 322 19.44 22.01 -22.55
CA PHE B 322 18.49 22.78 -23.33
C PHE B 322 17.54 21.81 -24.00
N MET B 323 16.25 22.11 -23.91
CA MET B 323 15.18 21.24 -24.34
C MET B 323 14.27 21.98 -25.30
N CYS B 324 13.94 21.32 -26.42
CA CYS B 324 13.11 21.88 -27.47
C CYS B 324 11.79 21.12 -27.57
N SER B 325 10.74 21.81 -27.98
CA SER B 325 9.41 21.25 -28.08
C SER B 325 8.86 21.40 -29.50
N TRP B 326 7.63 20.94 -29.67
CA TRP B 326 6.99 20.94 -30.97
C TRP B 326 6.78 22.35 -31.49
N ASP B 327 6.80 23.35 -30.62
CA ASP B 327 6.49 24.74 -30.95
C ASP B 327 7.66 25.68 -30.69
N THR B 328 8.84 25.15 -30.46
CA THR B 328 10.04 25.97 -30.44
C THR B 328 10.28 26.63 -31.80
N GLU B 329 10.52 27.94 -31.79
CA GLU B 329 10.86 28.65 -33.02
C GLU B 329 12.35 28.49 -33.26
N GLU B 330 12.69 28.09 -34.50
CA GLU B 330 14.09 28.04 -34.89
C GLU B 330 14.79 29.37 -34.60
N GLU B 331 14.11 30.50 -34.77
CA GLU B 331 14.79 31.75 -34.53
C GLU B 331 15.21 31.90 -33.07
N ARG B 332 14.38 31.45 -32.12
CA ARG B 332 14.78 31.47 -30.71
C ARG B 332 16.04 30.65 -30.50
N VAL B 333 16.12 29.50 -31.16
CA VAL B 333 17.34 28.70 -31.11
C VAL B 333 18.53 29.52 -31.61
N ARG B 334 18.38 30.16 -32.78
CA ARG B 334 19.46 30.99 -33.32
C ARG B 334 19.81 32.13 -32.36
N GLU B 335 18.82 32.84 -31.81
CA GLU B 335 19.14 33.82 -30.76
C GLU B 335 19.95 33.19 -29.64
N LEU B 336 19.55 32.01 -29.15
CA LEU B 336 20.25 31.41 -28.03
C LEU B 336 21.69 31.07 -28.38
N ALA B 337 21.89 30.33 -29.48
CA ALA B 337 23.25 29.92 -29.85
C ALA B 337 24.16 31.13 -30.07
N ALA B 338 23.60 32.20 -30.63
CA ALA B 338 24.34 33.45 -30.78
C ALA B 338 24.86 33.95 -29.44
N ASP B 339 23.95 34.14 -28.48
CA ASP B 339 24.38 34.61 -27.16
C ASP B 339 25.38 33.67 -26.52
N ILE B 340 25.33 32.37 -26.84
CA ILE B 340 26.29 31.45 -26.27
C ILE B 340 27.66 31.70 -26.85
N ARG B 341 27.71 32.05 -28.13
CA ARG B 341 28.97 32.29 -28.81
C ARG B 341 29.60 33.60 -28.37
N SER B 342 28.81 34.69 -28.44
CA SER B 342 29.27 35.98 -27.94
C SER B 342 29.92 35.82 -26.59
N ILE B 343 29.23 35.10 -25.72
CA ILE B 343 29.66 34.98 -24.34
C ILE B 343 30.98 34.25 -24.25
N ILE B 344 31.20 33.24 -25.08
CA ILE B 344 32.41 32.44 -24.97
C ILE B 344 33.60 33.10 -25.65
N THR B 345 33.35 33.94 -26.65
CA THR B 345 34.41 34.63 -27.35
C THR B 345 34.82 35.93 -26.65
N ALA B 346 33.97 36.45 -25.77
CA ALA B 346 34.29 37.68 -25.03
C ALA B 346 35.38 37.41 -23.99
N SER C 5 29.30 -30.13 16.93
CA SER C 5 29.95 -29.14 16.07
C SER C 5 29.00 -27.95 15.81
N GLN C 6 29.24 -26.86 16.54
CA GLN C 6 28.56 -25.59 16.33
C GLN C 6 29.31 -24.75 15.29
N GLN C 7 28.71 -23.63 14.88
CA GLN C 7 29.19 -22.97 13.68
C GLN C 7 29.22 -21.47 13.88
N PHE C 8 29.72 -20.80 12.83
CA PHE C 8 29.96 -19.37 12.80
C PHE C 8 29.20 -18.70 11.65
N ALA C 9 28.13 -19.36 11.19
CA ALA C 9 27.26 -18.81 10.15
C ALA C 9 26.59 -17.52 10.59
N SER C 10 25.86 -17.55 11.72
CA SER C 10 25.26 -16.32 12.25
C SER C 10 24.68 -16.56 13.64
N ASP C 11 24.62 -15.47 14.42
CA ASP C 11 23.93 -15.49 15.70
C ASP C 11 22.39 -15.73 15.60
N ASN C 12 21.80 -15.88 14.40
CA ASN C 12 20.42 -16.34 14.29
C ASN C 12 20.28 -17.83 14.47
N TYR C 13 21.39 -18.58 14.46
CA TYR C 13 21.36 -20.03 14.58
C TYR C 13 21.49 -20.49 16.03
N SER C 14 21.83 -19.59 16.95
CA SER C 14 21.93 -19.90 18.36
C SER C 14 20.56 -20.18 18.97
N GLY C 15 20.59 -20.74 20.18
CA GLY C 15 19.38 -21.21 20.83
C GLY C 15 18.85 -20.19 21.81
N ILE C 16 17.93 -20.65 22.65
CA ILE C 16 17.39 -19.82 23.71
C ILE C 16 18.34 -19.92 24.91
N CYS C 17 18.75 -18.79 25.46
CA CYS C 17 19.60 -18.80 26.61
C CYS C 17 18.80 -19.18 27.85
N PRO C 18 19.48 -19.50 28.97
CA PRO C 18 18.76 -20.09 30.12
C PRO C 18 17.89 -19.08 30.84
N GLU C 19 18.33 -17.84 30.92
CA GLU C 19 17.47 -16.81 31.53
C GLU C 19 16.22 -16.53 30.71
N ALA C 20 16.31 -16.57 29.38
CA ALA C 20 15.10 -16.42 28.58
C ALA C 20 14.19 -17.62 28.78
N TRP C 21 14.76 -18.82 28.70
CA TRP C 21 13.95 -20.02 28.88
C TRP C 21 13.30 -20.04 30.25
N ALA C 22 14.00 -19.50 31.25
CA ALA C 22 13.48 -19.51 32.61
C ALA C 22 12.35 -18.51 32.76
N ALA C 23 12.47 -17.35 32.12
CA ALA C 23 11.38 -16.38 32.16
C ALA C 23 10.14 -16.95 31.52
N MET C 24 10.32 -17.79 30.50
CA MET C 24 9.19 -18.30 29.71
C MET C 24 8.46 -19.37 30.48
N GLU C 25 9.19 -20.21 31.20
CA GLU C 25 8.58 -21.20 32.08
C GLU C 25 7.78 -20.52 33.20
N LYS C 26 8.35 -19.53 33.87
CA LYS C 26 7.59 -18.81 34.89
C LYS C 26 6.32 -18.22 34.29
N ALA C 27 6.44 -17.58 33.12
CA ALA C 27 5.28 -16.94 32.48
C ALA C 27 4.22 -17.94 32.04
N ASN C 28 4.56 -19.22 31.93
CA ASN C 28 3.59 -20.23 31.56
C ASN C 28 2.87 -20.85 32.75
N HIS C 29 2.69 -20.13 33.86
CA HIS C 29 1.84 -20.66 34.94
C HIS C 29 0.74 -19.66 35.28
N GLY C 30 -0.45 -19.95 34.74
CA GLY C 30 -1.70 -19.27 34.97
C GLY C 30 -2.40 -18.92 33.67
N HIS C 31 -3.42 -18.08 33.80
CA HIS C 31 -4.02 -17.39 32.67
C HIS C 31 -3.62 -15.92 32.74
N ASP C 32 -3.55 -15.28 31.58
CA ASP C 32 -3.10 -13.90 31.50
C ASP C 32 -3.82 -13.18 30.37
N ARG C 33 -4.06 -11.88 30.55
CA ARG C 33 -4.75 -11.10 29.52
C ARG C 33 -3.83 -10.85 28.32
N ALA C 34 -4.45 -10.79 27.13
CA ALA C 34 -3.75 -10.82 25.85
C ALA C 34 -3.35 -9.42 25.39
N TYR C 35 -2.51 -9.39 24.34
CA TYR C 35 -2.29 -8.22 23.49
C TYR C 35 -1.55 -7.09 24.22
N GLY C 36 -0.80 -7.41 25.27
CA GLY C 36 0.00 -6.44 26.01
C GLY C 36 -0.42 -6.22 27.45
N ASP C 37 -1.66 -6.56 27.81
CA ASP C 37 -2.22 -6.15 29.10
C ASP C 37 -1.94 -7.20 30.18
N ASP C 38 -0.66 -7.39 30.48
CA ASP C 38 -0.29 -8.42 31.43
C ASP C 38 0.90 -7.95 32.25
N GLN C 39 1.13 -8.64 33.37
CA GLN C 39 2.18 -8.25 34.32
C GLN C 39 3.58 -8.35 33.72
N TRP C 40 3.83 -9.38 32.92
CA TRP C 40 5.16 -9.57 32.34
C TRP C 40 5.54 -8.40 31.44
N THR C 41 4.56 -7.88 30.68
CA THR C 41 4.85 -6.78 29.76
C THR C 41 5.09 -5.47 30.52
N GLU C 42 4.37 -5.26 31.63
CA GLU C 42 4.64 -4.04 32.39
C GLU C 42 5.98 -4.16 33.13
N ARG C 43 6.36 -5.36 33.55
CA ARG C 43 7.66 -5.49 34.18
C ARG C 43 8.79 -5.21 33.19
N ALA C 44 8.74 -5.85 32.01
CA ALA C 44 9.79 -5.62 31.02
C ALA C 44 9.86 -4.15 30.64
N SER C 45 8.72 -3.48 30.56
CA SER C 45 8.72 -2.06 30.19
C SER C 45 9.36 -1.22 31.28
N GLU C 46 9.07 -1.56 32.53
CA GLU C 46 9.69 -0.89 33.66
C GLU C 46 11.20 -1.04 33.61
N TYR C 47 11.67 -2.28 33.39
CA TYR C 47 13.09 -2.52 33.20
C TYR C 47 13.67 -1.68 32.07
N PHE C 48 12.93 -1.50 30.98
CA PHE C 48 13.50 -0.72 29.88
C PHE C 48 13.66 0.74 30.28
N ARG C 49 12.65 1.31 30.97
CA ARG C 49 12.72 2.72 31.38
C ARG C 49 13.89 2.97 32.32
N ASN C 50 14.11 2.05 33.25
CA ASN C 50 15.25 2.19 34.17
C ASN C 50 16.56 1.99 33.42
N LEU C 51 16.65 0.94 32.61
CA LEU C 51 17.89 0.72 31.88
C LEU C 51 18.27 1.96 31.08
N PHE C 52 17.30 2.55 30.40
CA PHE C 52 17.61 3.70 29.54
C PHE C 52 17.46 5.02 30.28
N GLU C 53 17.04 4.97 31.54
CA GLU C 53 16.91 6.15 32.39
C GLU C 53 15.98 7.19 31.76
N THR C 54 14.79 6.75 31.37
CA THR C 54 13.89 7.68 30.73
C THR C 54 12.53 7.03 30.66
N ASP C 55 11.50 7.84 30.42
CA ASP C 55 10.14 7.32 30.28
C ASP C 55 9.82 6.94 28.83
N CYS C 56 10.67 6.12 28.23
CA CYS C 56 10.43 5.65 26.88
C CYS C 56 9.17 4.78 26.82
N GLU C 57 8.46 4.86 25.68
CA GLU C 57 7.37 3.94 25.40
C GLU C 57 7.96 2.69 24.76
N VAL C 58 7.41 1.53 25.14
CA VAL C 58 7.92 0.21 24.80
C VAL C 58 6.88 -0.61 24.06
N PHE C 59 7.24 -1.19 22.91
CA PHE C 59 6.41 -2.14 22.19
C PHE C 59 7.20 -3.40 21.83
N PHE C 60 6.46 -4.48 21.57
CA PHE C 60 7.05 -5.77 21.20
C PHE C 60 6.48 -6.23 19.86
N ALA C 61 7.36 -6.39 18.88
CA ALA C 61 7.05 -7.02 17.59
C ALA C 61 7.71 -8.39 17.49
N PHE C 62 7.34 -9.18 16.47
CA PHE C 62 7.78 -10.57 16.35
C PHE C 62 9.22 -10.74 15.84
N ASN C 63 9.71 -9.85 14.99
CA ASN C 63 11.04 -10.02 14.45
C ASN C 63 11.59 -8.65 14.08
N GLY C 64 12.87 -8.64 13.70
CA GLY C 64 13.54 -7.39 13.49
C GLY C 64 13.15 -6.71 12.18
N THR C 65 12.78 -7.51 11.17
CA THR C 65 12.34 -6.96 9.89
C THR C 65 11.08 -6.12 10.08
N ALA C 66 10.15 -6.61 10.87
CA ALA C 66 8.89 -5.91 11.10
C ALA C 66 9.10 -4.72 12.02
N ALA C 67 9.99 -4.89 13.01
CA ALA C 67 10.25 -3.84 13.98
C ALA C 67 10.88 -2.63 13.31
N ASN C 68 11.91 -2.87 12.50
CA ASN C 68 12.50 -1.78 11.72
C ASN C 68 11.47 -1.13 10.80
N SER C 69 10.72 -1.94 10.09
CA SER C 69 9.82 -1.44 9.06
C SER C 69 8.67 -0.64 9.68
N LEU C 70 8.16 -1.08 10.82
CA LEU C 70 7.13 -0.33 11.54
C LEU C 70 7.66 1.00 12.08
N ALA C 71 8.78 0.94 12.80
CA ALA C 71 9.41 2.13 13.34
C ALA C 71 9.60 3.18 12.25
N LEU C 72 10.17 2.80 11.12
CA LEU C 72 10.41 3.78 10.06
C LEU C 72 9.11 4.33 9.49
N ALA C 73 8.11 3.46 9.32
CA ALA C 73 6.84 3.89 8.74
C ALA C 73 6.17 4.91 9.65
N SER C 74 6.42 4.81 10.94
CA SER C 74 5.85 5.77 11.88
C SER C 74 6.60 7.08 11.91
N LEU C 75 7.78 7.15 11.31
CA LEU C 75 8.60 8.36 11.37
C LEU C 75 8.53 9.22 10.13
N CYS C 76 7.74 8.85 9.13
CA CYS C 76 7.57 9.73 7.99
C CYS C 76 6.46 9.19 7.09
N GLN C 77 6.06 10.02 6.13
CA GLN C 77 4.99 9.69 5.21
C GLN C 77 5.54 8.88 4.05
N SER C 78 4.61 8.25 3.32
CA SER C 78 4.91 7.46 2.13
C SER C 78 5.59 8.28 1.07
N TYR C 79 5.33 9.59 1.04
CA TYR C 79 5.95 10.51 0.10
C TYR C 79 7.17 11.21 0.71
N HIS C 80 7.65 10.74 1.85
CA HIS C 80 8.98 11.12 2.33
C HIS C 80 9.93 9.94 2.13
N SER C 81 11.22 10.20 2.28
CA SER C 81 12.24 9.19 2.10
C SER C 81 13.05 9.01 3.37
N VAL C 82 13.74 7.86 3.40
CA VAL C 82 14.54 7.37 4.52
C VAL C 82 15.99 7.25 4.05
N ILE C 83 16.92 7.87 4.79
CA ILE C 83 18.34 7.79 4.48
C ILE C 83 18.98 6.66 5.27
N CYS C 84 19.62 5.72 4.55
CA CYS C 84 20.29 4.57 5.18
C CYS C 84 21.64 4.33 4.51
N SER C 85 22.41 3.39 5.05
CA SER C 85 23.68 2.99 4.43
C SER C 85 23.47 1.90 3.42
N GLU C 86 24.56 1.59 2.71
CA GLU C 86 24.55 0.64 1.60
C GLU C 86 24.50 -0.81 2.07
N THR C 87 24.95 -1.06 3.28
CA THR C 87 24.94 -2.37 3.92
C THR C 87 23.80 -2.52 4.91
N ALA C 88 23.01 -1.47 5.10
CA ALA C 88 21.89 -1.51 6.03
C ALA C 88 21.03 -2.75 5.78
N HIS C 89 20.66 -3.41 6.87
CA HIS C 89 19.75 -4.52 6.78
C HIS C 89 18.40 -4.14 6.13
N VAL C 90 17.87 -2.94 6.38
CA VAL C 90 16.61 -2.54 5.77
C VAL C 90 16.77 -2.41 4.26
N GLU C 91 18.01 -2.21 3.78
CA GLU C 91 18.27 -2.14 2.34
C GLU C 91 18.61 -3.50 1.72
N THR C 92 19.26 -4.41 2.44
CA THR C 92 19.81 -5.62 1.83
C THR C 92 19.06 -6.90 2.18
N ASP C 93 18.49 -6.99 3.38
CA ASP C 93 18.05 -8.26 3.93
C ASP C 93 16.56 -8.35 4.27
N GLU C 94 15.70 -7.40 3.89
CA GLU C 94 14.31 -7.47 4.33
C GLU C 94 13.31 -7.68 3.19
N CYS C 95 13.76 -8.09 2.00
CA CYS C 95 12.85 -8.35 0.87
C CYS C 95 11.88 -7.21 0.66
N GLY C 96 12.35 -5.98 0.81
CA GLY C 96 11.53 -4.80 0.58
C GLY C 96 10.45 -4.54 1.60
N ALA C 97 10.61 -5.06 2.79
CA ALA C 97 9.63 -4.84 3.82
C ALA C 97 9.44 -3.39 4.20
N PRO C 98 10.49 -2.58 4.33
CA PRO C 98 10.24 -1.17 4.70
C PRO C 98 9.27 -0.49 3.74
N GLU C 99 9.46 -0.71 2.45
CA GLU C 99 8.65 -0.11 1.40
C GLU C 99 7.21 -0.66 1.41
N PHE C 100 7.05 -1.93 1.72
CA PHE C 100 5.71 -2.47 1.94
C PHE C 100 5.03 -1.82 3.16
N PHE C 101 5.73 -1.73 4.32
CA PHE C 101 5.12 -1.21 5.55
C PHE C 101 4.86 0.28 5.47
N SER C 102 5.67 1.02 4.71
CA SER C 102 5.58 2.45 4.58
C SER C 102 4.64 2.90 3.45
N ASN C 103 4.18 1.95 2.64
CA ASN C 103 3.42 2.18 1.41
C ASN C 103 4.16 3.11 0.46
N GLY C 104 5.48 2.96 0.43
CA GLY C 104 6.31 3.49 -0.65
C GLY C 104 7.32 4.54 -0.30
N SER C 105 7.75 4.59 0.97
CA SER C 105 8.85 5.49 1.31
C SER C 105 10.13 4.97 0.66
N LYS C 106 10.77 5.82 -0.14
CA LYS C 106 12.04 5.46 -0.79
C LYS C 106 13.17 5.38 0.22
N LEU C 107 13.95 4.31 0.13
CA LEU C 107 15.22 4.24 0.86
C LEU C 107 16.31 4.81 -0.03
N LEU C 108 16.97 5.87 0.43
CA LEU C 108 18.10 6.49 -0.25
C LEU C 108 19.40 6.09 0.45
N THR C 109 20.27 5.38 -0.26
CA THR C 109 21.52 4.97 0.35
C THR C 109 22.48 6.14 0.38
N ALA C 110 23.09 6.37 1.52
CA ALA C 110 24.21 7.30 1.68
C ALA C 110 25.52 6.53 1.79
N ALA C 111 26.61 7.21 1.38
CA ALA C 111 27.93 6.61 1.43
C ALA C 111 28.31 6.31 2.87
N SER C 112 29.11 5.28 3.04
CA SER C 112 29.50 4.88 4.38
C SER C 112 30.97 4.55 4.40
N VAL C 113 31.47 4.48 5.62
CA VAL C 113 32.90 4.48 5.86
C VAL C 113 33.06 3.62 7.11
N ASN C 114 33.54 2.38 6.92
CA ASN C 114 33.69 1.45 8.03
C ASN C 114 32.33 0.91 8.45
N GLY C 115 31.39 0.79 7.51
CA GLY C 115 30.01 0.43 7.80
C GLY C 115 29.14 1.56 8.34
N LYS C 116 29.67 2.76 8.53
CA LYS C 116 28.99 3.83 9.24
C LYS C 116 28.71 5.01 8.31
N LEU C 117 27.51 5.58 8.45
CA LEU C 117 27.18 6.89 7.89
C LEU C 117 27.95 7.97 8.60
N THR C 118 28.18 9.05 7.87
CA THR C 118 28.77 10.27 8.41
C THR C 118 27.91 11.48 8.09
N PRO C 119 28.04 12.54 8.89
CA PRO C 119 27.40 13.83 8.57
C PRO C 119 27.56 14.29 7.13
N GLN C 120 28.71 14.09 6.51
CA GLN C 120 28.84 14.57 5.15
C GLN C 120 28.06 13.72 4.15
N SER C 121 27.88 12.41 4.42
CA SER C 121 27.34 11.54 3.37
C SER C 121 25.83 11.62 3.37
N ILE C 122 25.29 11.87 4.54
CA ILE C 122 23.93 12.30 4.74
C ILE C 122 23.68 13.56 3.94
N ARG C 123 24.29 14.69 4.36
CA ARG C 123 24.04 15.98 3.72
C ARG C 123 24.15 15.85 2.21
N GLU C 124 25.12 15.08 1.75
CA GLU C 124 25.26 14.89 0.32
C GLU C 124 23.99 14.31 -0.30
N VAL C 125 23.29 13.47 0.45
CA VAL C 125 22.07 12.81 -0.04
C VAL C 125 20.86 13.70 0.15
N ALA C 126 20.65 14.19 1.37
CA ALA C 126 19.48 15.02 1.64
C ALA C 126 19.42 16.23 0.70
N LEU C 127 20.49 17.02 0.64
CA LEU C 127 20.42 18.34 0.03
C LEU C 127 20.50 18.30 -1.48
N LYS C 128 20.84 17.15 -2.06
CA LYS C 128 20.92 17.02 -3.51
C LYS C 128 19.54 17.20 -4.15
N ARG C 129 18.50 17.44 -3.33
CA ARG C 129 17.15 17.27 -3.81
C ARG C 129 16.07 17.63 -2.78
N GLN C 130 15.87 18.91 -2.51
CA GLN C 130 14.69 19.34 -1.76
C GLN C 130 13.50 19.64 -2.69
N ASP C 131 13.59 19.22 -3.95
CA ASP C 131 12.58 19.39 -4.98
C ASP C 131 11.53 18.27 -4.92
N ILE C 132 10.29 18.62 -5.25
CA ILE C 132 9.14 17.71 -5.16
C ILE C 132 9.27 16.46 -6.01
N HIS C 133 10.09 16.49 -7.04
CA HIS C 133 10.40 15.28 -7.79
C HIS C 133 10.98 14.22 -6.89
N TYR C 134 11.58 14.62 -5.80
CA TYR C 134 12.14 13.62 -4.92
C TYR C 134 11.34 13.56 -3.62
N PRO C 135 11.07 12.37 -3.12
CA PRO C 135 10.49 12.25 -1.77
C PRO C 135 11.43 12.92 -0.79
N LYS C 136 10.89 13.77 0.05
CA LYS C 136 11.77 14.62 0.86
C LYS C 136 12.34 13.79 2.00
N PRO C 137 13.66 13.77 2.17
CA PRO C 137 14.24 13.01 3.28
C PRO C 137 13.67 13.49 4.60
N ARG C 138 13.26 12.54 5.43
CA ARG C 138 12.77 12.88 6.75
C ARG C 138 13.25 11.97 7.87
N VAL C 139 14.00 10.91 7.57
CA VAL C 139 14.47 9.94 8.56
C VAL C 139 15.86 9.50 8.16
N VAL C 140 16.73 9.35 9.15
CA VAL C 140 18.00 8.64 9.04
C VAL C 140 17.88 7.36 9.84
N THR C 141 18.32 6.24 9.26
CA THR C 141 18.48 5.01 10.03
C THR C 141 19.97 4.64 10.06
N ILE C 142 20.41 4.18 11.22
CA ILE C 142 21.75 3.69 11.47
C ILE C 142 21.61 2.38 12.22
N THR C 143 22.57 1.50 12.01
CA THR C 143 22.62 0.19 12.64
C THR C 143 23.76 0.16 13.66
N GLN C 144 23.48 -0.40 14.83
CA GLN C 144 24.36 -0.33 16.00
C GLN C 144 24.21 -1.60 16.80
N ALA C 145 25.20 -2.51 16.81
CA ALA C 145 26.39 -2.45 15.96
C ALA C 145 26.04 -2.65 14.52
N THR C 146 26.85 -2.10 13.63
CA THR C 146 26.63 -2.19 12.20
C THR C 146 26.69 -3.63 11.67
N GLU C 147 26.24 -3.75 10.42
CA GLU C 147 26.23 -5.01 9.71
C GLU C 147 27.63 -5.52 9.39
N VAL C 148 28.69 -4.73 9.59
CA VAL C 148 30.05 -5.18 9.32
C VAL C 148 30.87 -5.23 10.60
N GLY C 149 30.20 -5.31 11.75
CA GLY C 149 30.84 -5.53 13.02
C GLY C 149 31.47 -4.33 13.66
N THR C 150 31.17 -3.13 13.18
CA THR C 150 31.70 -1.93 13.77
C THR C 150 30.64 -1.22 14.62
N VAL C 151 31.06 -0.19 15.35
CA VAL C 151 30.26 0.41 16.40
C VAL C 151 30.38 1.92 16.30
N TYR C 152 29.24 2.61 16.21
CA TYR C 152 29.20 4.07 16.34
C TYR C 152 29.51 4.47 17.78
N ARG C 153 30.37 5.45 17.95
CA ARG C 153 30.63 5.89 19.30
C ARG C 153 29.84 7.14 19.63
N PRO C 154 29.63 7.41 20.88
CA PRO C 154 28.77 8.53 21.29
C PRO C 154 28.98 9.80 20.51
N ASP C 155 30.23 10.15 20.25
CA ASP C 155 30.48 11.41 19.58
C ASP C 155 30.15 11.32 18.10
N GLU C 156 30.27 10.13 17.53
CA GLU C 156 29.88 9.98 16.14
C GLU C 156 28.36 10.10 16.01
N LEU C 157 27.63 9.57 17.00
CA LEU C 157 26.18 9.67 17.03
C LEU C 157 25.73 11.13 17.09
N LYS C 158 26.24 11.88 18.06
CA LYS C 158 25.97 13.32 18.18
C LYS C 158 26.26 14.08 16.88
N ALA C 159 27.35 13.76 16.19
CA ALA C 159 27.60 14.47 14.95
C ALA C 159 26.50 14.18 13.93
N ILE C 160 25.96 12.97 13.97
CA ILE C 160 24.92 12.55 13.03
C ILE C 160 23.59 13.18 13.41
N SER C 161 23.24 13.17 14.69
CA SER C 161 22.06 13.89 15.11
C SER C 161 22.16 15.35 14.74
N ALA C 162 23.36 15.93 14.84
CA ALA C 162 23.50 17.34 14.49
C ALA C 162 23.09 17.56 13.05
N THR C 163 23.54 16.70 12.15
CA THR C 163 23.10 16.83 10.78
C THR C 163 21.58 16.63 10.68
N CYS C 164 20.98 15.79 11.55
CA CYS C 164 19.56 15.50 11.47
C CYS C 164 18.72 16.73 11.81
N LYS C 165 19.23 17.60 12.68
CA LYS C 165 18.62 18.89 13.06
C LYS C 165 18.83 19.97 11.99
N GLU C 166 20.06 20.23 11.58
CA GLU C 166 20.23 21.06 10.40
C GLU C 166 19.23 20.72 9.28
N LEU C 167 18.77 19.46 9.16
CA LEU C 167 18.05 19.02 7.97
C LEU C 167 16.62 18.56 8.17
N GLY C 168 16.16 18.49 9.41
CA GLY C 168 14.78 18.14 9.68
C GLY C 168 14.47 16.68 9.88
N LEU C 169 15.45 15.88 10.26
CA LEU C 169 15.33 14.44 10.12
C LEU C 169 15.16 13.78 11.47
N ASN C 170 14.30 12.77 11.53
CA ASN C 170 14.25 11.89 12.68
C ASN C 170 15.38 10.86 12.57
N LEU C 171 15.67 10.17 13.66
CA LEU C 171 16.87 9.33 13.73
C LEU C 171 16.45 8.00 14.33
N HIS C 172 16.54 6.96 13.52
CA HIS C 172 16.12 5.64 13.96
C HIS C 172 17.37 4.80 14.11
N MET C 173 17.37 3.87 15.08
CA MET C 173 18.49 2.98 15.32
C MET C 173 18.03 1.53 15.22
N ASP C 174 18.69 0.76 14.33
CA ASP C 174 18.48 -0.69 14.26
C ASP C 174 19.50 -1.32 15.21
N GLY C 175 19.04 -1.67 16.41
CA GLY C 175 19.88 -2.29 17.43
C GLY C 175 19.66 -3.77 17.55
N ALA C 176 19.54 -4.39 16.38
CA ALA C 176 19.55 -5.83 16.29
C ALA C 176 20.70 -6.45 17.12
N ARG C 177 21.89 -5.83 17.07
CA ARG C 177 23.07 -6.18 17.88
C ARG C 177 23.51 -5.02 18.76
N PHE C 178 22.51 -4.34 19.36
CA PHE C 178 22.80 -3.19 20.24
C PHE C 178 23.64 -3.61 21.46
N THR C 179 23.31 -4.73 22.08
CA THR C 179 24.11 -5.33 23.14
C THR C 179 25.59 -5.37 22.81
N ASN C 180 25.93 -5.93 21.65
CA ASN C 180 27.33 -6.01 21.28
C ASN C 180 27.98 -4.65 21.33
N ALA C 181 27.27 -3.61 20.94
CA ALA C 181 27.84 -2.28 21.00
C ALA C 181 27.91 -1.75 22.44
N CYS C 182 26.99 -2.16 23.30
CA CYS C 182 27.05 -1.76 24.70
C CYS C 182 28.16 -2.50 25.45
N ALA C 183 28.32 -3.81 25.21
CA ALA C 183 29.39 -4.58 25.82
C ALA C 183 30.75 -3.99 25.50
N PHE C 184 31.02 -3.81 24.22
CA PHE C 184 32.25 -3.23 23.75
C PHE C 184 32.61 -1.92 24.43
N LEU C 185 31.70 -0.95 24.42
CA LEU C 185 31.97 0.35 25.00
C LEU C 185 31.66 0.38 26.51
N GLY C 186 32.24 1.38 27.18
CA GLY C 186 31.89 1.55 28.58
C GLY C 186 30.42 1.84 28.75
N CYS C 187 29.84 2.58 27.79
CA CYS C 187 28.61 3.37 27.89
C CYS C 187 27.39 2.75 28.56
N SER C 188 26.51 3.60 29.04
CA SER C 188 25.16 3.17 29.31
C SER C 188 24.30 3.19 28.05
N PRO C 189 23.25 2.40 28.03
CA PRO C 189 22.27 2.47 26.93
C PRO C 189 21.83 3.88 26.57
N ALA C 190 21.64 4.75 27.57
CA ALA C 190 21.19 6.12 27.29
C ALA C 190 22.22 6.91 26.51
N GLU C 191 23.49 6.72 26.81
CA GLU C 191 24.47 7.53 26.10
C GLU C 191 24.67 7.02 24.71
N LEU C 192 24.27 5.79 24.47
CA LEU C 192 24.34 5.23 23.13
C LEU C 192 23.05 5.46 22.35
N THR C 193 21.99 5.98 23.00
CA THR C 193 20.74 6.27 22.29
C THR C 193 20.24 7.72 22.43
N TRP C 194 19.30 7.98 23.34
CA TRP C 194 18.61 9.26 23.28
C TRP C 194 19.49 10.43 23.73
N LYS C 195 20.44 10.21 24.64
CA LYS C 195 21.39 11.28 24.93
C LYS C 195 22.19 11.70 23.72
N ALA C 196 22.32 10.84 22.71
CA ALA C 196 23.05 11.21 21.52
C ALA C 196 22.12 11.58 20.39
N GLY C 197 20.80 11.62 20.64
CA GLY C 197 19.85 12.15 19.68
C GLY C 197 18.98 11.13 18.96
N VAL C 198 19.00 9.90 19.43
CA VAL C 198 18.23 8.79 18.87
C VAL C 198 16.76 8.91 19.25
N ASP C 199 15.88 9.05 18.24
CA ASP C 199 14.43 9.07 18.46
C ASP C 199 13.85 7.72 18.80
N VAL C 200 14.27 6.65 18.10
CA VAL C 200 13.71 5.31 18.27
C VAL C 200 14.81 4.26 18.15
N LEU C 201 14.72 3.23 19.00
CA LEU C 201 15.61 2.07 18.92
C LEU C 201 14.82 0.78 18.71
N CYS C 202 15.31 -0.05 17.80
CA CYS C 202 14.86 -1.43 17.71
C CYS C 202 15.92 -2.28 18.36
N PHE C 203 15.54 -2.94 19.42
CA PHE C 203 16.47 -3.60 20.33
C PHE C 203 16.28 -5.08 20.09
N GLY C 204 17.30 -5.74 19.55
CA GLY C 204 17.16 -7.15 19.19
C GLY C 204 17.27 -8.03 20.44
N GLY C 205 16.36 -9.01 20.52
CA GLY C 205 16.41 -10.07 21.50
C GLY C 205 16.71 -11.42 20.88
N THR C 206 16.08 -11.74 19.74
CA THR C 206 16.26 -13.04 19.12
C THR C 206 17.74 -13.44 19.01
N LYS C 207 18.60 -12.52 18.61
CA LYS C 207 20.00 -12.81 18.33
C LYS C 207 20.80 -13.00 19.59
N ASN C 208 20.30 -12.48 20.70
CA ASN C 208 20.97 -12.49 21.99
C ASN C 208 20.38 -13.54 22.94
N GLY C 209 19.80 -14.60 22.40
CA GLY C 209 19.33 -15.71 23.17
C GLY C 209 17.83 -15.86 23.34
N MET C 210 17.01 -15.25 22.48
CA MET C 210 15.57 -15.44 22.62
C MET C 210 15.04 -16.21 21.42
N ALA C 211 13.84 -16.76 21.61
CA ALA C 211 13.22 -17.58 20.57
C ALA C 211 12.57 -16.71 19.50
N VAL C 212 12.04 -15.57 19.89
CA VAL C 212 11.19 -14.77 19.03
C VAL C 212 11.07 -13.39 19.68
N GLY C 213 11.00 -12.35 18.87
CA GLY C 213 10.60 -11.03 19.34
C GLY C 213 11.71 -9.99 19.33
N GLU C 214 11.30 -8.73 19.12
N GLU C 214 11.29 -8.73 19.24
CA GLU C 214 12.14 -7.56 19.27
CA GLU C 214 12.20 -7.60 19.31
C GLU C 214 11.38 -6.55 20.09
C GLU C 214 11.43 -6.45 19.94
N ALA C 215 12.10 -5.72 20.82
CA ALA C 215 11.47 -4.62 21.53
C ALA C 215 11.69 -3.34 20.73
N ILE C 216 10.70 -2.44 20.78
CA ILE C 216 10.81 -1.14 20.11
C ILE C 216 10.63 -0.07 21.16
N LEU C 217 11.55 0.88 21.17
CA LEU C 217 11.67 1.86 22.24
C LEU C 217 11.62 3.25 21.63
N PHE C 218 10.56 3.99 21.95
CA PHE C 218 10.37 5.37 21.51
C PHE C 218 10.84 6.30 22.62
N PHE C 219 11.86 7.10 22.35
CA PHE C 219 12.33 8.06 23.32
C PHE C 219 11.70 9.44 23.14
N ASN C 220 11.09 9.69 21.99
CA ASN C 220 10.25 10.84 21.77
C ASN C 220 8.82 10.36 21.74
N ARG C 221 8.06 10.64 22.79
CA ARG C 221 6.79 9.94 22.91
C ARG C 221 5.71 10.48 21.98
N GLN C 222 5.90 11.68 21.45
CA GLN C 222 5.00 12.21 20.44
C GLN C 222 5.07 11.40 19.15
N LEU C 223 6.20 10.71 18.88
CA LEU C 223 6.33 9.92 17.68
C LEU C 223 5.65 8.57 17.79
N ALA C 224 5.22 8.16 18.99
CA ALA C 224 4.66 6.82 19.23
C ALA C 224 3.14 6.82 19.26
N GLU C 225 2.49 7.93 18.91
CA GLU C 225 1.05 7.98 18.94
C GLU C 225 0.45 6.87 18.07
N ASP C 226 -0.45 6.10 18.66
CA ASP C 226 -1.21 5.03 17.99
C ASP C 226 -0.32 3.94 17.40
N PHE C 227 0.93 3.84 17.84
CA PHE C 227 1.82 2.82 17.28
C PHE C 227 1.27 1.45 17.52
N ASP C 228 0.55 1.27 18.62
CA ASP C 228 -0.08 -0.01 18.88
C ASP C 228 -1.11 -0.36 17.80
N TYR C 229 -1.86 0.62 17.29
CA TYR C 229 -2.81 0.33 16.21
C TYR C 229 -2.06 -0.08 14.93
N ARG C 230 -1.03 0.67 14.57
CA ARG C 230 -0.20 0.27 13.46
C ARG C 230 0.26 -1.18 13.58
N CYS C 231 0.70 -1.60 14.78
CA CYS C 231 1.26 -2.93 14.93
C CYS C 231 0.19 -3.97 14.72
N LYS C 232 -0.96 -3.77 15.33
CA LYS C 232 -2.10 -4.65 15.13
C LYS C 232 -2.45 -4.76 13.65
N GLN C 233 -2.67 -3.61 12.99
CA GLN C 233 -3.00 -3.65 11.55
C GLN C 233 -1.94 -4.40 10.76
N ALA C 234 -0.66 -4.32 11.18
CA ALA C 234 0.41 -4.99 10.44
C ALA C 234 0.63 -6.42 10.90
N GLY C 235 -0.26 -6.98 11.70
CA GLY C 235 -0.07 -8.38 12.03
C GLY C 235 1.09 -8.65 12.96
N GLN C 236 1.37 -7.71 13.84
CA GLN C 236 2.53 -7.77 14.71
C GLN C 236 2.16 -7.76 16.19
N LEU C 237 0.90 -8.08 16.52
CA LEU C 237 0.41 -8.10 17.89
C LEU C 237 0.35 -9.53 18.36
N ALA C 238 1.22 -9.86 19.30
CA ALA C 238 1.15 -11.16 19.94
C ALA C 238 -0.07 -11.21 20.85
N SER C 239 -0.87 -12.24 20.71
CA SER C 239 -1.94 -12.45 21.67
C SER C 239 -1.38 -12.93 23.00
N LYS C 240 -0.47 -13.90 22.95
CA LYS C 240 0.19 -14.37 24.17
C LYS C 240 1.51 -13.60 24.32
N MET C 241 1.34 -12.30 24.58
CA MET C 241 2.44 -11.35 24.63
C MET C 241 3.47 -11.64 25.73
N ARG C 242 3.07 -12.27 26.84
CA ARG C 242 4.05 -12.55 27.91
C ARG C 242 5.26 -13.31 27.39
N PHE C 243 5.02 -14.20 26.42
CA PHE C 243 6.08 -15.01 25.84
C PHE C 243 6.99 -14.23 24.92
N LEU C 244 6.67 -12.97 24.63
CA LEU C 244 7.61 -12.06 24.03
C LEU C 244 8.25 -11.18 25.09
N SER C 245 7.51 -10.80 26.11
CA SER C 245 8.03 -9.83 27.05
C SER C 245 8.75 -10.50 28.20
N ALA C 246 8.34 -11.70 28.61
CA ALA C 246 9.00 -12.34 29.75
C ALA C 246 10.50 -12.52 29.53
N PRO C 247 10.96 -13.05 28.40
CA PRO C 247 12.42 -13.19 28.23
C PRO C 247 13.17 -11.90 28.43
N TRP C 248 12.56 -10.75 28.19
CA TRP C 248 13.28 -9.52 28.42
C TRP C 248 13.45 -9.25 29.91
N VAL C 249 12.49 -9.70 30.73
CA VAL C 249 12.67 -9.68 32.19
C VAL C 249 13.89 -10.52 32.54
N GLY C 250 13.90 -11.77 32.07
CA GLY C 250 15.06 -12.64 32.29
C GLY C 250 16.38 -11.98 31.91
N LEU C 251 16.45 -11.34 30.75
CA LEU C 251 17.72 -10.86 30.24
C LEU C 251 18.14 -9.55 30.88
N LEU C 252 17.19 -8.77 31.37
CA LEU C 252 17.50 -7.46 31.88
C LEU C 252 17.61 -7.38 33.41
N GLU C 253 17.14 -8.37 34.15
CA GLU C 253 16.99 -8.19 35.59
C GLU C 253 18.32 -8.16 36.33
N ASP C 254 19.32 -8.94 35.90
CA ASP C 254 20.68 -8.80 36.46
C ASP C 254 21.74 -8.85 35.37
N GLY C 255 21.47 -8.20 34.24
CA GLY C 255 22.53 -7.90 33.30
C GLY C 255 23.01 -9.06 32.46
N ALA C 256 22.28 -10.17 32.45
CA ALA C 256 22.63 -11.26 31.55
C ALA C 256 22.76 -10.78 30.09
N TRP C 257 21.91 -9.85 29.64
CA TRP C 257 21.97 -9.45 28.23
C TRP C 257 23.36 -8.97 27.88
N LEU C 258 23.99 -8.29 28.80
CA LEU C 258 25.28 -7.65 28.56
C LEU C 258 26.40 -8.65 28.75
N ARG C 259 26.19 -9.65 29.60
CA ARG C 259 27.12 -10.75 29.69
C ARG C 259 27.15 -11.56 28.42
N HIS C 260 25.97 -11.95 27.92
CA HIS C 260 25.92 -12.69 26.67
C HIS C 260 26.57 -11.90 25.54
N GLY C 261 26.47 -10.57 25.58
CA GLY C 261 27.09 -9.77 24.54
C GLY C 261 28.61 -9.73 24.66
N ASN C 262 29.12 -9.63 25.87
CA ASN C 262 30.56 -9.64 26.07
C ASN C 262 31.13 -10.97 25.66
N HIS C 263 30.47 -12.07 26.02
CA HIS C 263 30.97 -13.38 25.60
C HIS C 263 31.17 -13.37 24.10
N ALA C 264 30.10 -13.09 23.35
CA ALA C 264 30.18 -13.16 21.88
C ALA C 264 31.23 -12.22 21.35
N ASN C 265 31.38 -11.04 21.96
CA ASN C 265 32.43 -10.13 21.55
C ASN C 265 33.81 -10.75 21.78
N HIS C 266 34.00 -11.40 22.93
CA HIS C 266 35.32 -11.90 23.28
C HIS C 266 35.71 -13.03 22.36
N CYS C 267 34.76 -13.93 22.04
CA CYS C 267 35.06 -14.96 21.05
C CYS C 267 35.53 -14.38 19.73
N ALA C 268 34.90 -13.32 19.24
CA ALA C 268 35.29 -12.86 17.90
C ALA C 268 36.63 -12.15 17.95
N GLN C 269 36.89 -11.44 19.05
CA GLN C 269 38.20 -10.81 19.21
C GLN C 269 39.29 -11.87 19.27
N LEU C 270 39.04 -12.98 19.97
CA LEU C 270 40.00 -14.05 20.08
C LEU C 270 40.27 -14.65 18.73
N LEU C 271 39.21 -14.92 17.96
CA LEU C 271 39.39 -15.44 16.60
C LEU C 271 40.27 -14.51 15.81
N ALA C 272 40.01 -13.21 15.89
CA ALA C 272 40.78 -12.29 15.06
C ALA C 272 42.21 -12.16 15.56
N LEU C 273 42.41 -12.20 16.88
CA LEU C 273 43.75 -12.22 17.43
C LEU C 273 44.55 -13.37 16.85
N LEU C 274 43.93 -14.55 16.74
CA LEU C 274 44.63 -15.74 16.28
C LEU C 274 44.93 -15.77 14.79
N VAL C 275 44.19 -15.07 13.92
CA VAL C 275 44.33 -15.33 12.49
C VAL C 275 44.65 -14.09 11.69
N SER C 276 44.49 -12.89 12.21
CA SER C 276 44.45 -11.75 11.30
C SER C 276 45.84 -11.37 10.80
N ASP C 277 46.90 -11.94 11.40
CA ASP C 277 48.26 -11.65 10.97
C ASP C 277 48.89 -12.75 10.12
N LEU C 278 48.13 -13.78 9.75
CA LEU C 278 48.63 -14.77 8.81
C LEU C 278 48.80 -14.15 7.42
N PRO C 279 49.61 -14.79 6.56
CA PRO C 279 49.83 -14.23 5.22
C PRO C 279 48.66 -14.54 4.31
N GLY C 280 48.20 -13.53 3.57
CA GLY C 280 47.04 -13.68 2.71
C GLY C 280 45.72 -13.56 3.43
N VAL C 281 45.73 -13.03 4.65
CA VAL C 281 44.54 -12.91 5.47
C VAL C 281 44.50 -11.47 5.94
N GLU C 282 43.48 -10.74 5.53
CA GLU C 282 43.31 -9.33 5.87
C GLU C 282 41.98 -9.14 6.59
N LEU C 283 42.04 -8.52 7.76
CA LEU C 283 40.84 -8.10 8.44
C LEU C 283 40.20 -6.98 7.64
N MET C 284 38.96 -7.17 7.18
CA MET C 284 38.30 -6.13 6.39
C MET C 284 37.86 -4.93 7.24
N PHE C 285 37.55 -5.14 8.51
CA PHE C 285 37.05 -4.09 9.36
C PHE C 285 37.53 -4.44 10.75
N PRO C 286 37.67 -3.47 11.63
CA PRO C 286 38.04 -3.76 13.01
C PRO C 286 36.95 -4.53 13.71
N VAL C 287 37.37 -5.45 14.56
CA VAL C 287 36.41 -6.30 15.24
C VAL C 287 35.88 -5.58 16.46
N GLU C 288 34.74 -4.91 16.32
CA GLU C 288 34.17 -4.11 17.40
C GLU C 288 32.91 -4.72 18.00
N ALA C 289 32.51 -5.92 17.57
CA ALA C 289 31.34 -6.62 18.10
C ALA C 289 31.57 -8.12 17.98
N ASN C 290 30.64 -8.88 17.38
CA ASN C 290 30.77 -10.32 17.43
C ASN C 290 31.06 -10.97 16.09
N GLY C 291 31.50 -10.19 15.10
CA GLY C 291 31.80 -10.73 13.78
C GLY C 291 33.25 -10.50 13.40
N VAL C 292 33.78 -11.37 12.53
CA VAL C 292 35.12 -11.24 11.97
C VAL C 292 35.02 -11.33 10.46
N PHE C 293 35.54 -10.32 9.77
CA PHE C 293 35.40 -10.19 8.33
C PHE C 293 36.79 -10.31 7.72
N LEU C 294 37.07 -11.44 7.10
CA LEU C 294 38.39 -11.77 6.61
C LEU C 294 38.38 -11.88 5.09
N GLN C 295 39.29 -11.16 4.47
CA GLN C 295 39.72 -11.53 3.13
C GLN C 295 40.71 -12.71 3.23
N MET C 296 40.44 -13.77 2.51
CA MET C 296 41.33 -14.92 2.38
C MET C 296 41.27 -15.42 0.94
N PRO C 297 42.13 -16.35 0.56
CA PRO C 297 42.01 -16.95 -0.79
C PRO C 297 41.18 -18.24 -0.84
N GLU C 298 41.24 -18.99 -1.95
CA GLU C 298 40.65 -20.32 -2.09
C GLU C 298 40.89 -21.30 -0.94
N HIS C 299 41.21 -20.80 0.25
CA HIS C 299 41.23 -21.59 1.45
C HIS C 299 39.89 -21.65 2.14
N ALA C 300 38.95 -20.76 1.77
CA ALA C 300 37.59 -20.86 2.25
C ALA C 300 36.98 -22.20 1.79
N ILE C 301 37.16 -22.56 0.53
CA ILE C 301 36.57 -23.83 0.10
C ILE C 301 37.29 -24.96 0.79
N GLU C 302 38.55 -24.73 1.15
CA GLU C 302 39.30 -25.72 1.90
C GLU C 302 38.83 -25.76 3.35
N ALA C 303 38.68 -24.60 4.01
CA ALA C 303 38.11 -24.60 5.36
C ALA C 303 36.68 -25.11 5.33
N LEU C 304 35.99 -24.93 4.21
CA LEU C 304 34.61 -25.38 4.08
C LEU C 304 34.54 -26.89 3.89
N ARG C 305 35.29 -27.41 2.91
CA ARG C 305 35.36 -28.86 2.73
C ARG C 305 36.05 -29.50 3.93
N ALA C 306 37.18 -28.91 4.36
CA ALA C 306 37.97 -29.49 5.45
C ALA C 306 37.21 -29.30 6.74
N LYS C 307 36.31 -30.24 7.02
CA LYS C 307 35.38 -30.15 8.13
C LYS C 307 34.28 -29.22 7.67
N GLY C 308 33.07 -29.50 8.10
CA GLY C 308 31.99 -28.59 7.87
C GLY C 308 32.19 -27.45 8.83
N TRP C 309 33.08 -26.54 8.48
CA TRP C 309 33.00 -25.20 9.01
C TRP C 309 31.90 -24.50 8.24
N ARG C 310 30.91 -23.99 8.97
CA ARG C 310 29.81 -23.26 8.36
C ARG C 310 29.94 -21.78 8.66
N PHE C 311 30.03 -21.00 7.59
CA PHE C 311 30.21 -19.57 7.66
C PHE C 311 29.76 -18.98 6.35
N TYR C 312 29.56 -17.68 6.37
CA TYR C 312 29.08 -16.95 5.21
C TYR C 312 30.24 -16.43 4.37
N THR C 313 30.09 -16.52 3.05
CA THR C 313 31.09 -16.05 2.10
C THR C 313 30.44 -14.98 1.24
N PHE C 314 31.14 -13.87 1.07
CA PHE C 314 30.63 -12.78 0.25
C PHE C 314 30.58 -13.17 -1.23
N ILE C 315 29.82 -12.39 -1.98
CA ILE C 315 29.99 -12.35 -3.43
C ILE C 315 31.35 -11.73 -3.77
N GLY C 316 31.88 -10.88 -2.88
CA GLY C 316 33.31 -10.55 -2.91
C GLY C 316 34.20 -11.78 -2.99
N SER C 317 33.71 -12.94 -2.51
CA SER C 317 34.20 -14.27 -2.90
C SER C 317 35.67 -14.54 -2.61
N GLY C 318 36.45 -13.49 -2.28
CA GLY C 318 37.74 -13.67 -1.66
C GLY C 318 37.61 -13.27 -0.20
N GLY C 319 36.41 -13.47 0.35
CA GLY C 319 36.05 -12.89 1.62
C GLY C 319 35.06 -13.74 2.37
N ALA C 320 35.25 -13.82 3.69
CA ALA C 320 34.39 -14.62 4.54
C ALA C 320 34.08 -13.86 5.83
N ARG C 321 32.92 -14.16 6.40
CA ARG C 321 32.48 -13.61 7.65
C ARG C 321 32.22 -14.74 8.65
N PHE C 322 32.77 -14.60 9.87
CA PHE C 322 32.49 -15.54 10.96
C PHE C 322 31.80 -14.79 12.08
N MET C 323 30.68 -15.34 12.52
CA MET C 323 29.85 -14.72 13.54
C MET C 323 29.90 -15.59 14.79
N CYS C 324 30.09 -14.96 15.94
CA CYS C 324 30.07 -15.64 17.22
C CYS C 324 28.81 -15.24 17.96
N SER C 325 28.29 -16.18 18.78
CA SER C 325 27.05 -16.01 19.54
C SER C 325 27.29 -16.21 21.03
N TRP C 326 26.23 -15.98 21.80
CA TRP C 326 26.28 -16.09 23.25
C TRP C 326 26.66 -17.48 23.72
N ASP C 327 26.42 -18.50 22.88
CA ASP C 327 26.70 -19.91 23.17
C ASP C 327 27.86 -20.47 22.31
N THR C 328 28.79 -19.62 21.90
CA THR C 328 29.94 -20.08 21.17
C THR C 328 31.02 -20.50 22.16
N GLU C 329 31.66 -21.63 21.89
CA GLU C 329 32.70 -22.17 22.75
C GLU C 329 34.07 -21.68 22.28
N GLU C 330 34.81 -21.05 23.20
CA GLU C 330 36.18 -20.64 22.92
C GLU C 330 37.02 -21.75 22.30
N GLU C 331 36.77 -23.00 22.66
CA GLU C 331 37.60 -24.07 22.11
C GLU C 331 37.36 -24.22 20.64
N ARG C 332 36.09 -24.12 20.23
CA ARG C 332 35.74 -24.12 18.81
C ARG C 332 36.39 -22.95 18.10
N VAL C 333 36.49 -21.79 18.77
CA VAL C 333 37.20 -20.67 18.17
C VAL C 333 38.65 -21.03 17.91
N ARG C 334 39.32 -21.67 18.90
CA ARG C 334 40.73 -22.04 18.73
C ARG C 334 40.90 -23.10 17.64
N GLU C 335 40.00 -24.08 17.61
CA GLU C 335 40.02 -25.07 16.56
C GLU C 335 39.86 -24.43 15.17
N LEU C 336 38.88 -23.53 15.03
CA LEU C 336 38.71 -22.84 13.75
C LEU C 336 39.98 -22.09 13.37
N ALA C 337 40.53 -21.32 14.32
CA ALA C 337 41.77 -20.60 14.04
C ALA C 337 42.90 -21.56 13.67
N ALA C 338 42.96 -22.73 14.30
CA ALA C 338 44.04 -23.66 14.00
C ALA C 338 43.92 -24.17 12.56
N ASP C 339 42.71 -24.60 12.17
CA ASP C 339 42.45 -25.03 10.79
C ASP C 339 42.75 -23.93 9.78
N ILE C 340 42.51 -22.66 10.12
CA ILE C 340 42.85 -21.59 9.20
C ILE C 340 44.36 -21.46 9.07
N ARG C 341 45.07 -21.53 10.20
CA ARG C 341 46.53 -21.53 10.20
C ARG C 341 47.07 -22.71 9.38
N SER C 342 46.59 -23.94 9.65
CA SER C 342 47.06 -25.08 8.85
C SER C 342 46.95 -24.79 7.36
N ILE C 343 45.75 -24.42 6.94
CA ILE C 343 45.41 -24.33 5.53
C ILE C 343 46.20 -23.24 4.84
N ILE C 344 46.67 -22.24 5.57
CA ILE C 344 47.41 -21.15 4.94
C ILE C 344 48.92 -21.42 4.92
N THR C 345 49.47 -21.97 5.99
CA THR C 345 50.91 -22.03 6.11
C THR C 345 51.46 -23.27 5.41
N ALA C 346 50.86 -24.43 5.68
CA ALA C 346 51.31 -25.74 5.20
C ALA C 346 52.16 -25.74 3.92
N SER D 5 -7.25 -17.89 39.11
CA SER D 5 -7.20 -19.21 38.48
C SER D 5 -7.37 -19.11 36.93
N GLN D 6 -8.45 -19.69 36.40
CA GLN D 6 -8.72 -19.69 34.97
C GLN D 6 -10.13 -19.16 34.72
N GLN D 7 -10.30 -18.50 33.57
CA GLN D 7 -11.48 -17.75 33.20
C GLN D 7 -12.05 -18.28 31.88
N PHE D 8 -13.09 -17.61 31.38
CA PHE D 8 -13.83 -17.99 30.20
C PHE D 8 -13.92 -16.86 29.16
N ALA D 9 -13.02 -15.87 29.24
CA ALA D 9 -12.92 -14.80 28.24
C ALA D 9 -12.50 -15.33 26.87
N SER D 10 -11.30 -15.92 26.76
CA SER D 10 -10.89 -16.42 25.46
C SER D 10 -9.90 -17.56 25.60
N ASP D 11 -9.97 -18.53 24.65
CA ASP D 11 -8.87 -19.51 24.54
C ASP D 11 -7.45 -18.83 24.16
N ASN D 12 -7.33 -17.50 24.07
CA ASN D 12 -6.06 -16.82 23.90
C ASN D 12 -5.27 -16.61 25.20
N TYR D 13 -5.88 -16.83 26.36
CA TYR D 13 -5.22 -16.57 27.63
C TYR D 13 -4.51 -17.80 28.16
N SER D 14 -4.78 -18.95 27.58
CA SER D 14 -4.21 -20.18 28.04
C SER D 14 -2.72 -20.23 27.69
N GLY D 15 -2.03 -21.21 28.24
CA GLY D 15 -0.59 -21.27 28.16
C GLY D 15 -0.16 -22.30 27.15
N ILE D 16 1.13 -22.64 27.23
CA ILE D 16 1.74 -23.59 26.32
C ILE D 16 1.45 -24.98 26.87
N CYS D 17 0.80 -25.81 26.06
CA CYS D 17 0.52 -27.14 26.45
C CYS D 17 1.82 -27.94 26.62
N PRO D 18 1.76 -29.10 27.27
CA PRO D 18 2.99 -29.84 27.53
C PRO D 18 3.63 -30.40 26.30
N GLU D 19 2.84 -30.98 25.39
CA GLU D 19 3.46 -31.52 24.19
C GLU D 19 4.18 -30.43 23.41
N ALA D 20 3.72 -29.19 23.50
CA ALA D 20 4.35 -28.14 22.74
C ALA D 20 5.57 -27.62 23.46
N TRP D 21 5.49 -27.47 24.78
CA TRP D 21 6.67 -27.11 25.58
C TRP D 21 7.79 -28.13 25.40
N ALA D 22 7.46 -29.41 25.49
CA ALA D 22 8.45 -30.45 25.28
C ALA D 22 9.15 -30.30 23.94
N ALA D 23 8.37 -30.11 22.86
CA ALA D 23 8.96 -30.00 21.51
C ALA D 23 9.93 -28.84 21.43
N MET D 24 9.58 -27.70 22.03
CA MET D 24 10.46 -26.53 22.05
C MET D 24 11.74 -26.80 22.84
N GLU D 25 11.60 -27.60 23.91
CA GLU D 25 12.78 -27.97 24.69
C GLU D 25 13.72 -28.81 23.85
N LYS D 26 13.21 -29.86 23.17
CA LYS D 26 14.08 -30.67 22.33
C LYS D 26 14.69 -29.83 21.22
N ALA D 27 13.87 -28.99 20.57
CA ALA D 27 14.38 -28.13 19.50
C ALA D 27 15.45 -27.14 19.99
N ASN D 28 15.60 -26.94 21.30
CA ASN D 28 16.59 -26.01 21.82
C ASN D 28 17.93 -26.69 22.21
N HIS D 29 18.24 -27.86 21.67
CA HIS D 29 19.53 -28.50 21.90
C HIS D 29 20.30 -28.50 20.58
N GLY D 30 21.23 -27.56 20.47
CA GLY D 30 22.09 -27.43 19.32
C GLY D 30 21.79 -26.16 18.55
N HIS D 31 22.52 -25.99 17.46
CA HIS D 31 22.28 -24.96 16.46
C HIS D 31 21.51 -25.56 15.28
N ASP D 32 20.79 -24.70 14.59
CA ASP D 32 19.99 -25.11 13.44
C ASP D 32 20.00 -23.97 12.43
N ARG D 33 19.84 -24.33 11.15
CA ARG D 33 19.78 -23.34 10.07
C ARG D 33 18.45 -22.58 10.12
N ALA D 34 18.49 -21.33 9.63
CA ALA D 34 17.46 -20.34 9.91
C ALA D 34 16.38 -20.31 8.83
N TYR D 35 15.34 -19.51 9.11
CA TYR D 35 14.32 -19.08 8.13
C TYR D 35 13.55 -20.26 7.52
N GLY D 36 13.54 -21.42 8.16
CA GLY D 36 12.80 -22.58 7.69
C GLY D 36 13.63 -23.80 7.33
N ASP D 37 14.95 -23.73 7.22
CA ASP D 37 15.74 -24.82 6.62
C ASP D 37 16.33 -25.74 7.70
N ASP D 38 15.45 -26.36 8.48
CA ASP D 38 15.84 -27.16 9.63
C ASP D 38 15.01 -28.44 9.66
N GLN D 39 15.45 -29.38 10.51
CA GLN D 39 14.80 -30.68 10.56
C GLN D 39 13.41 -30.59 11.18
N TRP D 40 13.23 -29.68 12.15
CA TRP D 40 11.94 -29.53 12.81
C TRP D 40 10.88 -29.07 11.83
N THR D 41 11.25 -28.12 10.97
CA THR D 41 10.30 -27.59 10.00
C THR D 41 9.94 -28.66 8.98
N GLU D 42 10.93 -29.45 8.57
CA GLU D 42 10.65 -30.51 7.61
C GLU D 42 9.76 -31.54 8.25
N ARG D 43 10.08 -31.91 9.48
CA ARG D 43 9.29 -32.90 10.18
C ARG D 43 7.86 -32.40 10.34
N ALA D 44 7.69 -31.15 10.79
CA ALA D 44 6.33 -30.60 10.93
C ALA D 44 5.54 -30.69 9.63
N SER D 45 6.17 -30.33 8.51
CA SER D 45 5.47 -30.33 7.22
C SER D 45 5.05 -31.73 6.82
N GLU D 46 5.95 -32.70 7.09
CA GLU D 46 5.61 -34.10 6.85
C GLU D 46 4.42 -34.56 7.69
N TYR D 47 4.38 -34.19 8.98
CA TYR D 47 3.18 -34.50 9.75
C TYR D 47 1.93 -33.90 9.12
N PHE D 48 2.01 -32.64 8.64
CA PHE D 48 0.82 -32.06 8.02
C PHE D 48 0.45 -32.85 6.79
N ARG D 49 1.45 -33.24 5.98
CA ARG D 49 1.14 -33.95 4.73
C ARG D 49 0.40 -35.25 5.01
N ASN D 50 0.94 -36.09 5.90
CA ASN D 50 0.24 -37.31 6.31
C ASN D 50 -1.10 -37.00 6.94
N LEU D 51 -1.17 -35.98 7.79
CA LEU D 51 -2.42 -35.70 8.49
C LEU D 51 -3.52 -35.31 7.54
N PHE D 52 -3.21 -34.53 6.51
CA PHE D 52 -4.24 -34.13 5.57
C PHE D 52 -4.34 -35.05 4.37
N GLU D 53 -3.42 -36.02 4.26
CA GLU D 53 -3.44 -37.02 3.20
C GLU D 53 -3.24 -36.40 1.82
N THR D 54 -2.30 -35.46 1.72
CA THR D 54 -2.06 -34.79 0.46
C THR D 54 -0.70 -34.08 0.52
N ASP D 55 -0.10 -33.89 -0.63
CA ASP D 55 1.13 -33.09 -0.73
C ASP D 55 0.71 -31.62 -0.73
N CYS D 56 0.50 -31.09 0.48
CA CYS D 56 0.16 -29.68 0.67
C CYS D 56 1.44 -28.92 0.96
N GLU D 57 1.46 -27.65 0.53
CA GLU D 57 2.60 -26.78 0.80
C GLU D 57 2.36 -26.16 2.16
N VAL D 58 3.41 -26.13 2.99
CA VAL D 58 3.27 -25.68 4.38
C VAL D 58 4.13 -24.47 4.67
N PHE D 59 3.51 -23.44 5.25
CA PHE D 59 4.22 -22.27 5.76
C PHE D 59 3.82 -21.98 7.20
N PHE D 60 4.70 -21.28 7.91
CA PHE D 60 4.47 -20.84 9.27
C PHE D 60 4.54 -19.33 9.35
N ALA D 61 3.51 -18.71 9.93
CA ALA D 61 3.55 -17.30 10.27
C ALA D 61 3.39 -17.10 11.79
N PHE D 62 3.50 -15.85 12.25
CA PHE D 62 3.45 -15.57 13.68
C PHE D 62 2.04 -15.56 14.31
N ASN D 63 0.99 -15.15 13.61
CA ASN D 63 -0.33 -15.13 14.25
C ASN D 63 -1.41 -15.21 13.19
N GLY D 64 -2.66 -15.33 13.64
CA GLY D 64 -3.78 -15.56 12.74
C GLY D 64 -4.19 -14.34 11.93
N THR D 65 -4.03 -13.14 12.49
CA THR D 65 -4.34 -11.94 11.73
C THR D 65 -3.47 -11.87 10.47
N ALA D 66 -2.13 -11.97 10.63
CA ALA D 66 -1.22 -11.95 9.49
C ALA D 66 -1.45 -13.15 8.59
N ALA D 67 -1.72 -14.31 9.17
CA ALA D 67 -1.85 -15.53 8.39
C ALA D 67 -3.02 -15.43 7.42
N ASN D 68 -4.18 -15.09 7.95
CA ASN D 68 -5.36 -14.83 7.15
C ASN D 68 -5.09 -13.73 6.12
N SER D 69 -4.55 -12.63 6.60
CA SER D 69 -4.33 -11.48 5.74
C SER D 69 -3.38 -11.85 4.61
N LEU D 70 -2.35 -12.65 4.91
CA LEU D 70 -1.39 -13.06 3.90
C LEU D 70 -2.05 -14.00 2.90
N ALA D 71 -2.78 -14.99 3.38
CA ALA D 71 -3.35 -15.97 2.47
C ALA D 71 -4.34 -15.30 1.52
N LEU D 72 -5.17 -14.38 2.06
CA LEU D 72 -6.13 -13.69 1.22
C LEU D 72 -5.46 -12.77 0.21
N ALA D 73 -4.40 -12.03 0.59
CA ALA D 73 -3.69 -11.17 -0.36
C ALA D 73 -3.08 -12.00 -1.48
N SER D 74 -2.80 -13.27 -1.22
CA SER D 74 -2.20 -14.12 -2.24
C SER D 74 -3.24 -14.69 -3.19
N LEU D 75 -4.53 -14.56 -2.90
CA LEU D 75 -5.61 -15.16 -3.66
C LEU D 75 -6.33 -14.19 -4.58
N CYS D 76 -6.03 -12.91 -4.51
CA CYS D 76 -6.61 -11.96 -5.45
C CYS D 76 -5.87 -10.64 -5.34
N GLN D 77 -6.02 -9.82 -6.38
CA GLN D 77 -5.40 -8.51 -6.46
C GLN D 77 -6.11 -7.47 -5.59
N SER D 78 -5.41 -6.33 -5.43
CA SER D 78 -5.97 -5.20 -4.70
C SER D 78 -7.30 -4.71 -5.28
N TYR D 79 -7.49 -4.81 -6.62
CA TYR D 79 -8.72 -4.34 -7.25
C TYR D 79 -9.74 -5.44 -7.35
N HIS D 80 -9.52 -6.55 -6.65
CA HIS D 80 -10.53 -7.59 -6.46
C HIS D 80 -11.05 -7.53 -5.04
N SER D 81 -12.11 -8.29 -4.79
CA SER D 81 -12.77 -8.29 -3.50
C SER D 81 -12.84 -9.70 -2.92
N VAL D 82 -13.09 -9.72 -1.63
CA VAL D 82 -13.22 -10.93 -0.82
C VAL D 82 -14.62 -11.02 -0.22
N ILE D 83 -15.27 -12.16 -0.36
CA ILE D 83 -16.58 -12.38 0.26
C ILE D 83 -16.39 -13.10 1.60
N CYS D 84 -16.87 -12.48 2.68
CA CYS D 84 -16.78 -12.97 4.05
C CYS D 84 -18.10 -12.74 4.77
N SER D 85 -18.29 -13.44 5.89
CA SER D 85 -19.48 -13.28 6.75
C SER D 85 -19.42 -11.96 7.55
N GLU D 86 -20.54 -11.61 8.20
CA GLU D 86 -20.57 -10.33 8.93
C GLU D 86 -19.87 -10.42 10.27
N THR D 87 -19.73 -11.64 10.78
CA THR D 87 -19.04 -11.90 12.03
C THR D 87 -17.60 -12.36 11.79
N ALA D 88 -17.17 -12.46 10.51
CA ALA D 88 -15.81 -12.91 10.18
C ALA D 88 -14.75 -12.11 10.93
N HIS D 89 -13.76 -12.82 11.44
CA HIS D 89 -12.64 -12.18 12.13
C HIS D 89 -11.95 -11.18 11.21
N VAL D 90 -11.81 -11.50 9.92
CA VAL D 90 -11.13 -10.57 9.02
C VAL D 90 -11.89 -9.24 8.94
N GLU D 91 -13.23 -9.26 9.16
CA GLU D 91 -14.04 -8.04 9.14
C GLU D 91 -14.04 -7.30 10.46
N THR D 92 -14.00 -8.01 11.60
CA THR D 92 -14.27 -7.39 12.90
C THR D 92 -13.06 -7.25 13.83
N ASP D 93 -12.07 -8.13 13.77
CA ASP D 93 -11.06 -8.22 14.83
C ASP D 93 -9.64 -7.99 14.36
N GLU D 94 -9.43 -7.42 13.17
CA GLU D 94 -8.09 -7.35 12.61
C GLU D 94 -7.60 -5.93 12.33
N CYS D 95 -8.28 -4.92 12.87
CA CYS D 95 -7.88 -3.51 12.75
C CYS D 95 -7.53 -3.16 11.32
N GLY D 96 -8.24 -3.76 10.36
CA GLY D 96 -8.04 -3.48 8.95
C GLY D 96 -6.80 -4.09 8.35
N ALA D 97 -6.30 -5.14 8.98
CA ALA D 97 -5.12 -5.83 8.49
C ALA D 97 -5.29 -6.39 7.09
N PRO D 98 -6.43 -6.99 6.73
CA PRO D 98 -6.54 -7.55 5.36
C PRO D 98 -6.34 -6.49 4.30
N GLU D 99 -7.02 -5.36 4.46
CA GLU D 99 -6.88 -4.23 3.54
C GLU D 99 -5.45 -3.70 3.50
N PHE D 100 -4.76 -3.69 4.64
CA PHE D 100 -3.35 -3.25 4.65
C PHE D 100 -2.48 -4.25 3.90
N PHE D 101 -2.66 -5.54 4.17
CA PHE D 101 -1.85 -6.56 3.51
C PHE D 101 -2.15 -6.72 2.03
N SER D 102 -3.40 -6.45 1.60
CA SER D 102 -3.77 -6.67 0.21
C SER D 102 -3.62 -5.41 -0.63
N ASN D 103 -3.29 -4.29 0.01
CA ASN D 103 -3.16 -2.96 -0.59
C ASN D 103 -4.55 -2.48 -1.07
N GLY D 104 -5.62 -2.95 -0.43
CA GLY D 104 -6.94 -2.39 -0.63
C GLY D 104 -8.07 -3.21 -1.26
N SER D 105 -7.95 -4.54 -1.29
CA SER D 105 -9.09 -5.39 -1.64
C SER D 105 -10.25 -5.15 -0.67
N LYS D 106 -11.45 -4.93 -1.21
CA LYS D 106 -12.59 -4.72 -0.32
C LYS D 106 -13.12 -6.03 0.23
N LEU D 107 -13.44 -6.03 1.52
CA LEU D 107 -14.20 -7.11 2.13
C LEU D 107 -15.69 -6.83 1.96
N LEU D 108 -16.37 -7.70 1.23
CA LEU D 108 -17.81 -7.63 0.99
C LEU D 108 -18.52 -8.66 1.86
N THR D 109 -19.31 -8.19 2.81
CA THR D 109 -20.06 -9.07 3.71
C THR D 109 -21.25 -9.68 2.98
N ALA D 110 -21.35 -11.01 3.07
CA ALA D 110 -22.53 -11.77 2.66
C ALA D 110 -23.34 -12.20 3.89
N ALA D 111 -24.64 -12.41 3.70
CA ALA D 111 -25.54 -12.73 4.81
C ALA D 111 -25.19 -14.09 5.40
N SER D 112 -25.42 -14.22 6.73
CA SER D 112 -25.10 -15.45 7.46
C SER D 112 -26.30 -15.95 8.25
N VAL D 113 -26.59 -17.24 8.11
CA VAL D 113 -27.47 -17.98 9.03
C VAL D 113 -26.57 -18.85 9.90
N ASN D 114 -26.51 -18.52 11.19
CA ASN D 114 -25.90 -19.38 12.20
C ASN D 114 -24.40 -19.25 12.11
N GLY D 115 -23.95 -18.01 11.89
CA GLY D 115 -22.56 -17.69 11.61
C GLY D 115 -22.02 -18.21 10.29
N LYS D 116 -22.84 -18.83 9.45
CA LYS D 116 -22.35 -19.50 8.26
C LYS D 116 -22.83 -18.82 6.98
N LEU D 117 -21.93 -18.76 5.99
CA LEU D 117 -22.30 -18.35 4.66
C LEU D 117 -23.04 -19.49 4.00
N THR D 118 -23.88 -19.14 3.04
CA THR D 118 -24.57 -20.07 2.18
C THR D 118 -24.19 -19.84 0.74
N PRO D 119 -24.37 -20.84 -0.12
CA PRO D 119 -24.25 -20.59 -1.58
C PRO D 119 -25.12 -19.44 -2.06
N GLN D 120 -26.33 -19.33 -1.51
CA GLN D 120 -27.21 -18.24 -1.89
C GLN D 120 -26.64 -16.89 -1.46
N SER D 121 -26.21 -16.77 -0.20
CA SER D 121 -25.73 -15.46 0.27
C SER D 121 -24.45 -15.06 -0.47
N ILE D 122 -23.64 -16.03 -0.87
CA ILE D 122 -22.45 -15.74 -1.68
C ILE D 122 -22.88 -15.19 -3.03
N ARG D 123 -23.76 -15.92 -3.72
CA ARG D 123 -24.24 -15.54 -5.05
C ARG D 123 -24.82 -14.15 -5.08
N GLU D 124 -25.66 -13.83 -4.10
CA GLU D 124 -26.27 -12.53 -4.03
C GLU D 124 -25.23 -11.42 -4.13
N VAL D 125 -24.20 -11.51 -3.28
CA VAL D 125 -23.16 -10.49 -3.22
C VAL D 125 -22.32 -10.48 -4.50
N ALA D 126 -21.96 -11.65 -5.02
CA ALA D 126 -21.11 -11.75 -6.19
C ALA D 126 -21.76 -11.24 -7.48
N LEU D 127 -23.05 -11.56 -7.70
CA LEU D 127 -23.68 -11.21 -8.96
C LEU D 127 -24.17 -9.77 -8.98
N LYS D 128 -24.57 -9.23 -7.84
CA LYS D 128 -24.94 -7.81 -7.69
C LYS D 128 -23.94 -6.85 -8.35
N ARG D 129 -22.66 -7.22 -8.37
CA ARG D 129 -21.56 -6.29 -8.70
C ARG D 129 -20.61 -6.91 -9.73
N GLN D 130 -21.06 -7.00 -10.98
CA GLN D 130 -20.21 -7.41 -12.07
C GLN D 130 -19.72 -6.22 -12.92
N ASP D 131 -19.82 -5.01 -12.41
CA ASP D 131 -19.41 -3.80 -13.12
C ASP D 131 -18.17 -3.19 -12.45
N ILE D 132 -17.43 -2.40 -13.24
CA ILE D 132 -16.11 -1.90 -12.83
C ILE D 132 -16.19 -0.94 -11.66
N HIS D 133 -17.36 -0.39 -11.37
CA HIS D 133 -17.53 0.44 -10.19
C HIS D 133 -17.26 -0.34 -8.92
N TYR D 134 -17.28 -1.67 -9.00
CA TYR D 134 -17.11 -2.52 -7.84
C TYR D 134 -15.92 -3.44 -8.05
N PRO D 135 -15.01 -3.54 -7.08
CA PRO D 135 -14.01 -4.61 -7.11
C PRO D 135 -14.66 -5.96 -7.30
N LYS D 136 -14.17 -6.70 -8.27
CA LYS D 136 -14.76 -7.96 -8.66
C LYS D 136 -14.44 -9.07 -7.64
N PRO D 137 -15.45 -9.72 -7.05
CA PRO D 137 -15.19 -10.81 -6.09
C PRO D 137 -14.35 -11.92 -6.71
N ARG D 138 -13.33 -12.34 -5.97
CA ARG D 138 -12.42 -13.38 -6.44
C ARG D 138 -12.08 -14.44 -5.38
N VAL D 139 -12.50 -14.23 -4.11
CA VAL D 139 -12.21 -15.15 -3.01
C VAL D 139 -13.40 -15.20 -2.04
N VAL D 140 -13.68 -16.40 -1.53
CA VAL D 140 -14.59 -16.59 -0.39
C VAL D 140 -13.75 -17.06 0.80
N THR D 141 -13.91 -16.36 1.92
CA THR D 141 -13.36 -16.83 3.18
C THR D 141 -14.49 -17.27 4.09
N ILE D 142 -14.31 -18.46 4.67
CA ILE D 142 -15.17 -18.99 5.72
C ILE D 142 -14.31 -19.32 6.96
N THR D 143 -14.98 -19.43 8.11
CA THR D 143 -14.34 -19.65 9.41
C THR D 143 -14.86 -20.94 10.03
N GLN D 144 -13.93 -21.80 10.48
CA GLN D 144 -14.19 -23.20 10.82
C GLN D 144 -13.34 -23.59 12.02
N ALA D 145 -13.91 -23.74 13.21
CA ALA D 145 -15.28 -23.45 13.51
C ALA D 145 -15.48 -21.98 13.39
N THR D 146 -16.74 -21.56 13.21
CA THR D 146 -17.09 -20.13 13.10
C THR D 146 -16.90 -19.37 14.39
N GLU D 147 -17.05 -18.05 14.25
CA GLU D 147 -16.87 -17.11 15.36
C GLU D 147 -17.98 -17.22 16.40
N VAL D 148 -19.12 -17.84 16.07
CA VAL D 148 -20.20 -18.07 17.02
C VAL D 148 -20.24 -19.54 17.48
N GLY D 149 -19.13 -20.25 17.33
CA GLY D 149 -19.04 -21.61 17.82
C GLY D 149 -19.80 -22.66 17.05
N THR D 150 -20.15 -22.40 15.78
CA THR D 150 -20.81 -23.39 14.93
C THR D 150 -19.80 -23.99 13.98
N VAL D 151 -20.22 -25.02 13.25
CA VAL D 151 -19.30 -25.79 12.41
C VAL D 151 -19.94 -26.04 11.05
N TYR D 152 -19.18 -25.81 9.97
CA TYR D 152 -19.63 -26.20 8.65
C TYR D 152 -19.47 -27.70 8.52
N ARG D 153 -20.43 -28.33 7.97
CA ARG D 153 -20.36 -29.76 7.69
C ARG D 153 -19.86 -30.03 6.29
N PRO D 154 -19.23 -31.19 6.07
CA PRO D 154 -18.70 -31.49 4.73
C PRO D 154 -19.67 -31.22 3.60
N ASP D 155 -20.97 -31.40 3.82
CA ASP D 155 -21.91 -31.19 2.73
C ASP D 155 -22.11 -29.71 2.49
N GLU D 156 -22.13 -28.92 3.57
CA GLU D 156 -22.31 -27.48 3.39
C GLU D 156 -21.10 -26.89 2.69
N LEU D 157 -19.92 -27.41 3.01
CA LEU D 157 -18.67 -26.95 2.43
C LEU D 157 -18.64 -27.25 0.95
N LYS D 158 -19.00 -28.49 0.60
CA LYS D 158 -19.02 -28.89 -0.79
C LYS D 158 -19.96 -28.02 -1.60
N ALA D 159 -21.11 -27.70 -1.03
CA ALA D 159 -22.06 -26.79 -1.67
C ALA D 159 -21.44 -25.42 -1.91
N ILE D 160 -20.86 -24.84 -0.86
CA ILE D 160 -20.17 -23.57 -0.99
C ILE D 160 -19.07 -23.68 -2.03
N SER D 161 -18.39 -24.82 -2.08
CA SER D 161 -17.33 -24.97 -3.05
C SER D 161 -17.89 -25.01 -4.47
N ALA D 162 -19.02 -25.70 -4.68
CA ALA D 162 -19.55 -25.74 -6.03
C ALA D 162 -19.85 -24.34 -6.52
N THR D 163 -20.45 -23.52 -5.67
CA THR D 163 -20.62 -22.12 -6.01
C THR D 163 -19.28 -21.45 -6.38
N CYS D 164 -18.25 -21.61 -5.55
CA CYS D 164 -16.99 -20.92 -5.80
C CYS D 164 -16.43 -21.29 -7.17
N LYS D 165 -16.42 -22.59 -7.50
CA LYS D 165 -15.94 -23.00 -8.81
C LYS D 165 -16.82 -22.41 -9.93
N GLU D 166 -18.13 -22.40 -9.77
CA GLU D 166 -18.96 -21.88 -10.83
C GLU D 166 -18.72 -20.39 -11.06
N LEU D 167 -18.57 -19.63 -9.99
CA LEU D 167 -18.31 -18.19 -10.06
C LEU D 167 -16.81 -17.83 -10.13
N GLY D 168 -15.92 -18.79 -10.28
CA GLY D 168 -14.49 -18.50 -10.39
C GLY D 168 -13.88 -17.88 -9.15
N LEU D 169 -14.29 -18.33 -7.98
CA LEU D 169 -13.77 -17.84 -6.71
C LEU D 169 -12.86 -18.90 -6.07
N ASN D 170 -11.79 -18.44 -5.43
CA ASN D 170 -11.02 -19.36 -4.60
C ASN D 170 -11.64 -19.42 -3.20
N LEU D 171 -11.30 -20.47 -2.44
CA LEU D 171 -11.95 -20.72 -1.14
C LEU D 171 -10.91 -20.81 -0.03
N HIS D 172 -11.01 -19.88 0.92
CA HIS D 172 -10.09 -19.81 2.04
C HIS D 172 -10.76 -20.20 3.36
N MET D 173 -10.02 -20.92 4.21
CA MET D 173 -10.56 -21.30 5.53
C MET D 173 -9.72 -20.72 6.66
N ASP D 174 -10.37 -19.87 7.46
CA ASP D 174 -9.77 -19.40 8.71
C ASP D 174 -10.04 -20.49 9.75
N GLY D 175 -9.06 -21.33 10.00
CA GLY D 175 -9.21 -22.45 10.91
C GLY D 175 -8.50 -22.12 12.21
N ALA D 176 -8.76 -20.93 12.75
CA ALA D 176 -8.21 -20.60 14.04
C ALA D 176 -8.69 -21.61 15.08
N ARG D 177 -9.88 -22.18 14.88
CA ARG D 177 -10.51 -23.20 15.74
C ARG D 177 -10.83 -24.45 14.94
N PHE D 178 -9.92 -24.81 14.04
CA PHE D 178 -10.13 -25.97 13.19
C PHE D 178 -10.12 -27.26 14.02
N THR D 179 -9.25 -27.31 15.04
CA THR D 179 -9.22 -28.49 15.91
C THR D 179 -10.59 -28.78 16.47
N ASN D 180 -11.25 -27.77 17.04
CA ASN D 180 -12.59 -27.94 17.57
C ASN D 180 -13.56 -28.49 16.55
N ALA D 181 -13.50 -28.01 15.31
CA ALA D 181 -14.40 -28.55 14.29
C ALA D 181 -14.12 -30.03 14.04
N CYS D 182 -12.86 -30.43 13.95
CA CYS D 182 -12.54 -31.84 13.70
C CYS D 182 -12.93 -32.72 14.89
N ALA D 183 -12.60 -32.30 16.11
CA ALA D 183 -12.95 -33.07 17.30
C ALA D 183 -14.42 -33.36 17.32
N PHE D 184 -15.20 -32.33 17.05
CA PHE D 184 -16.64 -32.42 17.13
C PHE D 184 -17.21 -33.39 16.10
N LEU D 185 -16.93 -33.17 14.82
CA LEU D 185 -17.62 -33.94 13.78
C LEU D 185 -17.08 -35.34 13.60
N GLY D 186 -15.83 -35.60 14.03
CA GLY D 186 -15.18 -36.88 13.82
C GLY D 186 -14.66 -37.14 12.42
N CYS D 187 -14.67 -36.13 11.54
CA CYS D 187 -14.24 -36.23 10.15
C CYS D 187 -12.73 -36.24 10.06
N SER D 188 -12.20 -36.68 8.93
CA SER D 188 -10.77 -36.48 8.74
C SER D 188 -10.50 -35.01 8.41
N PRO D 189 -9.28 -34.55 8.64
CA PRO D 189 -8.94 -33.18 8.20
C PRO D 189 -9.14 -32.98 6.71
N ALA D 190 -8.77 -33.95 5.90
CA ALA D 190 -9.00 -33.86 4.46
C ALA D 190 -10.47 -33.58 4.13
N GLU D 191 -11.36 -34.25 4.85
CA GLU D 191 -12.79 -34.19 4.57
C GLU D 191 -13.37 -32.83 4.93
N LEU D 192 -12.72 -32.11 5.82
CA LEU D 192 -13.17 -30.78 6.15
C LEU D 192 -12.39 -29.69 5.40
N THR D 193 -11.52 -30.07 4.47
CA THR D 193 -10.79 -29.05 3.72
C THR D 193 -10.77 -29.34 2.21
N TRP D 194 -9.68 -29.93 1.72
CA TRP D 194 -9.50 -30.04 0.28
C TRP D 194 -10.47 -31.01 -0.41
N LYS D 195 -10.85 -32.11 0.25
CA LYS D 195 -11.91 -32.96 -0.29
C LYS D 195 -13.22 -32.22 -0.44
N ALA D 196 -13.40 -31.13 0.30
CA ALA D 196 -14.61 -30.32 0.15
C ALA D 196 -14.36 -29.05 -0.67
N GLY D 197 -13.16 -28.88 -1.22
CA GLY D 197 -12.88 -27.75 -2.08
C GLY D 197 -12.11 -26.61 -1.47
N VAL D 198 -11.66 -26.71 -0.23
CA VAL D 198 -10.89 -25.62 0.35
C VAL D 198 -9.53 -25.56 -0.35
N ASP D 199 -9.14 -24.34 -0.74
CA ASP D 199 -7.85 -24.11 -1.38
C ASP D 199 -6.75 -23.84 -0.37
N VAL D 200 -7.03 -23.01 0.63
CA VAL D 200 -6.05 -22.62 1.63
C VAL D 200 -6.66 -22.71 3.03
N LEU D 201 -5.86 -23.20 3.97
CA LEU D 201 -6.25 -23.29 5.39
C LEU D 201 -5.25 -22.57 6.27
N CYS D 202 -5.76 -21.65 7.08
CA CYS D 202 -5.00 -21.06 8.17
C CYS D 202 -5.35 -21.86 9.42
N PHE D 203 -4.38 -22.67 9.88
CA PHE D 203 -4.54 -23.65 10.96
C PHE D 203 -3.96 -23.04 12.24
N GLY D 204 -4.85 -22.63 13.14
CA GLY D 204 -4.49 -22.02 14.40
C GLY D 204 -3.70 -22.98 15.30
N GLY D 205 -2.59 -22.49 15.85
CA GLY D 205 -1.78 -23.18 16.84
C GLY D 205 -1.83 -22.49 18.21
N THR D 206 -1.65 -21.16 18.22
CA THR D 206 -1.65 -20.39 19.48
C THR D 206 -2.85 -20.74 20.33
N LYS D 207 -4.02 -20.83 19.71
CA LYS D 207 -5.23 -21.09 20.46
C LYS D 207 -5.31 -22.52 20.99
N ASN D 208 -4.66 -23.47 20.34
CA ASN D 208 -4.64 -24.86 20.80
C ASN D 208 -3.34 -25.20 21.55
N GLY D 209 -2.81 -24.31 22.37
CA GLY D 209 -1.69 -24.62 23.24
C GLY D 209 -0.30 -24.25 22.78
N MET D 210 -0.14 -23.26 21.90
CA MET D 210 1.20 -22.79 21.53
C MET D 210 1.42 -21.38 22.03
N ALA D 211 2.69 -21.03 22.14
CA ALA D 211 3.09 -19.67 22.50
C ALA D 211 2.87 -18.67 21.36
N VAL D 212 3.16 -19.08 20.12
CA VAL D 212 3.09 -18.22 18.94
C VAL D 212 2.95 -19.13 17.73
N GLY D 213 2.45 -18.57 16.64
CA GLY D 213 2.47 -19.22 15.35
C GLY D 213 1.18 -19.81 14.86
N GLU D 214 1.00 -19.80 13.55
N GLU D 214 0.97 -19.70 13.54
CA GLU D 214 -0.12 -20.44 12.88
CA GLU D 214 -0.11 -20.39 12.82
C GLU D 214 0.40 -21.04 11.58
C GLU D 214 0.54 -21.14 11.67
N ALA D 215 -0.10 -22.22 11.22
CA ALA D 215 0.33 -22.92 10.00
C ALA D 215 -0.60 -22.50 8.88
N ILE D 216 -0.04 -22.34 7.67
CA ILE D 216 -0.80 -22.04 6.47
C ILE D 216 -0.56 -23.17 5.51
N LEU D 217 -1.62 -23.84 5.11
CA LEU D 217 -1.53 -24.98 4.21
C LEU D 217 -2.20 -24.63 2.88
N PHE D 218 -1.45 -24.73 1.81
CA PHE D 218 -1.98 -24.57 0.47
C PHE D 218 -2.22 -25.96 -0.10
N PHE D 219 -3.45 -26.26 -0.44
CA PHE D 219 -3.79 -27.53 -1.07
C PHE D 219 -3.70 -27.47 -2.57
N ASN D 220 -3.66 -26.30 -3.13
CA ASN D 220 -3.29 -26.09 -4.53
C ASN D 220 -1.90 -25.47 -4.51
N ARG D 221 -0.90 -26.28 -4.82
CA ARG D 221 0.47 -25.81 -4.72
C ARG D 221 0.78 -24.67 -5.68
N GLN D 222 0.01 -24.48 -6.75
CA GLN D 222 0.34 -23.36 -7.62
C GLN D 222 -0.06 -22.04 -6.98
N LEU D 223 -1.09 -22.04 -6.16
CA LEU D 223 -1.42 -20.82 -5.42
C LEU D 223 -0.33 -20.44 -4.39
N ALA D 224 0.59 -21.33 -4.06
CA ALA D 224 1.62 -21.01 -3.08
C ALA D 224 2.88 -20.44 -3.71
N GLU D 225 2.86 -20.16 -4.99
CA GLU D 225 4.01 -19.61 -5.69
C GLU D 225 4.58 -18.38 -4.99
N ASP D 226 5.83 -18.50 -4.54
CA ASP D 226 6.51 -17.39 -3.89
C ASP D 226 5.82 -16.90 -2.60
N PHE D 227 4.97 -17.71 -1.94
CA PHE D 227 4.38 -17.26 -0.67
C PHE D 227 5.47 -16.93 0.32
N ASP D 228 6.65 -17.55 0.20
CA ASP D 228 7.72 -17.32 1.16
C ASP D 228 8.24 -15.90 1.06
N TYR D 229 8.39 -15.40 -0.18
CA TYR D 229 8.77 -14.00 -0.38
C TYR D 229 7.71 -13.09 0.17
N ARG D 230 6.45 -13.42 -0.08
CA ARG D 230 5.38 -12.59 0.47
C ARG D 230 5.50 -12.47 1.98
N CYS D 231 5.68 -13.62 2.66
CA CYS D 231 5.76 -13.61 4.13
C CYS D 231 6.97 -12.85 4.62
N LYS D 232 8.11 -13.01 3.93
CA LYS D 232 9.31 -12.28 4.34
C LYS D 232 9.11 -10.78 4.26
N GLN D 233 8.60 -10.28 3.14
CA GLN D 233 8.39 -8.85 2.98
C GLN D 233 7.42 -8.33 4.01
N ALA D 234 6.43 -9.13 4.33
CA ALA D 234 5.48 -8.72 5.34
C ALA D 234 5.98 -8.88 6.76
N GLY D 235 7.26 -9.20 6.97
CA GLY D 235 7.76 -9.36 8.33
C GLY D 235 7.19 -10.56 9.08
N GLN D 236 6.83 -11.62 8.37
CA GLN D 236 6.26 -12.79 9.01
C GLN D 236 7.16 -14.02 8.99
N LEU D 237 8.46 -13.84 8.81
CA LEU D 237 9.40 -14.95 8.65
C LEU D 237 10.22 -15.10 9.92
N ALA D 238 10.05 -16.23 10.60
CA ALA D 238 10.81 -16.47 11.81
C ALA D 238 12.27 -16.81 11.48
N SER D 239 13.21 -16.12 12.12
CA SER D 239 14.61 -16.53 11.97
C SER D 239 14.84 -17.88 12.64
N LYS D 240 14.29 -18.08 13.83
CA LYS D 240 14.41 -19.36 14.52
C LYS D 240 13.12 -20.15 14.30
N MET D 241 12.97 -20.58 13.04
CA MET D 241 11.74 -21.24 12.61
C MET D 241 11.42 -22.49 13.44
N ARG D 242 12.44 -23.19 13.94
CA ARG D 242 12.17 -24.42 14.70
C ARG D 242 11.21 -24.19 15.87
N PHE D 243 11.22 -22.98 16.47
CA PHE D 243 10.37 -22.75 17.64
C PHE D 243 8.93 -22.41 17.28
N LEU D 244 8.63 -22.22 15.98
CA LEU D 244 7.27 -22.24 15.44
C LEU D 244 6.92 -23.62 14.90
N SER D 245 7.87 -24.34 14.34
CA SER D 245 7.50 -25.61 13.73
C SER D 245 7.57 -26.83 14.67
N ALA D 246 8.53 -26.89 15.62
CA ALA D 246 8.60 -28.05 16.52
C ALA D 246 7.31 -28.27 17.31
N PRO D 247 6.71 -27.24 17.93
CA PRO D 247 5.45 -27.47 18.64
C PRO D 247 4.41 -28.13 17.79
N TRP D 248 4.41 -27.91 16.48
CA TRP D 248 3.46 -28.63 15.62
C TRP D 248 3.79 -30.11 15.60
N VAL D 249 5.08 -30.46 15.59
CA VAL D 249 5.49 -31.86 15.72
C VAL D 249 4.95 -32.45 17.01
N GLY D 250 5.15 -31.74 18.13
CA GLY D 250 4.57 -32.18 19.40
C GLY D 250 3.06 -32.37 19.35
N LEU D 251 2.34 -31.44 18.69
CA LEU D 251 0.88 -31.50 18.75
C LEU D 251 0.31 -32.57 17.84
N LEU D 252 1.09 -33.04 16.89
CA LEU D 252 0.56 -33.89 15.84
C LEU D 252 1.08 -35.32 15.90
N GLU D 253 2.23 -35.55 16.53
CA GLU D 253 2.88 -36.87 16.47
C GLU D 253 1.94 -37.97 16.92
N ASP D 254 1.24 -37.76 18.03
CA ASP D 254 0.45 -38.81 18.67
C ASP D 254 -1.01 -38.42 18.91
N GLY D 255 -1.47 -37.28 18.41
CA GLY D 255 -2.88 -36.95 18.46
C GLY D 255 -3.27 -35.96 19.54
N ALA D 256 -2.31 -35.27 20.14
CA ALA D 256 -2.60 -34.30 21.19
C ALA D 256 -3.51 -33.18 20.71
N TRP D 257 -3.32 -32.68 19.48
CA TRP D 257 -4.15 -31.58 18.99
C TRP D 257 -5.64 -31.89 19.19
N LEU D 258 -6.05 -33.06 18.77
CA LEU D 258 -7.46 -33.45 18.79
C LEU D 258 -7.93 -33.74 20.21
N ARG D 259 -7.07 -34.32 21.05
CA ARG D 259 -7.42 -34.49 22.44
C ARG D 259 -7.67 -33.15 23.10
N HIS D 260 -6.74 -32.20 22.90
CA HIS D 260 -6.89 -30.88 23.51
C HIS D 260 -8.19 -30.21 23.03
N GLY D 261 -8.63 -30.48 21.80
CA GLY D 261 -9.84 -29.86 21.28
C GLY D 261 -11.14 -30.50 21.78
N ASN D 262 -11.16 -31.84 21.85
CA ASN D 262 -12.28 -32.54 22.48
C ASN D 262 -12.44 -32.08 23.92
N HIS D 263 -11.31 -31.90 24.63
CA HIS D 263 -11.39 -31.38 25.99
C HIS D 263 -12.13 -30.06 26.00
N ALA D 264 -11.63 -29.08 25.23
CA ALA D 264 -12.27 -27.76 25.26
C ALA D 264 -13.71 -27.84 24.83
N ASN D 265 -14.04 -28.72 23.88
CA ASN D 265 -15.42 -28.85 23.45
C ASN D 265 -16.28 -29.45 24.57
N HIS D 266 -15.76 -30.48 25.26
CA HIS D 266 -16.56 -31.16 26.27
C HIS D 266 -16.85 -30.25 27.43
N CYS D 267 -15.86 -29.44 27.85
CA CYS D 267 -16.13 -28.47 28.91
C CYS D 267 -17.23 -27.51 28.49
N ALA D 268 -17.28 -27.13 27.20
CA ALA D 268 -18.27 -26.16 26.79
C ALA D 268 -19.65 -26.80 26.65
N GLN D 269 -19.68 -28.04 26.18
CA GLN D 269 -20.91 -28.82 26.14
C GLN D 269 -21.44 -29.06 27.55
N LEU D 270 -20.53 -29.28 28.51
CA LEU D 270 -20.95 -29.43 29.90
C LEU D 270 -21.59 -28.16 30.40
N LEU D 271 -20.94 -27.02 30.15
CA LEU D 271 -21.43 -25.76 30.70
C LEU D 271 -22.82 -25.48 30.20
N ALA D 272 -23.12 -25.88 28.96
CA ALA D 272 -24.43 -25.56 28.40
C ALA D 272 -25.47 -26.52 28.94
N LEU D 273 -25.11 -27.81 29.01
CA LEU D 273 -25.95 -28.82 29.62
C LEU D 273 -26.38 -28.41 31.03
N LEU D 274 -25.44 -27.86 31.81
CA LEU D 274 -25.74 -27.52 33.19
C LEU D 274 -26.74 -26.38 33.33
N VAL D 275 -26.84 -25.48 32.34
CA VAL D 275 -27.61 -24.25 32.53
C VAL D 275 -28.71 -24.08 31.50
N SER D 276 -28.96 -25.06 30.64
CA SER D 276 -29.85 -24.83 29.50
C SER D 276 -31.31 -24.83 29.92
N ASP D 277 -31.67 -25.65 30.89
CA ASP D 277 -33.05 -25.74 31.36
C ASP D 277 -33.40 -24.62 32.34
N LEU D 278 -32.53 -23.64 32.53
CA LEU D 278 -32.88 -22.50 33.36
C LEU D 278 -33.84 -21.58 32.61
N PRO D 279 -34.70 -20.85 33.35
CA PRO D 279 -35.81 -20.12 32.71
C PRO D 279 -35.40 -18.85 31.97
N GLY D 280 -34.54 -18.03 32.57
CA GLY D 280 -34.18 -16.78 31.92
C GLY D 280 -33.01 -16.87 30.95
N VAL D 281 -32.63 -18.09 30.56
CA VAL D 281 -31.37 -18.34 29.87
C VAL D 281 -31.66 -19.12 28.60
N GLU D 282 -31.22 -18.59 27.46
CA GLU D 282 -31.41 -19.22 26.17
C GLU D 282 -30.07 -19.38 25.46
N LEU D 283 -29.92 -20.51 24.80
CA LEU D 283 -28.71 -20.86 24.09
C LEU D 283 -28.84 -20.27 22.70
N MET D 284 -28.01 -19.26 22.39
CA MET D 284 -28.12 -18.55 21.10
C MET D 284 -27.64 -19.39 19.92
N PHE D 285 -26.68 -20.28 20.12
CA PHE D 285 -26.21 -21.11 19.04
C PHE D 285 -25.93 -22.49 19.58
N PRO D 286 -26.01 -23.53 18.74
CA PRO D 286 -25.57 -24.85 19.17
C PRO D 286 -24.10 -24.86 19.53
N VAL D 287 -23.79 -25.59 20.61
CA VAL D 287 -22.42 -25.68 21.11
C VAL D 287 -21.64 -26.67 20.28
N GLU D 288 -21.07 -26.19 19.17
CA GLU D 288 -20.38 -27.08 18.26
C GLU D 288 -18.88 -26.92 18.34
N ALA D 289 -18.39 -26.03 19.20
CA ALA D 289 -16.98 -26.02 19.47
C ALA D 289 -16.75 -25.77 20.96
N ASN D 290 -15.98 -24.74 21.32
CA ASN D 290 -15.55 -24.50 22.68
C ASN D 290 -16.11 -23.23 23.25
N GLY D 291 -17.23 -22.77 22.71
CA GLY D 291 -17.83 -21.56 23.20
C GLY D 291 -19.29 -21.79 23.51
N VAL D 292 -19.77 -21.05 24.50
CA VAL D 292 -21.18 -21.07 24.86
C VAL D 292 -21.71 -19.64 24.78
N PHE D 293 -22.78 -19.45 24.00
CA PHE D 293 -23.39 -18.14 23.79
C PHE D 293 -24.76 -18.15 24.44
N LEU D 294 -24.90 -17.39 25.52
CA LEU D 294 -26.11 -17.39 26.33
C LEU D 294 -26.77 -16.01 26.34
N GLN D 295 -28.03 -15.97 25.92
CA GLN D 295 -28.89 -14.84 26.25
C GLN D 295 -29.42 -15.06 27.65
N MET D 296 -29.01 -14.18 28.57
CA MET D 296 -29.59 -14.11 29.91
C MET D 296 -29.75 -12.63 30.28
N PRO D 297 -30.47 -12.32 31.34
CA PRO D 297 -30.71 -10.91 31.67
C PRO D 297 -29.52 -10.21 32.30
N GLU D 298 -29.46 -8.89 32.09
CA GLU D 298 -28.39 -8.00 32.56
C GLU D 298 -27.88 -8.28 33.97
N HIS D 299 -28.51 -9.20 34.70
CA HIS D 299 -27.89 -9.81 35.89
C HIS D 299 -26.64 -10.65 35.55
N ALA D 300 -26.20 -10.58 34.30
CA ALA D 300 -24.83 -10.96 33.99
C ALA D 300 -23.85 -10.19 34.86
N ILE D 301 -24.28 -9.07 35.47
CA ILE D 301 -23.39 -8.27 36.32
C ILE D 301 -23.10 -9.01 37.62
N GLU D 302 -24.05 -9.80 38.09
CA GLU D 302 -23.83 -10.61 39.28
C GLU D 302 -22.85 -11.76 38.99
N ALA D 303 -22.88 -12.34 37.79
CA ALA D 303 -21.79 -13.24 37.42
C ALA D 303 -20.50 -12.45 37.26
N LEU D 304 -20.53 -11.38 36.45
CA LEU D 304 -19.31 -10.68 36.01
C LEU D 304 -18.61 -10.06 37.21
N ARG D 305 -18.07 -8.86 37.01
CA ARG D 305 -17.38 -8.04 38.00
C ARG D 305 -17.63 -8.49 39.44
N ALA D 306 -18.88 -8.89 39.72
CA ALA D 306 -19.30 -9.30 41.05
C ALA D 306 -18.44 -10.43 41.59
N LYS D 307 -18.72 -11.66 41.19
CA LYS D 307 -17.98 -12.78 41.76
C LYS D 307 -16.63 -12.98 41.11
N GLY D 308 -16.25 -12.11 40.15
CA GLY D 308 -14.93 -12.14 39.54
C GLY D 308 -14.81 -13.03 38.34
N TRP D 309 -15.93 -13.46 37.77
CA TRP D 309 -15.92 -14.25 36.55
C TRP D 309 -15.60 -13.35 35.37
N ARG D 310 -14.72 -13.82 34.49
CA ARG D 310 -14.36 -13.03 33.32
C ARG D 310 -14.89 -13.70 32.06
N PHE D 311 -15.55 -12.89 31.25
CA PHE D 311 -16.18 -13.36 30.02
C PHE D 311 -16.56 -12.12 29.19
N TYR D 312 -16.66 -12.34 27.88
CA TYR D 312 -17.09 -11.28 26.97
C TYR D 312 -18.61 -11.15 26.98
N THR D 313 -19.06 -9.92 26.82
CA THR D 313 -20.48 -9.62 26.72
C THR D 313 -20.76 -9.12 25.30
N PHE D 314 -21.63 -9.83 24.58
CA PHE D 314 -22.04 -9.38 23.25
C PHE D 314 -22.57 -7.95 23.30
N ILE D 315 -22.53 -7.27 22.16
CA ILE D 315 -23.10 -5.95 22.02
C ILE D 315 -24.61 -5.95 22.29
N GLY D 316 -25.24 -7.13 22.34
CA GLY D 316 -26.55 -7.26 22.97
C GLY D 316 -26.43 -7.14 24.48
N SER D 317 -27.30 -6.31 25.09
CA SER D 317 -27.46 -6.29 26.54
C SER D 317 -27.69 -7.72 27.06
N GLY D 318 -26.93 -8.10 28.08
CA GLY D 318 -27.02 -9.48 28.59
C GLY D 318 -26.80 -10.56 27.54
N GLY D 319 -25.86 -10.34 26.63
CA GLY D 319 -25.38 -11.40 25.74
C GLY D 319 -24.00 -11.80 26.19
N ALA D 320 -23.83 -13.01 26.69
CA ALA D 320 -22.54 -13.44 27.21
C ALA D 320 -22.03 -14.63 26.42
N ARG D 321 -20.72 -14.63 26.20
CA ARG D 321 -20.02 -15.71 25.53
C ARG D 321 -18.96 -16.24 26.47
N PHE D 322 -18.96 -17.57 26.66
CA PHE D 322 -18.03 -18.26 27.54
C PHE D 322 -17.15 -19.14 26.68
N MET D 323 -15.84 -19.02 26.87
CA MET D 323 -14.86 -19.72 26.05
C MET D 323 -14.02 -20.66 26.89
N CYS D 324 -13.92 -21.90 26.44
CA CYS D 324 -13.16 -22.94 27.09
C CYS D 324 -11.94 -23.25 26.24
N SER D 325 -10.83 -23.55 26.91
CA SER D 325 -9.51 -23.77 26.32
C SER D 325 -9.04 -25.20 26.58
N TRP D 326 -7.79 -25.48 26.20
CA TRP D 326 -7.24 -26.83 26.38
C TRP D 326 -7.00 -27.13 27.85
N ASP D 327 -6.71 -26.09 28.64
CA ASP D 327 -6.38 -26.24 30.05
C ASP D 327 -7.52 -25.80 30.99
N THR D 328 -8.77 -25.85 30.51
CA THR D 328 -9.93 -25.56 31.36
C THR D 328 -10.27 -26.78 32.23
N GLU D 329 -10.29 -26.59 33.54
CA GLU D 329 -10.62 -27.68 34.46
C GLU D 329 -12.14 -27.80 34.52
N GLU D 330 -12.64 -29.05 34.44
CA GLU D 330 -14.10 -29.27 34.51
C GLU D 330 -14.70 -28.68 35.78
N GLU D 331 -13.94 -28.60 36.88
CA GLU D 331 -14.52 -28.08 38.10
C GLU D 331 -14.85 -26.59 37.99
N ARG D 332 -13.98 -25.81 37.35
CA ARG D 332 -14.31 -24.40 37.14
C ARG D 332 -15.58 -24.26 36.31
N VAL D 333 -15.80 -25.15 35.34
CA VAL D 333 -17.08 -25.13 34.63
C VAL D 333 -18.22 -25.37 35.61
N ARG D 334 -18.16 -26.50 36.35
CA ARG D 334 -19.28 -26.85 37.24
C ARG D 334 -19.53 -25.71 38.22
N GLU D 335 -18.47 -25.05 38.65
CA GLU D 335 -18.58 -23.86 39.48
C GLU D 335 -19.32 -22.74 38.75
N LEU D 336 -18.89 -22.40 37.52
CA LEU D 336 -19.52 -21.29 36.82
C LEU D 336 -21.01 -21.54 36.64
N ALA D 337 -21.37 -22.78 36.29
CA ALA D 337 -22.77 -23.12 36.12
C ALA D 337 -23.53 -23.07 37.43
N ALA D 338 -22.83 -23.32 38.55
CA ALA D 338 -23.47 -23.27 39.86
C ALA D 338 -23.83 -21.84 40.23
N ASP D 339 -22.87 -20.91 40.06
CA ASP D 339 -23.14 -19.50 40.30
C ASP D 339 -24.21 -18.95 39.37
N ILE D 340 -24.28 -19.45 38.14
CA ILE D 340 -25.35 -18.99 37.28
C ILE D 340 -26.70 -19.44 37.84
N ARG D 341 -26.75 -20.61 38.46
CA ARG D 341 -28.02 -21.07 39.04
C ARG D 341 -28.44 -20.23 40.23
N SER D 342 -27.50 -19.87 41.12
CA SER D 342 -27.83 -19.03 42.26
C SER D 342 -28.44 -17.71 41.79
N ILE D 343 -27.79 -17.06 40.83
CA ILE D 343 -28.19 -15.75 40.40
C ILE D 343 -29.55 -15.79 39.69
N ILE D 344 -29.86 -16.91 39.04
CA ILE D 344 -31.12 -17.01 38.31
C ILE D 344 -32.27 -17.44 39.23
N THR D 345 -32.06 -18.48 40.06
CA THR D 345 -33.15 -19.00 40.88
C THR D 345 -33.62 -17.98 41.90
N ALA D 346 -32.73 -17.52 42.76
CA ALA D 346 -33.08 -16.52 43.76
C ALA D 346 -33.36 -15.17 43.07
#